data_4HW6
#
_entry.id   4HW6
#
_cell.length_a   104.294
_cell.length_b   81.554
_cell.length_c   128.532
_cell.angle_alpha   90.000
_cell.angle_beta   108.600
_cell.angle_gamma   90.000
#
_symmetry.space_group_name_H-M   'P 1 21 1'
#
loop_
_entity.id
_entity.type
_entity.pdbx_description
1 polymer 'hypothetical protein, IPT/TIG domain protein'
2 non-polymer 'IODIDE ION'
3 non-polymer 1,2-ETHANEDIOL
4 non-polymer 'CHLORIDE ION'
5 water water
#
_entity_poly.entity_id   1
_entity_poly.type   'polypeptide(L)'
_entity_poly.pdbx_seq_one_letter_code
;GSTLDVNQDSGTPFNPKEEIVVEKFLPTEGRKGTRVVVYGRNFGNDVSKVKVTIGGYPAKVINVKGESLLCICPSKAYEG
DVKVSVVGDDEAELKSGVCEAKFDYQYNYVVTTFLGKLYENNTKWDVLAGPFDDCGAFDNIWR(MSE)(MSE)FDPNSNY
DDLYWVGQRDAFRHVDFVNQYVDIKTTNIGQCADVNFTLNGD(MSE)VVVDDQSSDTNTGIYLFTRASGFTERLSLCNAR
GAKTCAVHPQNGKIYYTRYHHA(MSE)ISSYDPATGTLTEEEV(MSE)(MSE)DTKGSNFHIVWHPTGDWAYIIYNGKHC
IYRVDYNRETGKLAVPYIVCGQHSSPGWVDG(MSE)GTGARLWGPNQGIFVKNEAYAGEEDEYDFYFCDRDSHTVRVLTP
EGRVTTYAGRGNSREWGYVDGELRSQALFNHPTSIAYD(MSE)KRKCFYIGDCDNHRVRKIAPEE
;
_entity_poly.pdbx_strand_id   A,B,C,D
#
# COMPACT_ATOMS: atom_id res chain seq x y z
N SER A 10 -9.23 -14.44 10.28
CA SER A 10 -9.55 -15.88 10.49
C SER A 10 -10.50 -16.40 9.41
N GLY A 11 -10.92 -17.66 9.56
CA GLY A 11 -11.80 -18.34 8.60
C GLY A 11 -12.28 -19.66 9.18
N THR A 12 -12.41 -20.68 8.33
CA THR A 12 -12.87 -22.01 8.77
C THR A 12 -11.87 -22.71 9.71
N PRO A 13 -12.36 -23.30 10.82
CA PRO A 13 -11.49 -24.11 11.69
C PRO A 13 -10.96 -25.37 10.98
N PHE A 14 -9.74 -25.79 11.33
CA PHE A 14 -9.14 -26.99 10.76
C PHE A 14 -10.01 -28.22 11.01
N ASN A 15 -10.22 -29.03 9.96
CA ASN A 15 -10.99 -30.27 10.07
C ASN A 15 -10.04 -31.45 9.95
N PRO A 16 -9.82 -32.18 11.05
CA PRO A 16 -8.84 -33.27 11.02
C PRO A 16 -9.24 -34.48 10.16
N LYS A 17 -10.51 -34.55 9.76
CA LYS A 17 -10.97 -35.60 8.87
C LYS A 17 -10.52 -35.39 7.43
N GLU A 18 -10.27 -34.13 7.06
CA GLU A 18 -10.05 -33.76 5.67
C GLU A 18 -8.58 -33.53 5.39
N GLU A 19 -8.19 -33.75 4.13
CA GLU A 19 -6.81 -33.50 3.71
C GLU A 19 -6.56 -32.00 3.56
N ILE A 20 -5.30 -31.60 3.67
CA ILE A 20 -4.92 -30.26 3.29
C ILE A 20 -4.63 -30.26 1.79
N VAL A 21 -5.31 -29.37 1.06
CA VAL A 21 -5.13 -29.25 -0.38
C VAL A 21 -4.47 -27.91 -0.64
N VAL A 22 -3.37 -27.93 -1.40
CA VAL A 22 -2.72 -26.70 -1.80
C VAL A 22 -2.99 -26.57 -3.29
N GLU A 23 -3.90 -25.65 -3.65
CA GLU A 23 -4.38 -25.52 -5.03
C GLU A 23 -3.43 -24.68 -5.86
N LYS A 24 -3.04 -23.53 -5.34
CA LYS A 24 -2.22 -22.59 -6.10
C LYS A 24 -1.65 -21.52 -5.20
N PHE A 25 -0.81 -20.66 -5.76
CA PHE A 25 -0.19 -19.57 -5.01
C PHE A 25 0.03 -18.37 -5.93
N LEU A 26 -0.01 -17.17 -5.36
CA LEU A 26 0.26 -15.94 -6.14
C LEU A 26 1.17 -15.01 -5.32
N PRO A 27 2.21 -14.45 -5.97
CA PRO A 27 2.62 -14.64 -7.36
C PRO A 27 3.21 -16.05 -7.59
N THR A 28 3.38 -16.45 -8.84
CA THR A 28 3.90 -17.79 -9.15
C THR A 28 5.44 -17.84 -9.12
N GLU A 29 6.04 -16.66 -8.92
CA GLU A 29 7.48 -16.53 -8.88
C GLU A 29 7.87 -15.36 -7.99
N GLY A 30 9.12 -15.32 -7.57
CA GLY A 30 9.59 -14.21 -6.77
C GLY A 30 10.88 -14.52 -6.03
N ARG A 31 11.40 -13.47 -5.41
CA ARG A 31 12.67 -13.51 -4.70
C ARG A 31 12.40 -13.60 -3.20
N LYS A 32 13.44 -13.82 -2.42
CA LYS A 32 13.34 -13.87 -0.96
C LYS A 32 12.68 -12.60 -0.43
N GLY A 33 11.75 -12.77 0.51
CA GLY A 33 10.99 -11.66 1.04
C GLY A 33 9.70 -11.37 0.29
N THR A 34 9.45 -12.09 -0.80
CA THR A 34 8.21 -11.90 -1.58
C THR A 34 7.02 -12.38 -0.76
N ARG A 35 6.00 -11.55 -0.60
CA ARG A 35 4.77 -12.01 0.03
CA ARG A 35 4.75 -11.99 0.02
C ARG A 35 4.03 -12.94 -0.93
N VAL A 36 3.79 -14.16 -0.48
CA VAL A 36 3.09 -15.14 -1.30
C VAL A 36 1.79 -15.51 -0.63
N VAL A 37 0.70 -15.43 -1.38
CA VAL A 37 -0.59 -15.94 -0.92
C VAL A 37 -0.75 -17.37 -1.43
N VAL A 38 -0.96 -18.31 -0.52
CA VAL A 38 -1.18 -19.71 -0.89
C VAL A 38 -2.68 -20.01 -0.73
N TYR A 39 -3.28 -20.68 -1.72
CA TYR A 39 -4.73 -20.93 -1.74
C TYR A 39 -4.95 -22.43 -1.69
N GLY A 40 -6.03 -22.85 -1.04
CA GLY A 40 -6.38 -24.25 -1.03
C GLY A 40 -7.48 -24.55 -0.03
N ARG A 41 -7.39 -25.70 0.63
CA ARG A 41 -8.41 -26.10 1.60
C ARG A 41 -7.82 -26.58 2.91
N ASN A 42 -8.49 -26.24 4.02
CA ASN A 42 -8.26 -26.86 5.32
C ASN A 42 -6.94 -26.43 5.98
N PHE A 43 -6.62 -25.14 5.84
CA PHE A 43 -5.43 -24.54 6.46
C PHE A 43 -5.69 -24.15 7.91
N GLY A 44 -6.97 -24.13 8.30
CA GLY A 44 -7.37 -23.75 9.66
C GLY A 44 -7.35 -22.24 9.79
N ASN A 45 -7.57 -21.76 11.02
CA ASN A 45 -7.64 -20.32 11.28
C ASN A 45 -6.71 -19.88 12.41
N ASP A 46 -5.65 -20.65 12.64
CA ASP A 46 -4.69 -20.38 13.70
C ASP A 46 -3.28 -20.32 13.12
N VAL A 47 -2.66 -19.14 13.14
CA VAL A 47 -1.36 -18.91 12.52
CA VAL A 47 -1.35 -18.92 12.52
C VAL A 47 -0.25 -19.73 13.20
N SER A 48 -0.33 -19.84 14.54
CA SER A 48 0.67 -20.60 15.30
C SER A 48 0.65 -22.10 15.00
N LYS A 49 -0.44 -22.59 14.41
CA LYS A 49 -0.59 -24.03 14.13
C LYS A 49 -0.32 -24.42 12.67
N VAL A 50 -0.11 -23.44 11.79
CA VAL A 50 0.21 -23.74 10.40
C VAL A 50 1.70 -23.51 10.13
N LYS A 51 2.29 -24.46 9.39
CA LYS A 51 3.69 -24.37 8.98
C LYS A 51 3.71 -24.40 7.46
N VAL A 52 4.52 -23.53 6.87
CA VAL A 52 4.71 -23.49 5.43
C VAL A 52 6.21 -23.62 5.13
N THR A 53 6.56 -24.47 4.17
CA THR A 53 7.91 -24.49 3.63
C THR A 53 7.82 -24.32 2.11
N ILE A 54 8.81 -23.61 1.58
CA ILE A 54 9.00 -23.42 0.14
C ILE A 54 10.40 -23.94 -0.19
N GLY A 55 10.44 -24.95 -1.05
CA GLY A 55 11.69 -25.62 -1.36
C GLY A 55 12.36 -26.25 -0.15
N GLY A 56 11.58 -26.61 0.88
CA GLY A 56 12.10 -27.22 2.10
C GLY A 56 12.45 -26.24 3.23
N TYR A 57 12.44 -24.95 2.93
CA TYR A 57 12.80 -23.93 3.93
C TYR A 57 11.58 -23.26 4.56
N PRO A 58 11.57 -23.13 5.91
CA PRO A 58 10.46 -22.47 6.59
C PRO A 58 10.17 -21.09 6.03
N ALA A 59 8.88 -20.79 5.87
CA ALA A 59 8.43 -19.48 5.43
C ALA A 59 7.58 -18.89 6.54
N LYS A 60 7.87 -17.66 6.94
CA LYS A 60 7.12 -17.01 8.01
C LYS A 60 5.68 -16.85 7.52
N VAL A 61 4.72 -17.25 8.35
CA VAL A 61 3.31 -17.16 8.03
C VAL A 61 2.76 -15.92 8.72
N ILE A 62 2.13 -15.05 7.93
CA ILE A 62 1.56 -13.78 8.41
C ILE A 62 0.09 -13.90 8.81
N ASN A 63 -0.70 -14.57 7.99
CA ASN A 63 -2.09 -14.86 8.34
C ASN A 63 -2.53 -16.19 7.74
N VAL A 64 -3.61 -16.74 8.27
CA VAL A 64 -4.24 -17.92 7.71
C VAL A 64 -5.76 -17.73 7.83
N LYS A 65 -6.48 -18.07 6.76
CA LYS A 65 -7.92 -17.78 6.66
C LYS A 65 -8.70 -18.99 6.13
N GLY A 66 -8.25 -20.20 6.48
CA GLY A 66 -8.93 -21.43 6.09
C GLY A 66 -8.64 -21.89 4.67
N GLU A 67 -8.94 -21.03 3.70
CA GLU A 67 -8.76 -21.36 2.28
C GLU A 67 -7.64 -20.55 1.65
N SER A 68 -6.99 -19.71 2.45
CA SER A 68 -5.76 -19.04 2.03
C SER A 68 -4.86 -18.76 3.22
N LEU A 69 -3.60 -18.49 2.92
CA LEU A 69 -2.66 -17.98 3.92
C LEU A 69 -1.67 -17.06 3.20
N LEU A 70 -1.10 -16.14 3.96
CA LEU A 70 -0.09 -15.22 3.48
C LEU A 70 1.22 -15.56 4.16
N CYS A 71 2.27 -15.76 3.37
CA CYS A 71 3.57 -16.08 3.92
C CYS A 71 4.67 -15.30 3.19
N ILE A 72 5.89 -15.39 3.70
CA ILE A 72 7.04 -14.70 3.14
C ILE A 72 8.02 -15.73 2.60
N CYS A 73 8.35 -15.61 1.31
CA CYS A 73 9.29 -16.53 0.67
C CYS A 73 10.67 -16.46 1.33
N PRO A 74 11.23 -17.62 1.72
CA PRO A 74 12.54 -17.67 2.35
C PRO A 74 13.66 -17.65 1.31
N SER A 75 14.90 -17.45 1.72
CA SER A 75 16.00 -17.63 0.80
C SER A 75 16.20 -19.13 0.60
N LYS A 76 16.91 -19.48 -0.48
CA LYS A 76 17.27 -20.86 -0.81
C LYS A 76 16.08 -21.75 -1.19
N ALA A 77 15.00 -21.16 -1.68
CA ALA A 77 13.79 -21.91 -2.06
C ALA A 77 13.86 -22.55 -3.46
N TYR A 78 15.07 -22.89 -3.91
CA TYR A 78 15.30 -23.37 -5.29
C TYR A 78 14.38 -24.51 -5.72
N GLU A 79 14.19 -25.52 -4.87
CA GLU A 79 13.41 -26.70 -5.27
C GLU A 79 11.95 -26.34 -5.49
N GLY A 80 11.49 -25.31 -4.80
CA GLY A 80 10.23 -24.68 -5.12
C GLY A 80 8.95 -25.34 -4.64
N ASP A 81 9.01 -26.53 -4.06
CA ASP A 81 7.79 -27.20 -3.59
C ASP A 81 7.14 -26.37 -2.48
N VAL A 82 5.83 -26.19 -2.56
CA VAL A 82 5.07 -25.41 -1.59
C VAL A 82 4.27 -26.42 -0.76
N LYS A 83 4.62 -26.53 0.52
CA LYS A 83 4.04 -27.50 1.44
C LYS A 83 3.43 -26.75 2.62
N VAL A 84 2.18 -27.11 2.94
CA VAL A 84 1.46 -26.52 4.06
C VAL A 84 1.10 -27.65 5.02
N SER A 85 1.42 -27.45 6.29
CA SER A 85 1.15 -28.41 7.35
C SER A 85 0.39 -27.75 8.48
N VAL A 86 -0.46 -28.52 9.14
CA VAL A 86 -1.14 -28.06 10.36
C VAL A 86 -0.75 -29.00 11.49
N VAL A 87 -0.35 -28.42 12.64
CA VAL A 87 0.07 -29.20 13.80
C VAL A 87 -1.01 -29.14 14.89
N GLY A 88 -1.01 -30.13 15.77
CA GLY A 88 -1.95 -30.18 16.92
C GLY A 88 -1.47 -29.37 18.12
N ASP A 89 -2.16 -29.52 19.25
CA ASP A 89 -1.80 -28.84 20.49
C ASP A 89 -0.42 -29.28 20.98
N ASP A 90 -0.11 -30.56 20.78
CA ASP A 90 1.20 -31.12 21.13
C ASP A 90 2.28 -30.79 20.09
N GLU A 91 1.92 -30.00 19.09
CA GLU A 91 2.82 -29.54 18.04
C GLU A 91 3.29 -30.64 17.09
N ALA A 92 2.63 -31.79 17.12
CA ALA A 92 2.86 -32.87 16.16
C ALA A 92 2.00 -32.62 14.90
N GLU A 93 2.55 -32.94 13.73
CA GLU A 93 1.88 -32.71 12.45
C GLU A 93 0.65 -33.60 12.33
N LEU A 94 -0.49 -32.97 12.03
CA LEU A 94 -1.76 -33.69 11.83
C LEU A 94 -1.95 -34.02 10.35
N LYS A 95 -1.74 -33.02 9.50
CA LYS A 95 -1.88 -33.17 8.06
C LYS A 95 -0.88 -32.27 7.33
N SER A 96 -0.57 -32.63 6.09
CA SER A 96 0.16 -31.76 5.21
C SER A 96 -0.27 -32.01 3.78
N GLY A 97 -0.11 -30.99 2.95
CA GLY A 97 -0.36 -31.09 1.53
C GLY A 97 0.73 -30.34 0.80
N VAL A 98 0.97 -30.72 -0.46
CA VAL A 98 1.93 -30.04 -1.31
C VAL A 98 1.24 -29.70 -2.64
N CYS A 99 1.52 -28.51 -3.15
CA CYS A 99 1.01 -28.06 -4.43
C CYS A 99 1.63 -28.87 -5.57
N GLU A 100 0.87 -29.10 -6.64
CA GLU A 100 1.39 -29.73 -7.86
C GLU A 100 2.36 -28.79 -8.57
N ALA A 101 2.05 -27.49 -8.57
CA ALA A 101 2.93 -26.48 -9.17
C ALA A 101 4.03 -26.11 -8.17
N LYS A 102 5.23 -25.89 -8.70
CA LYS A 102 6.39 -25.45 -7.92
C LYS A 102 6.54 -23.93 -8.01
N PHE A 103 6.92 -23.29 -6.89
CA PHE A 103 7.19 -21.87 -6.87
C PHE A 103 8.51 -21.63 -7.63
N ASP A 104 8.51 -20.62 -8.51
CA ASP A 104 9.72 -20.27 -9.29
C ASP A 104 10.53 -19.26 -8.50
N TYR A 105 11.47 -19.77 -7.74
CA TYR A 105 12.32 -18.94 -6.90
C TYR A 105 13.37 -18.24 -7.73
N GLN A 106 13.37 -16.91 -7.64
CA GLN A 106 14.27 -16.08 -8.40
C GLN A 106 15.32 -15.51 -7.46
N TYR A 107 16.53 -15.40 -7.98
CA TYR A 107 17.63 -14.93 -7.17
C TYR A 107 18.75 -14.46 -8.11
N ASN A 108 19.44 -13.46 -7.61
CA ASN A 108 20.63 -12.93 -8.25
CA ASN A 108 20.63 -12.93 -8.24
C ASN A 108 21.87 -13.52 -7.60
N TYR A 109 22.95 -13.52 -8.37
CA TYR A 109 24.25 -13.88 -7.85
C TYR A 109 24.84 -12.62 -7.31
N VAL A 110 25.55 -12.73 -6.20
CA VAL A 110 26.16 -11.59 -5.57
C VAL A 110 27.58 -11.93 -5.18
N VAL A 111 28.41 -10.90 -5.09
CA VAL A 111 29.74 -11.04 -4.53
C VAL A 111 29.62 -10.80 -3.03
N THR A 112 30.24 -11.68 -2.24
CA THR A 112 30.34 -11.50 -0.80
C THR A 112 31.81 -11.69 -0.37
N THR A 113 32.11 -11.41 0.89
CA THR A 113 33.45 -11.64 1.44
C THR A 113 33.46 -12.91 2.29
N PHE A 114 34.31 -13.86 1.92
CA PHE A 114 34.39 -15.17 2.55
C PHE A 114 35.46 -15.23 3.65
N LEU A 115 36.69 -14.80 3.32
CA LEU A 115 37.77 -14.83 4.30
C LEU A 115 38.64 -13.58 4.21
N GLY A 116 39.14 -13.17 5.38
CA GLY A 116 40.07 -12.05 5.49
C GLY A 116 39.41 -10.84 6.10
N LYS A 117 40.11 -10.22 7.07
CA LYS A 117 39.60 -9.02 7.73
C LYS A 117 40.76 -8.05 7.89
N LEU A 118 40.50 -6.78 7.67
CA LEU A 118 41.51 -5.73 7.78
C LEU A 118 41.06 -4.72 8.85
N TYR A 119 41.97 -3.84 9.23
CA TYR A 119 41.61 -2.79 10.18
C TYR A 119 42.16 -1.45 9.74
N GLU A 120 41.77 -0.42 10.48
CA GLU A 120 42.13 0.96 10.18
C GLU A 120 41.64 1.36 8.80
N ASN A 121 40.33 1.32 8.62
CA ASN A 121 39.66 1.52 7.33
C ASN A 121 40.39 0.88 6.15
N ASN A 122 40.61 -0.43 6.29
CA ASN A 122 41.16 -1.26 5.21
C ASN A 122 42.61 -0.94 4.81
N THR A 123 43.41 -0.44 5.74
CA THR A 123 44.80 -0.13 5.44
C THR A 123 45.79 -1.11 6.07
N LYS A 124 45.35 -1.86 7.07
CA LYS A 124 46.24 -2.73 7.84
C LYS A 124 45.63 -4.12 8.02
N TRP A 125 46.50 -5.12 8.17
CA TRP A 125 46.06 -6.47 8.52
C TRP A 125 47.20 -7.24 9.14
N ASP A 126 46.85 -8.31 9.85
CA ASP A 126 47.83 -9.22 10.41
C ASP A 126 47.90 -10.44 9.51
N VAL A 127 49.05 -11.10 9.46
CA VAL A 127 49.20 -12.35 8.77
C VAL A 127 49.40 -13.48 9.80
N LEU A 128 48.45 -14.40 9.86
CA LEU A 128 48.50 -15.51 10.78
C LEU A 128 47.58 -16.66 10.37
N ALA A 129 47.96 -17.85 10.82
CA ALA A 129 47.09 -19.01 10.76
C ALA A 129 46.02 -18.85 11.83
N GLY A 130 44.78 -19.16 11.47
CA GLY A 130 43.71 -19.14 12.42
C GLY A 130 42.37 -19.63 11.86
N PRO A 131 41.35 -19.64 12.72
CA PRO A 131 39.97 -19.95 12.34
C PRO A 131 39.48 -19.05 11.23
N PHE A 132 38.49 -19.51 10.48
CA PHE A 132 37.85 -18.72 9.43
C PHE A 132 37.51 -17.30 9.91
N ASP A 133 36.96 -17.20 11.12
CA ASP A 133 36.56 -15.91 11.70
C ASP A 133 37.69 -15.02 12.24
N ASP A 134 38.92 -15.54 12.29
CA ASP A 134 40.02 -14.86 12.99
C ASP A 134 41.37 -15.33 12.45
N CYS A 135 41.62 -15.01 11.19
CA CYS A 135 42.82 -15.49 10.50
C CYS A 135 43.46 -14.32 9.74
N GLY A 136 43.35 -13.13 10.31
CA GLY A 136 43.96 -11.95 9.69
C GLY A 136 43.45 -11.71 8.29
N ALA A 137 44.35 -11.25 7.40
CA ALA A 137 44.08 -11.16 5.98
C ALA A 137 45.31 -11.65 5.20
N PHE A 138 45.20 -11.60 3.88
CA PHE A 138 46.11 -12.36 3.01
C PHE A 138 46.99 -11.46 2.13
N ASP A 139 48.29 -11.71 2.17
CA ASP A 139 49.25 -10.90 1.40
C ASP A 139 49.14 -11.07 -0.10
N ASN A 140 48.93 -12.30 -0.58
CA ASN A 140 48.98 -12.56 -2.02
C ASN A 140 48.28 -13.84 -2.37
N ILE A 141 47.08 -13.72 -2.91
CA ILE A 141 46.30 -14.90 -3.27
C ILE A 141 46.50 -15.17 -4.78
N TRP A 142 47.60 -15.84 -5.10
CA TRP A 142 48.14 -15.78 -6.45
C TRP A 142 47.53 -16.83 -7.38
N ARG A 143 47.54 -18.09 -6.98
CA ARG A 143 46.89 -19.17 -7.73
C ARG A 143 46.28 -20.16 -6.74
N PHE A 146 41.83 -26.62 -5.48
CA PHE A 146 41.31 -27.62 -4.57
C PHE A 146 42.14 -28.91 -4.70
N ASP A 147 42.35 -29.59 -3.57
CA ASP A 147 42.85 -30.96 -3.58
C ASP A 147 41.76 -31.84 -4.20
N PRO A 148 42.05 -32.49 -5.34
CA PRO A 148 40.99 -33.27 -6.02
C PRO A 148 40.48 -34.50 -5.27
N ASN A 149 41.20 -34.94 -4.24
CA ASN A 149 40.77 -36.05 -3.41
C ASN A 149 40.15 -35.66 -2.06
N SER A 150 39.82 -34.37 -1.92
CA SER A 150 39.34 -33.78 -0.66
C SER A 150 37.83 -33.50 -0.69
N ASN A 151 37.16 -33.78 -1.82
CA ASN A 151 35.72 -33.46 -1.97
C ASN A 151 35.39 -32.00 -1.59
N TYR A 152 36.21 -31.09 -2.09
CA TYR A 152 36.04 -29.65 -1.90
C TYR A 152 36.21 -29.20 -0.46
N ASP A 153 36.98 -29.97 0.32
CA ASP A 153 37.24 -29.60 1.71
C ASP A 153 38.62 -28.99 1.97
N ASP A 154 39.50 -29.04 0.98
CA ASP A 154 40.82 -28.43 1.11
C ASP A 154 41.18 -27.64 -0.12
N LEU A 155 41.25 -26.34 0.09
CA LEU A 155 41.62 -25.35 -0.94
C LEU A 155 42.96 -24.73 -0.58
N TYR A 156 43.88 -24.74 -1.53
CA TYR A 156 45.22 -24.22 -1.31
C TYR A 156 45.48 -23.05 -2.23
N TRP A 157 46.38 -22.16 -1.80
CA TRP A 157 46.90 -21.18 -2.73
C TRP A 157 48.35 -20.86 -2.50
N VAL A 158 49.06 -20.65 -3.60
CA VAL A 158 50.41 -20.12 -3.55
C VAL A 158 50.33 -18.61 -3.44
N GLY A 159 51.39 -18.03 -2.90
CA GLY A 159 51.49 -16.60 -2.67
C GLY A 159 52.73 -15.93 -3.22
N GLN A 160 53.36 -16.53 -4.23
CA GLN A 160 54.64 -16.05 -4.76
C GLN A 160 55.67 -15.97 -3.63
N ARG A 161 56.13 -14.77 -3.27
CA ARG A 161 57.07 -14.63 -2.17
C ARG A 161 56.40 -14.63 -0.80
N ASP A 162 55.07 -14.48 -0.79
CA ASP A 162 54.29 -14.43 0.45
C ASP A 162 53.81 -15.84 0.83
N ALA A 163 52.96 -15.93 1.86
CA ALA A 163 52.59 -17.22 2.41
C ALA A 163 51.73 -18.04 1.46
N PHE A 164 52.00 -19.34 1.52
CA PHE A 164 51.19 -20.41 0.96
C PHE A 164 50.10 -20.74 1.99
N ARG A 165 48.85 -20.73 1.57
CA ARG A 165 47.76 -20.92 2.54
C ARG A 165 46.93 -22.17 2.24
N HIS A 166 46.29 -22.67 3.28
CA HIS A 166 45.43 -23.87 3.21
C HIS A 166 44.12 -23.59 3.93
N VAL A 167 43.05 -23.55 3.16
CA VAL A 167 41.72 -23.40 3.68
C VAL A 167 41.16 -24.80 3.93
N ASP A 168 40.93 -25.11 5.21
CA ASP A 168 40.43 -26.40 5.68
C ASP A 168 38.97 -26.24 6.09
N PHE A 169 38.05 -26.71 5.24
CA PHE A 169 36.62 -26.49 5.49
C PHE A 169 36.08 -27.32 6.65
N VAL A 170 36.63 -28.52 6.86
CA VAL A 170 36.14 -29.41 7.92
C VAL A 170 36.41 -28.76 9.28
N ASN A 171 37.63 -28.24 9.45
CA ASN A 171 38.01 -27.59 10.71
C ASN A 171 37.80 -26.07 10.71
N GLN A 172 37.33 -25.52 9.59
CA GLN A 172 37.08 -24.09 9.48
CA GLN A 172 37.08 -24.08 9.48
C GLN A 172 38.32 -23.31 9.93
N TYR A 173 39.46 -23.62 9.30
CA TYR A 173 40.76 -23.08 9.68
C TYR A 173 41.54 -22.72 8.43
N VAL A 174 42.29 -21.61 8.49
CA VAL A 174 43.15 -21.20 7.38
C VAL A 174 44.59 -21.24 7.85
N ASP A 175 45.31 -22.28 7.45
CA ASP A 175 46.68 -22.48 7.89
C ASP A 175 47.66 -21.81 6.95
N ILE A 176 48.88 -21.68 7.43
CA ILE A 176 50.04 -21.30 6.61
C ILE A 176 50.90 -22.55 6.43
N LYS A 177 51.19 -22.88 5.18
CA LYS A 177 52.01 -24.03 4.85
C LYS A 177 53.47 -23.61 4.71
N THR A 178 54.36 -24.22 5.48
CA THR A 178 55.79 -23.99 5.32
C THR A 178 56.22 -24.80 4.10
N THR A 179 56.69 -24.11 3.07
CA THR A 179 57.15 -24.77 1.85
C THR A 179 58.66 -24.76 1.72
N ASN A 180 59.32 -23.77 2.34
CA ASN A 180 60.74 -23.49 2.11
C ASN A 180 61.06 -23.27 0.63
N ILE A 181 60.09 -22.73 -0.09
CA ILE A 181 60.23 -22.32 -1.46
C ILE A 181 60.09 -20.81 -1.49
N GLY A 182 61.06 -20.11 -2.07
CA GLY A 182 61.10 -18.65 -2.05
C GLY A 182 60.07 -17.94 -2.89
N GLN A 183 59.65 -18.55 -4.00
CA GLN A 183 58.72 -17.86 -4.91
C GLN A 183 57.77 -18.86 -5.55
N CYS A 184 56.67 -19.12 -4.87
CA CYS A 184 55.74 -20.16 -5.31
C CYS A 184 54.84 -19.61 -6.38
N ALA A 185 55.05 -20.04 -7.63
CA ALA A 185 54.37 -19.45 -8.79
C ALA A 185 53.08 -20.14 -9.21
N ASP A 186 52.93 -21.42 -8.91
CA ASP A 186 51.74 -22.17 -9.28
C ASP A 186 51.64 -23.44 -8.43
N VAL A 187 50.45 -24.02 -8.40
CA VAL A 187 50.18 -25.25 -7.63
C VAL A 187 49.23 -26.09 -8.45
N ASN A 188 49.44 -27.39 -8.44
CA ASN A 188 48.53 -28.34 -9.08
C ASN A 188 48.68 -29.67 -8.37
N PHE A 189 47.99 -30.69 -8.85
CA PHE A 189 48.10 -32.04 -8.31
C PHE A 189 48.33 -33.05 -9.42
N THR A 190 49.15 -34.03 -9.14
CA THR A 190 49.42 -35.10 -10.09
C THR A 190 48.22 -36.06 -10.12
N LEU A 191 48.24 -37.01 -11.07
CA LEU A 191 47.18 -38.02 -11.15
C LEU A 191 47.16 -38.90 -9.89
N ASN A 192 48.29 -39.03 -9.21
CA ASN A 192 48.32 -39.81 -7.96
CA ASN A 192 48.40 -39.78 -7.94
C ASN A 192 47.88 -38.96 -6.75
N GLY A 193 47.62 -37.69 -6.97
CA GLY A 193 47.12 -36.81 -5.93
C GLY A 193 48.23 -36.10 -5.16
N ASP A 194 49.49 -36.22 -5.62
CA ASP A 194 50.59 -35.49 -4.98
C ASP A 194 50.51 -34.01 -5.40
N VAL A 196 51.95 -30.52 -6.63
CA VAL A 196 53.05 -29.91 -7.39
C VAL A 196 53.10 -28.44 -7.09
N VAL A 197 54.29 -27.91 -6.83
CA VAL A 197 54.47 -26.48 -6.62
C VAL A 197 55.67 -26.01 -7.45
N VAL A 198 55.47 -24.94 -8.20
CA VAL A 198 56.52 -24.36 -9.02
C VAL A 198 57.25 -23.31 -8.21
N ASP A 199 58.59 -23.34 -8.22
CA ASP A 199 59.43 -22.29 -7.66
C ASP A 199 60.00 -21.50 -8.82
N ASP A 200 59.68 -20.21 -8.90
CA ASP A 200 60.23 -19.32 -9.93
C ASP A 200 61.54 -18.74 -9.41
N GLN A 201 62.66 -19.30 -9.86
CA GLN A 201 63.98 -18.93 -9.34
C GLN A 201 65.00 -18.87 -10.48
N SER A 202 66.11 -18.21 -10.22
CA SER A 202 66.98 -17.72 -11.31
C SER A 202 68.16 -18.60 -11.72
N SER A 203 68.21 -19.85 -11.26
CA SER A 203 69.30 -20.77 -11.60
C SER A 203 68.84 -21.96 -12.43
N ASP A 204 69.54 -22.21 -13.54
CA ASP A 204 69.29 -23.40 -14.37
C ASP A 204 69.66 -24.70 -13.66
N THR A 205 70.45 -24.63 -12.60
CA THR A 205 70.91 -25.81 -11.93
C THR A 205 70.20 -26.07 -10.59
N ASN A 206 69.13 -25.34 -10.34
CA ASN A 206 68.32 -25.49 -9.14
C ASN A 206 66.88 -25.89 -9.50
N THR A 207 66.21 -26.50 -8.52
CA THR A 207 64.88 -27.07 -8.71
C THR A 207 63.87 -26.00 -9.05
N GLY A 208 63.06 -26.30 -10.06
CA GLY A 208 61.96 -25.44 -10.43
C GLY A 208 60.59 -26.00 -10.15
N ILE A 209 60.50 -27.32 -10.02
CA ILE A 209 59.22 -27.96 -9.75
C ILE A 209 59.45 -28.93 -8.58
N TYR A 210 58.68 -28.71 -7.54
CA TYR A 210 58.73 -29.50 -6.32
C TYR A 210 57.45 -30.31 -6.19
N LEU A 211 57.53 -31.38 -5.40
CA LEU A 211 56.36 -32.21 -5.09
CA LEU A 211 56.37 -32.22 -5.10
C LEU A 211 56.23 -32.38 -3.59
N PHE A 212 55.01 -32.28 -3.05
CA PHE A 212 54.73 -32.63 -1.67
C PHE A 212 53.84 -33.86 -1.70
N THR A 213 54.25 -34.93 -1.01
CA THR A 213 53.59 -36.22 -1.20
C THR A 213 52.30 -36.33 -0.42
N ARG A 214 51.27 -36.83 -1.08
CA ARG A 214 49.96 -37.09 -0.46
C ARG A 214 50.10 -38.08 0.71
N ALA A 215 50.95 -39.09 0.54
CA ALA A 215 51.15 -40.13 1.56
C ALA A 215 51.68 -39.60 2.89
N SER A 216 52.40 -38.48 2.87
CA SER A 216 52.89 -37.82 4.08
C SER A 216 51.96 -36.71 4.58
N GLY A 217 50.75 -36.62 4.03
CA GLY A 217 49.89 -35.47 4.32
C GLY A 217 50.47 -34.16 3.81
N PHE A 218 51.24 -34.27 2.71
CA PHE A 218 51.88 -33.12 2.06
C PHE A 218 52.99 -32.48 2.88
N THR A 219 53.55 -33.21 3.83
CA THR A 219 54.67 -32.70 4.64
C THR A 219 56.04 -32.97 4.03
N GLU A 220 56.18 -34.07 3.29
CA GLU A 220 57.44 -34.43 2.67
C GLU A 220 57.58 -33.79 1.28
N ARG A 221 58.67 -33.03 1.10
CA ARG A 221 58.94 -32.36 -0.19
C ARG A 221 59.97 -33.15 -0.99
N LEU A 222 59.74 -33.28 -2.28
CA LEU A 222 60.70 -33.88 -3.22
C LEU A 222 60.99 -32.85 -4.32
N SER A 223 62.17 -32.93 -4.90
CA SER A 223 62.53 -32.10 -6.07
C SER A 223 62.34 -32.92 -7.34
N LEU A 224 61.55 -32.42 -8.27
CA LEU A 224 61.26 -33.16 -9.48
C LEU A 224 62.25 -32.84 -10.57
N CYS A 225 62.41 -31.57 -10.88
CA CYS A 225 63.33 -31.18 -11.95
C CYS A 225 63.78 -29.74 -11.82
N ASN A 226 64.95 -29.49 -12.39
CA ASN A 226 65.49 -28.14 -12.48
C ASN A 226 64.80 -27.35 -13.56
N ALA A 227 64.58 -26.07 -13.29
CA ALA A 227 63.99 -25.19 -14.30
C ALA A 227 64.15 -23.80 -13.74
N ARG A 228 64.76 -22.95 -14.55
CA ARG A 228 64.91 -21.55 -14.23
C ARG A 228 63.74 -20.74 -14.73
N GLY A 229 63.27 -19.80 -13.91
CA GLY A 229 62.16 -18.92 -14.30
C GLY A 229 60.86 -19.60 -14.65
N ALA A 230 60.57 -20.71 -13.98
CA ALA A 230 59.33 -21.45 -14.23
C ALA A 230 58.12 -20.70 -13.70
N LYS A 231 57.02 -20.78 -14.47
CA LYS A 231 55.83 -19.95 -14.20
C LYS A 231 54.51 -20.67 -13.92
N THR A 232 54.39 -21.90 -14.37
CA THR A 232 53.09 -22.60 -14.38
C THR A 232 53.31 -24.10 -14.41
N CYS A 233 52.33 -24.85 -13.92
CA CYS A 233 52.38 -26.33 -13.89
C CYS A 233 50.99 -26.90 -14.20
N ALA A 234 50.79 -27.31 -15.44
CA ALA A 234 49.50 -27.81 -15.89
C ALA A 234 49.59 -29.30 -16.09
N VAL A 235 48.84 -30.05 -15.29
CA VAL A 235 48.89 -31.50 -15.28
C VAL A 235 47.85 -32.04 -16.24
N HIS A 236 48.29 -32.76 -17.27
CA HIS A 236 47.37 -33.32 -18.27
C HIS A 236 46.52 -34.42 -17.64
N PRO A 237 45.18 -34.37 -17.84
CA PRO A 237 44.29 -35.28 -17.12
C PRO A 237 44.30 -36.75 -17.49
N GLN A 238 44.87 -37.12 -18.64
CA GLN A 238 45.06 -38.53 -18.99
C GLN A 238 46.51 -38.99 -19.01
N ASN A 239 47.43 -38.15 -19.47
CA ASN A 239 48.85 -38.57 -19.59
C ASN A 239 49.67 -38.23 -18.34
N GLY A 240 49.12 -37.32 -17.52
CA GLY A 240 49.69 -37.01 -16.21
C GLY A 240 50.94 -36.14 -16.22
N LYS A 241 51.39 -35.75 -17.40
CA LYS A 241 52.60 -34.95 -17.49
C LYS A 241 52.36 -33.56 -16.98
N ILE A 242 53.42 -32.97 -16.43
CA ILE A 242 53.40 -31.59 -15.96
C ILE A 242 53.95 -30.68 -17.03
N TYR A 243 53.08 -29.85 -17.59
CA TYR A 243 53.46 -28.92 -18.63
C TYR A 243 53.78 -27.57 -18.04
N TYR A 244 54.91 -26.98 -18.46
CA TYR A 244 55.36 -25.72 -17.90
C TYR A 244 56.05 -24.82 -18.90
N THR A 245 56.23 -23.55 -18.50
CA THR A 245 57.03 -22.60 -19.24
C THR A 245 58.15 -22.07 -18.34
N ARG A 246 59.22 -21.62 -18.99
CA ARG A 246 60.36 -20.94 -18.36
C ARG A 246 60.61 -19.59 -19.03
N TYR A 247 60.90 -18.58 -18.22
CA TYR A 247 61.07 -17.22 -18.69
C TYR A 247 61.93 -17.06 -19.93
N HIS A 248 63.08 -17.75 -19.96
CA HIS A 248 64.05 -17.51 -21.02
C HIS A 248 63.91 -18.37 -22.29
N HIS A 249 62.82 -19.11 -22.40
CA HIS A 249 62.64 -20.09 -23.47
C HIS A 249 61.22 -19.92 -24.07
N ALA A 250 61.13 -19.81 -25.39
CA ALA A 250 59.81 -19.65 -26.04
C ALA A 250 59.24 -21.01 -26.44
N ILE A 252 56.66 -24.63 -24.67
CA ILE A 252 56.11 -25.38 -23.57
C ILE A 252 57.00 -26.62 -23.40
N SER A 253 57.35 -26.87 -22.14
CA SER A 253 58.12 -28.02 -21.74
C SER A 253 57.23 -28.95 -20.93
N SER A 254 57.72 -30.16 -20.67
CA SER A 254 57.04 -31.04 -19.72
C SER A 254 57.98 -31.92 -18.93
N TYR A 255 57.46 -32.36 -17.79
CA TYR A 255 58.05 -33.36 -16.94
C TYR A 255 57.01 -34.43 -16.64
N ASP A 256 57.39 -35.69 -16.86
CA ASP A 256 56.50 -36.83 -16.61
C ASP A 256 56.79 -37.45 -15.26
N PRO A 257 55.89 -37.27 -14.29
CA PRO A 257 56.23 -37.75 -12.93
C PRO A 257 56.29 -39.27 -12.81
N ALA A 258 55.64 -40.00 -13.71
CA ALA A 258 55.68 -41.47 -13.68
C ALA A 258 57.07 -42.01 -14.07
N THR A 259 57.74 -41.35 -15.00
CA THR A 259 59.00 -41.85 -15.55
C THR A 259 60.21 -40.94 -15.33
N GLY A 260 59.97 -39.68 -14.97
CA GLY A 260 61.07 -38.71 -14.92
C GLY A 260 61.48 -38.13 -16.26
N THR A 261 60.75 -38.44 -17.33
CA THR A 261 61.12 -37.97 -18.64
C THR A 261 60.84 -36.49 -18.80
N LEU A 262 61.86 -35.76 -19.28
CA LEU A 262 61.77 -34.36 -19.57
C LEU A 262 61.71 -34.16 -21.08
N THR A 263 60.77 -33.34 -21.52
CA THR A 263 60.69 -32.94 -22.93
C THR A 263 60.84 -31.43 -22.92
N GLU A 264 62.02 -30.95 -23.31
CA GLU A 264 62.27 -29.52 -23.26
C GLU A 264 61.32 -28.74 -24.17
N GLU A 265 61.12 -29.22 -25.39
CA GLU A 265 60.31 -28.51 -26.36
C GLU A 265 59.13 -29.37 -26.80
N GLU A 266 58.05 -29.38 -26.02
CA GLU A 266 56.78 -30.00 -26.47
C GLU A 266 56.31 -29.26 -27.72
N VAL A 267 56.37 -27.92 -27.68
CA VAL A 267 56.07 -27.10 -28.86
C VAL A 267 56.67 -25.72 -28.68
N ASP A 270 55.26 -18.40 -29.49
CA ASP A 270 55.63 -17.20 -30.21
C ASP A 270 56.14 -16.07 -29.29
N THR A 271 56.14 -16.33 -27.98
CA THR A 271 56.47 -15.34 -26.95
C THR A 271 57.20 -16.03 -25.80
N LYS A 272 58.17 -15.33 -25.23
CA LYS A 272 58.80 -15.75 -23.99
C LYS A 272 58.96 -14.51 -23.13
N GLY A 273 59.62 -14.65 -21.99
CA GLY A 273 59.97 -13.47 -21.19
C GLY A 273 58.78 -12.86 -20.48
N SER A 274 57.83 -13.69 -20.08
CA SER A 274 56.55 -13.21 -19.57
C SER A 274 55.91 -14.32 -18.74
N ASN A 275 54.85 -13.99 -18.02
CA ASN A 275 54.17 -14.97 -17.23
C ASN A 275 53.12 -15.64 -18.11
N PHE A 276 52.97 -16.96 -17.95
CA PHE A 276 51.91 -17.70 -18.61
C PHE A 276 51.24 -18.58 -17.58
N HIS A 277 50.00 -18.91 -17.83
CA HIS A 277 49.27 -19.88 -17.02
C HIS A 277 48.55 -20.80 -17.97
N ILE A 278 48.86 -22.08 -17.86
CA ILE A 278 48.29 -23.10 -18.73
C ILE A 278 47.23 -23.87 -17.96
N VAL A 279 46.07 -24.07 -18.59
CA VAL A 279 44.98 -24.83 -17.98
C VAL A 279 44.43 -25.83 -19.00
N TRP A 280 44.49 -27.12 -18.67
CA TRP A 280 43.93 -28.17 -19.52
C TRP A 280 42.40 -28.14 -19.49
N HIS A 281 41.79 -28.28 -20.67
CA HIS A 281 40.37 -28.56 -20.72
C HIS A 281 40.14 -29.89 -20.02
N PRO A 282 38.98 -30.04 -19.35
CA PRO A 282 38.77 -31.28 -18.60
C PRO A 282 38.87 -32.55 -19.45
N THR A 283 38.53 -32.47 -20.73
CA THR A 283 38.69 -33.63 -21.63
C THR A 283 40.15 -34.02 -21.91
N GLY A 284 41.06 -33.07 -21.74
CA GLY A 284 42.47 -33.25 -22.14
C GLY A 284 42.74 -33.07 -23.62
N ASP A 285 41.73 -32.64 -24.39
CA ASP A 285 41.89 -32.50 -25.83
C ASP A 285 42.76 -31.30 -26.20
N TRP A 286 42.82 -30.32 -25.31
CA TRP A 286 43.52 -29.08 -25.54
C TRP A 286 43.63 -28.31 -24.23
N ALA A 287 44.50 -27.29 -24.24
CA ALA A 287 44.67 -26.40 -23.09
C ALA A 287 44.56 -24.95 -23.55
N TYR A 288 44.16 -24.07 -22.65
CA TYR A 288 44.41 -22.65 -22.83
C TYR A 288 45.77 -22.27 -22.26
N ILE A 289 46.42 -21.36 -22.97
CA ILE A 289 47.59 -20.66 -22.51
C ILE A 289 47.22 -19.19 -22.31
N ILE A 290 47.12 -18.79 -21.05
CA ILE A 290 46.85 -17.42 -20.70
C ILE A 290 48.14 -16.62 -20.71
N TYR A 291 48.21 -15.62 -21.59
CA TYR A 291 49.38 -14.75 -21.68
C TYR A 291 49.14 -13.64 -20.66
N ASN A 292 49.55 -13.88 -19.41
CA ASN A 292 49.21 -12.98 -18.33
C ASN A 292 49.71 -11.56 -18.54
N GLY A 293 50.89 -11.41 -19.11
CA GLY A 293 51.49 -10.13 -19.37
C GLY A 293 51.20 -9.52 -20.74
N LYS A 294 50.61 -10.30 -21.66
CA LYS A 294 50.35 -9.81 -23.03
C LYS A 294 48.87 -9.74 -23.39
N HIS A 295 48.00 -10.06 -22.44
CA HIS A 295 46.59 -9.67 -22.53
C HIS A 295 45.83 -10.47 -23.59
N CYS A 296 46.13 -11.76 -23.66
CA CYS A 296 45.46 -12.62 -24.63
C CYS A 296 45.50 -14.05 -24.15
N ILE A 297 44.63 -14.87 -24.74
CA ILE A 297 44.55 -16.27 -24.42
C ILE A 297 44.70 -17.06 -25.74
N TYR A 298 45.57 -18.05 -25.72
CA TYR A 298 45.77 -18.95 -26.85
C TYR A 298 45.28 -20.33 -26.48
N ARG A 299 45.08 -21.16 -27.51
CA ARG A 299 44.77 -22.58 -27.31
CA ARG A 299 44.77 -22.56 -27.32
C ARG A 299 45.87 -23.44 -27.94
N VAL A 300 46.23 -24.52 -27.25
CA VAL A 300 47.17 -25.52 -27.77
C VAL A 300 46.47 -26.89 -27.77
N ASP A 301 46.33 -27.47 -28.94
CA ASP A 301 45.69 -28.76 -29.10
C ASP A 301 46.61 -29.92 -28.76
N TYR A 302 46.03 -30.99 -28.24
CA TYR A 302 46.73 -32.23 -27.89
C TYR A 302 46.30 -33.33 -28.84
N ASN A 303 47.28 -33.95 -29.51
CA ASN A 303 47.01 -35.07 -30.39
C ASN A 303 47.18 -36.34 -29.58
N ARG A 304 46.08 -37.06 -29.37
CA ARG A 304 46.12 -38.26 -28.53
C ARG A 304 46.93 -39.39 -29.06
N GLU A 305 46.91 -39.55 -30.38
CA GLU A 305 47.64 -40.64 -31.00
CA GLU A 305 47.65 -40.64 -31.01
C GLU A 305 49.16 -40.42 -30.89
N THR A 306 49.62 -39.23 -31.23
CA THR A 306 51.06 -38.95 -31.22
C THR A 306 51.53 -38.48 -29.86
N GLY A 307 50.60 -37.97 -29.04
CA GLY A 307 50.94 -37.41 -27.75
C GLY A 307 51.60 -36.03 -27.86
N LYS A 308 51.53 -35.43 -29.04
CA LYS A 308 52.19 -34.16 -29.29
C LYS A 308 51.25 -32.98 -29.29
N LEU A 309 51.82 -31.82 -28.96
CA LEU A 309 51.12 -30.54 -29.02
C LEU A 309 51.19 -29.90 -30.40
N ALA A 310 50.09 -29.30 -30.82
CA ALA A 310 50.06 -28.53 -32.05
C ALA A 310 50.53 -27.09 -31.83
N VAL A 311 50.74 -26.38 -32.92
CA VAL A 311 51.11 -24.97 -32.86
C VAL A 311 49.99 -24.23 -32.13
N PRO A 312 50.34 -23.49 -31.05
CA PRO A 312 49.27 -22.71 -30.38
C PRO A 312 48.74 -21.60 -31.24
N TYR A 313 47.47 -21.29 -31.06
CA TYR A 313 46.84 -20.19 -31.80
C TYR A 313 46.04 -19.30 -30.87
N ILE A 314 45.93 -18.02 -31.22
CA ILE A 314 45.20 -17.07 -30.37
C ILE A 314 43.70 -17.29 -30.46
N VAL A 315 43.05 -17.19 -29.30
CA VAL A 315 41.60 -17.32 -29.21
C VAL A 315 40.91 -15.98 -28.94
N CYS A 316 41.45 -15.20 -28.01
CA CYS A 316 40.87 -13.92 -27.70
C CYS A 316 41.87 -12.91 -27.21
N GLY A 317 41.47 -11.65 -27.28
CA GLY A 317 42.37 -10.55 -26.97
C GLY A 317 43.24 -10.20 -28.15
N GLN A 318 44.07 -9.19 -27.93
CA GLN A 318 45.12 -8.83 -28.87
C GLN A 318 46.41 -8.70 -28.09
N HIS A 319 47.40 -9.46 -28.54
CA HIS A 319 48.72 -9.51 -27.93
C HIS A 319 49.28 -8.10 -27.76
N SER A 320 49.64 -7.76 -26.54
CA SER A 320 50.25 -6.47 -26.16
C SER A 320 49.30 -5.25 -26.27
N SER A 321 47.98 -5.49 -26.28
CA SER A 321 46.99 -4.43 -26.35
CA SER A 321 46.99 -4.43 -26.35
C SER A 321 46.02 -4.58 -25.19
N PRO A 322 46.39 -4.06 -24.02
CA PRO A 322 45.50 -4.18 -22.86
C PRO A 322 44.25 -3.32 -22.99
N GLY A 323 43.14 -3.82 -22.45
CA GLY A 323 41.91 -3.07 -22.43
C GLY A 323 40.81 -3.89 -21.80
N TRP A 324 39.68 -3.24 -21.56
CA TRP A 324 38.48 -3.92 -21.09
C TRP A 324 37.42 -3.75 -22.16
N VAL A 325 37.38 -4.71 -23.08
CA VAL A 325 36.43 -4.70 -24.18
C VAL A 325 35.87 -6.12 -24.33
N ASP A 326 34.57 -6.26 -24.05
CA ASP A 326 33.90 -7.53 -24.30
C ASP A 326 33.65 -7.67 -25.80
N GLY A 327 33.59 -8.91 -26.29
CA GLY A 327 33.26 -9.14 -27.68
C GLY A 327 33.78 -10.49 -28.15
N GLY A 329 36.19 -13.11 -29.77
CA GLY A 329 37.57 -13.49 -30.06
C GLY A 329 38.57 -12.34 -30.00
N THR A 330 39.30 -12.15 -31.09
CA THR A 330 40.36 -11.16 -31.14
C THR A 330 39.85 -9.72 -31.27
N GLY A 331 38.53 -9.56 -31.28
CA GLY A 331 37.91 -8.24 -31.12
C GLY A 331 37.72 -7.83 -29.66
N ALA A 332 37.82 -8.80 -28.76
CA ALA A 332 37.85 -8.52 -27.32
C ALA A 332 39.23 -7.99 -26.93
N ARG A 333 39.25 -7.28 -25.81
CA ARG A 333 40.48 -6.88 -25.15
C ARG A 333 40.45 -7.35 -23.71
N LEU A 334 41.59 -7.86 -23.27
CA LEU A 334 41.81 -8.31 -21.90
C LEU A 334 42.84 -7.41 -21.26
N TRP A 335 42.92 -7.46 -19.94
CA TRP A 335 43.88 -6.65 -19.21
C TRP A 335 44.39 -7.41 -17.99
N GLY A 336 45.54 -8.04 -18.17
CA GLY A 336 46.14 -8.87 -17.15
C GLY A 336 45.37 -10.10 -16.75
N PRO A 337 44.98 -10.92 -17.75
CA PRO A 337 44.28 -12.15 -17.41
C PRO A 337 45.22 -13.03 -16.60
N ASN A 338 44.75 -13.53 -15.47
CA ASN A 338 45.57 -14.30 -14.56
C ASN A 338 45.09 -15.74 -14.49
N GLN A 339 44.49 -16.21 -13.40
CA GLN A 339 44.05 -17.59 -13.36
C GLN A 339 42.70 -17.75 -14.04
N GLY A 340 42.52 -18.89 -14.70
CA GLY A 340 41.23 -19.32 -15.17
C GLY A 340 40.91 -20.76 -14.88
N ILE A 341 39.62 -21.07 -14.89
CA ILE A 341 39.14 -22.43 -14.65
C ILE A 341 37.97 -22.76 -15.55
N PHE A 342 37.80 -24.05 -15.82
CA PHE A 342 36.68 -24.54 -16.57
C PHE A 342 35.50 -24.89 -15.66
N VAL A 343 34.31 -24.43 -16.03
CA VAL A 343 33.13 -24.68 -15.25
C VAL A 343 32.01 -25.16 -16.17
N LYS A 344 31.38 -26.28 -15.81
CA LYS A 344 30.31 -26.86 -16.63
C LYS A 344 29.14 -25.91 -16.78
N ASN A 345 28.66 -25.74 -18.01
CA ASN A 345 27.48 -24.95 -18.27
C ASN A 345 26.38 -25.92 -18.76
N GLU A 346 25.33 -26.05 -17.96
CA GLU A 346 24.23 -26.95 -18.30
C GLU A 346 23.50 -26.60 -19.61
N ALA A 347 23.50 -25.33 -20.00
CA ALA A 347 23.02 -24.94 -21.32
C ALA A 347 23.78 -25.60 -22.48
N TYR A 348 25.01 -26.05 -22.24
CA TYR A 348 25.81 -26.70 -23.29
C TYR A 348 25.72 -28.22 -23.26
N ALA A 349 24.82 -28.78 -22.44
CA ALA A 349 24.71 -30.24 -22.29
C ALA A 349 24.63 -30.92 -23.65
N GLY A 350 25.53 -31.87 -23.86
CA GLY A 350 25.59 -32.65 -25.09
C GLY A 350 26.37 -32.04 -26.23
N GLU A 351 26.88 -30.82 -26.06
CA GLU A 351 27.67 -30.20 -27.12
C GLU A 351 29.09 -30.70 -26.97
N GLU A 352 29.92 -30.50 -27.99
CA GLU A 352 31.30 -30.99 -27.94
C GLU A 352 32.05 -30.38 -26.76
N ASP A 353 31.77 -29.11 -26.49
CA ASP A 353 32.36 -28.44 -25.33
C ASP A 353 31.27 -28.05 -24.32
N GLU A 354 31.29 -28.69 -23.16
CA GLU A 354 30.27 -28.47 -22.15
C GLU A 354 30.68 -27.43 -21.12
N TYR A 355 31.79 -26.74 -21.34
CA TYR A 355 32.40 -25.85 -20.31
C TYR A 355 32.56 -24.41 -20.77
N ASP A 356 32.33 -23.48 -19.85
CA ASP A 356 32.78 -22.13 -19.98
C ASP A 356 34.12 -21.99 -19.24
N PHE A 357 34.92 -21.00 -19.62
CA PHE A 357 36.20 -20.72 -19.00
C PHE A 357 36.11 -19.37 -18.26
N TYR A 358 36.07 -19.43 -16.93
CA TYR A 358 36.01 -18.23 -16.08
C TYR A 358 37.40 -17.84 -15.68
N PHE A 359 37.75 -16.57 -15.85
CA PHE A 359 39.05 -16.11 -15.48
C PHE A 359 39.05 -14.75 -14.84
N CYS A 360 40.09 -14.53 -14.02
CA CYS A 360 40.28 -13.23 -13.40
C CYS A 360 41.10 -12.33 -14.33
N ASP A 361 40.57 -11.15 -14.63
CA ASP A 361 41.23 -10.18 -15.49
C ASP A 361 41.71 -9.14 -14.50
N ARG A 362 42.94 -9.31 -14.04
CA ARG A 362 43.44 -8.61 -12.88
C ARG A 362 43.40 -7.09 -13.02
N ASP A 363 43.78 -6.60 -14.18
CA ASP A 363 43.93 -5.15 -14.35
C ASP A 363 42.72 -4.41 -14.90
N SER A 364 41.70 -5.15 -15.34
CA SER A 364 40.37 -4.57 -15.54
C SER A 364 39.48 -4.75 -14.31
N HIS A 365 39.99 -5.50 -13.32
CA HIS A 365 39.33 -5.75 -12.03
C HIS A 365 38.02 -6.51 -12.18
N THR A 366 38.02 -7.51 -13.05
CA THR A 366 36.84 -8.28 -13.33
C THR A 366 37.08 -9.79 -13.31
N VAL A 367 35.99 -10.52 -13.16
CA VAL A 367 35.91 -11.91 -13.51
C VAL A 367 35.18 -11.96 -14.86
N ARG A 368 35.78 -12.65 -15.83
CA ARG A 368 35.28 -12.69 -17.20
C ARG A 368 35.06 -14.12 -17.60
N VAL A 369 34.34 -14.32 -18.72
CA VAL A 369 34.06 -15.66 -19.22
C VAL A 369 34.43 -15.72 -20.67
N LEU A 370 35.14 -16.77 -21.04
CA LEU A 370 35.43 -17.11 -22.44
C LEU A 370 34.61 -18.34 -22.79
N THR A 371 33.73 -18.22 -23.77
CA THR A 371 32.86 -19.31 -24.16
C THR A 371 33.51 -20.11 -25.28
N PRO A 372 32.99 -21.31 -25.55
CA PRO A 372 33.57 -22.13 -26.61
C PRO A 372 33.55 -21.51 -27.99
N GLU A 373 32.62 -20.60 -28.28
CA GLU A 373 32.68 -19.90 -29.57
C GLU A 373 33.78 -18.84 -29.63
N GLY A 374 34.42 -18.56 -28.50
CA GLY A 374 35.39 -17.51 -28.42
C GLY A 374 34.86 -16.15 -27.96
N ARG A 375 33.67 -16.10 -27.40
CA ARG A 375 33.13 -14.81 -26.94
C ARG A 375 33.57 -14.52 -25.52
N VAL A 376 33.97 -13.28 -25.27
CA VAL A 376 34.41 -12.84 -23.95
C VAL A 376 33.36 -11.92 -23.40
N THR A 377 32.83 -12.25 -22.21
CA THR A 377 31.84 -11.39 -21.54
C THR A 377 32.31 -11.15 -20.10
N THR A 378 31.89 -10.07 -19.49
CA THR A 378 32.27 -9.77 -18.11
C THR A 378 31.21 -10.33 -17.13
N TYR A 379 31.64 -11.17 -16.21
CA TYR A 379 30.74 -11.79 -15.25
C TYR A 379 30.53 -10.94 -13.99
N ALA A 380 31.61 -10.37 -13.46
CA ALA A 380 31.53 -9.60 -12.21
C ALA A 380 32.59 -8.50 -12.14
N GLY A 381 32.25 -7.38 -11.49
CA GLY A 381 33.17 -6.29 -11.25
C GLY A 381 32.80 -5.03 -11.99
N ARG A 382 33.53 -3.96 -11.70
CA ARG A 382 33.36 -2.64 -12.30
C ARG A 382 31.95 -2.06 -12.05
N GLY A 383 31.41 -2.36 -10.88
CA GLY A 383 30.13 -1.82 -10.44
C GLY A 383 30.21 -0.36 -10.01
N ASN A 384 29.05 0.25 -9.75
CA ASN A 384 29.02 1.61 -9.18
C ASN A 384 29.72 2.65 -10.09
N SER A 385 29.79 2.37 -11.41
CA SER A 385 30.48 3.22 -12.39
C SER A 385 31.96 3.48 -12.08
N ARG A 386 32.60 2.49 -11.46
CA ARG A 386 33.99 2.57 -11.04
C ARG A 386 34.76 1.37 -11.59
N GLU A 387 36.08 1.36 -11.43
CA GLU A 387 36.91 0.30 -12.01
C GLU A 387 37.29 -0.67 -10.93
N TRP A 388 37.96 -0.14 -9.90
CA TRP A 388 38.43 -0.96 -8.78
C TRP A 388 37.91 -0.44 -7.46
N GLY A 389 37.92 -1.32 -6.47
CA GLY A 389 37.49 -0.99 -5.13
C GLY A 389 37.19 -2.24 -4.36
N TYR A 390 36.39 -2.08 -3.32
CA TYR A 390 35.96 -3.19 -2.46
C TYR A 390 34.51 -2.98 -2.06
N VAL A 391 33.62 -3.56 -2.87
CA VAL A 391 32.16 -3.45 -2.65
C VAL A 391 31.57 -4.80 -2.99
N ASP A 392 30.79 -5.32 -2.04
CA ASP A 392 30.06 -6.55 -2.22
C ASP A 392 28.70 -6.22 -2.82
N GLY A 393 28.05 -7.17 -3.48
CA GLY A 393 26.70 -6.97 -3.97
C GLY A 393 26.52 -7.55 -5.37
N GLU A 394 25.59 -6.96 -6.13
CA GLU A 394 25.21 -7.49 -7.44
C GLU A 394 26.39 -7.46 -8.39
N LEU A 395 26.50 -8.50 -9.22
CA LEU A 395 27.76 -8.77 -9.95
C LEU A 395 28.28 -7.61 -10.78
N ARG A 396 27.39 -6.95 -11.52
CA ARG A 396 27.80 -5.92 -12.48
C ARG A 396 27.36 -4.51 -12.06
N SER A 397 26.28 -4.39 -11.31
CA SER A 397 25.79 -3.04 -10.96
C SER A 397 26.50 -2.47 -9.74
N GLN A 398 27.03 -3.33 -8.88
CA GLN A 398 27.56 -2.91 -7.57
C GLN A 398 28.99 -3.35 -7.25
N ALA A 399 29.29 -4.61 -7.52
CA ALA A 399 30.50 -5.22 -7.00
C ALA A 399 31.76 -4.62 -7.59
N LEU A 400 32.77 -4.50 -6.72
CA LEU A 400 34.10 -4.01 -7.08
C LEU A 400 35.16 -4.91 -6.46
N PHE A 401 36.17 -5.19 -7.27
CA PHE A 401 37.34 -5.94 -6.87
C PHE A 401 38.55 -5.03 -7.01
N ASN A 402 39.69 -5.50 -6.53
CA ASN A 402 40.95 -4.76 -6.71
C ASN A 402 42.04 -5.78 -6.94
N HIS A 403 42.36 -5.97 -8.21
CA HIS A 403 43.32 -6.99 -8.68
C HIS A 403 42.87 -8.41 -8.35
N PRO A 404 41.67 -8.77 -8.82
CA PRO A 404 41.30 -10.17 -8.71
C PRO A 404 42.24 -11.01 -9.53
N THR A 405 42.77 -12.10 -8.98
CA THR A 405 43.87 -12.81 -9.58
C THR A 405 43.66 -14.33 -9.69
N SER A 406 43.23 -14.94 -8.61
CA SER A 406 43.03 -16.34 -8.53
C SER A 406 41.54 -16.69 -8.46
N ILE A 407 41.20 -17.90 -8.89
CA ILE A 407 39.83 -18.34 -8.96
C ILE A 407 39.73 -19.84 -8.75
N ALA A 408 38.68 -20.25 -8.06
CA ALA A 408 38.31 -21.65 -7.90
C ALA A 408 36.79 -21.80 -7.89
N TYR A 409 36.30 -22.93 -8.38
CA TYR A 409 34.87 -23.20 -8.35
C TYR A 409 34.61 -24.38 -7.45
N ASP A 410 33.79 -24.16 -6.44
CA ASP A 410 33.43 -25.16 -5.46
C ASP A 410 32.16 -25.83 -5.95
N LYS A 412 30.78 -28.51 -4.76
CA LYS A 412 29.97 -29.00 -3.65
C LYS A 412 29.05 -27.90 -3.10
N ARG A 413 29.60 -26.71 -2.95
CA ARG A 413 28.87 -25.59 -2.36
C ARG A 413 28.31 -24.63 -3.41
N LYS A 414 28.55 -24.95 -4.68
CA LYS A 414 28.07 -24.19 -5.85
C LYS A 414 28.38 -22.70 -5.76
N CYS A 415 29.67 -22.38 -5.71
CA CYS A 415 30.10 -20.97 -5.61
C CYS A 415 31.52 -20.83 -6.13
N PHE A 416 31.87 -19.62 -6.57
CA PHE A 416 33.24 -19.29 -6.88
C PHE A 416 33.93 -18.69 -5.65
N TYR A 417 35.23 -18.94 -5.53
CA TYR A 417 36.12 -18.17 -4.63
C TYR A 417 37.07 -17.37 -5.53
N ILE A 418 37.22 -16.09 -5.23
CA ILE A 418 38.09 -15.19 -5.95
C ILE A 418 39.15 -14.63 -5.00
N GLY A 419 40.42 -14.77 -5.38
CA GLY A 419 41.51 -14.17 -4.64
C GLY A 419 41.66 -12.74 -5.10
N ASP A 420 41.15 -11.84 -4.27
CA ASP A 420 41.05 -10.43 -4.59
C ASP A 420 42.26 -9.75 -3.95
N CYS A 421 43.38 -9.77 -4.69
CA CYS A 421 44.69 -9.58 -4.10
CA CYS A 421 44.71 -9.57 -4.14
C CYS A 421 44.92 -8.26 -3.38
N ASP A 422 44.52 -7.14 -3.97
CA ASP A 422 44.72 -5.85 -3.31
C ASP A 422 43.60 -5.41 -2.34
N ASN A 423 42.64 -6.30 -2.13
CA ASN A 423 41.74 -6.21 -0.98
C ASN A 423 42.09 -7.23 0.09
N HIS A 424 43.02 -8.13 -0.21
CA HIS A 424 43.60 -9.04 0.76
C HIS A 424 42.57 -10.00 1.32
N ARG A 425 41.59 -10.33 0.49
CA ARG A 425 40.48 -11.16 0.87
C ARG A 425 40.17 -12.20 -0.18
N VAL A 426 39.59 -13.32 0.28
CA VAL A 426 38.88 -14.25 -0.59
C VAL A 426 37.43 -13.81 -0.68
N ARG A 427 37.00 -13.51 -1.89
CA ARG A 427 35.62 -13.12 -2.17
C ARG A 427 34.87 -14.38 -2.65
N LYS A 428 33.57 -14.37 -2.49
CA LYS A 428 32.70 -15.46 -2.95
C LYS A 428 31.68 -14.93 -3.95
N ILE A 429 31.44 -15.70 -5.01
CA ILE A 429 30.32 -15.41 -5.92
C ILE A 429 29.35 -16.58 -5.84
N ALA A 430 28.12 -16.31 -5.43
CA ALA A 430 27.12 -17.33 -5.20
C ALA A 430 25.75 -16.66 -5.20
N PRO A 431 24.69 -17.47 -5.21
CA PRO A 431 23.34 -16.94 -5.03
C PRO A 431 23.21 -16.15 -3.74
N GLU A 432 22.49 -15.03 -3.81
CA GLU A 432 22.17 -14.20 -2.66
CA GLU A 432 22.27 -14.24 -2.61
C GLU A 432 21.38 -15.03 -1.64
N GLU A 433 21.68 -14.88 -0.36
CA GLU A 433 20.91 -15.51 0.73
C GLU A 433 20.40 -14.46 1.70
N THR B 12 22.44 -50.36 6.25
CA THR B 12 21.25 -51.20 5.93
C THR B 12 20.34 -50.46 4.95
N PRO B 13 19.80 -51.18 3.94
CA PRO B 13 18.88 -50.53 2.98
C PRO B 13 17.61 -49.96 3.63
N PHE B 14 17.06 -48.92 3.02
CA PHE B 14 15.80 -48.33 3.49
C PHE B 14 14.63 -49.28 3.26
N ASN B 15 13.89 -49.57 4.33
CA ASN B 15 12.70 -50.41 4.27
C ASN B 15 11.45 -49.52 4.29
N PRO B 16 10.78 -49.37 3.14
CA PRO B 16 9.64 -48.45 3.03
C PRO B 16 8.37 -48.91 3.76
N LYS B 17 8.33 -50.18 4.15
CA LYS B 17 7.23 -50.72 4.93
C LYS B 17 7.47 -50.57 6.45
N GLU B 18 8.62 -50.03 6.83
CA GLU B 18 8.95 -49.79 8.25
C GLU B 18 8.99 -48.29 8.54
N GLU B 19 8.81 -47.94 9.81
CA GLU B 19 8.83 -46.55 10.25
C GLU B 19 10.28 -46.09 10.49
N ILE B 20 10.51 -44.78 10.42
CA ILE B 20 11.80 -44.21 10.80
C ILE B 20 11.78 -43.89 12.29
N VAL B 21 12.74 -44.47 13.03
CA VAL B 21 12.89 -44.18 14.45
C VAL B 21 14.10 -43.27 14.66
N VAL B 22 13.92 -42.16 15.38
CA VAL B 22 15.05 -41.30 15.79
C VAL B 22 15.23 -41.44 17.29
N GLU B 23 16.28 -42.14 17.70
CA GLU B 23 16.49 -42.50 19.11
C GLU B 23 17.18 -41.42 19.92
N LYS B 24 18.38 -41.03 19.46
CA LYS B 24 19.16 -40.00 20.14
C LYS B 24 20.13 -39.33 19.17
N PHE B 25 20.88 -38.35 19.68
CA PHE B 25 21.90 -37.65 18.91
C PHE B 25 23.03 -37.19 19.84
N LEU B 26 24.23 -37.09 19.28
CA LEU B 26 25.40 -36.61 20.04
C LEU B 26 26.21 -35.64 19.17
N PRO B 27 26.60 -34.48 19.72
CA PRO B 27 26.29 -33.98 21.06
C PRO B 27 24.82 -33.51 21.17
N THR B 28 24.36 -33.25 22.40
CA THR B 28 22.99 -32.82 22.65
C THR B 28 22.83 -31.29 22.60
N GLU B 29 23.95 -30.58 22.46
CA GLU B 29 23.96 -29.13 22.35
C GLU B 29 24.99 -28.73 21.33
N GLY B 30 24.88 -27.50 20.82
CA GLY B 30 25.85 -27.02 19.86
C GLY B 30 25.34 -25.78 19.17
N ARG B 31 26.21 -25.19 18.37
CA ARG B 31 25.90 -23.98 17.62
C ARG B 31 25.92 -24.34 16.14
N LYS B 32 25.55 -23.39 15.30
CA LYS B 32 25.62 -23.60 13.86
CA LYS B 32 25.65 -23.53 13.85
C LYS B 32 27.01 -24.10 13.47
N GLY B 33 27.02 -25.17 12.68
CA GLY B 33 28.25 -25.79 12.20
C GLY B 33 28.66 -27.02 12.99
N THR B 34 28.01 -27.25 14.13
CA THR B 34 28.35 -28.41 14.96
C THR B 34 27.98 -29.70 14.24
N ARG B 35 28.95 -30.59 14.10
CA ARG B 35 28.72 -31.90 13.54
C ARG B 35 27.92 -32.72 14.54
N VAL B 36 26.76 -33.20 14.12
CA VAL B 36 25.88 -33.98 14.98
C VAL B 36 25.63 -35.35 14.36
N VAL B 37 25.91 -36.40 15.14
CA VAL B 37 25.57 -37.76 14.75
C VAL B 37 24.20 -38.10 15.32
N VAL B 38 23.30 -38.56 14.45
CA VAL B 38 21.95 -38.89 14.85
C VAL B 38 21.81 -40.40 14.76
N TYR B 39 21.23 -41.01 15.78
CA TYR B 39 21.10 -42.47 15.88
C TYR B 39 19.64 -42.90 15.77
N GLY B 40 19.41 -44.05 15.13
CA GLY B 40 18.04 -44.58 15.01
C GLY B 40 17.95 -45.84 14.18
N ARG B 41 16.87 -45.95 13.41
CA ARG B 41 16.64 -47.10 12.53
C ARG B 41 15.93 -46.66 11.24
N ASN B 42 16.25 -47.36 10.15
CA ASN B 42 15.59 -47.18 8.84
C ASN B 42 15.91 -45.84 8.16
N PHE B 43 17.16 -45.37 8.28
CA PHE B 43 17.61 -44.15 7.59
C PHE B 43 18.03 -44.42 6.14
N GLY B 44 18.29 -45.68 5.79
CA GLY B 44 18.82 -46.05 4.48
C GLY B 44 20.33 -45.88 4.41
N ASN B 45 20.89 -46.15 3.24
CA ASN B 45 22.33 -45.99 3.00
C ASN B 45 22.64 -45.08 1.79
N ASP B 46 21.68 -44.20 1.47
CA ASP B 46 21.81 -43.25 0.36
C ASP B 46 21.70 -41.83 0.91
N VAL B 47 22.82 -41.08 0.88
CA VAL B 47 22.86 -39.73 1.43
CA VAL B 47 22.87 -39.73 1.43
C VAL B 47 21.89 -38.79 0.72
N SER B 48 21.75 -38.95 -0.59
CA SER B 48 20.90 -38.07 -1.40
C SER B 48 19.41 -38.29 -1.21
N LYS B 49 19.02 -39.35 -0.49
CA LYS B 49 17.61 -39.66 -0.23
C LYS B 49 17.19 -39.29 1.20
N VAL B 50 18.15 -38.94 2.06
CA VAL B 50 17.84 -38.61 3.45
C VAL B 50 17.77 -37.10 3.66
N LYS B 51 16.79 -36.67 4.45
CA LYS B 51 16.59 -35.27 4.80
C LYS B 51 16.50 -35.12 6.32
N VAL B 52 17.27 -34.17 6.83
CA VAL B 52 17.30 -33.88 8.25
C VAL B 52 16.93 -32.43 8.47
N THR B 53 16.06 -32.18 9.45
CA THR B 53 15.84 -30.82 9.91
C THR B 53 16.08 -30.74 11.41
N ILE B 54 16.61 -29.61 11.86
CA ILE B 54 16.73 -29.32 13.30
C ILE B 54 16.03 -27.99 13.54
N GLY B 55 15.01 -27.98 14.41
CA GLY B 55 14.22 -26.78 14.63
C GLY B 55 13.43 -26.35 13.40
N GLY B 56 13.17 -27.30 12.49
CA GLY B 56 12.49 -27.03 11.24
C GLY B 56 13.39 -26.60 10.08
N TYR B 57 14.68 -26.43 10.34
CA TYR B 57 15.61 -25.97 9.30
C TYR B 57 16.44 -27.12 8.73
N PRO B 58 16.55 -27.18 7.40
CA PRO B 58 17.35 -28.22 6.77
C PRO B 58 18.78 -28.25 7.29
N ALA B 59 19.25 -29.45 7.58
CA ALA B 59 20.62 -29.72 8.03
C ALA B 59 21.36 -30.46 6.92
N LYS B 60 22.54 -29.99 6.54
CA LYS B 60 23.36 -30.71 5.54
C LYS B 60 23.74 -32.09 6.10
N VAL B 61 23.58 -33.13 5.29
CA VAL B 61 23.89 -34.51 5.70
C VAL B 61 25.18 -34.93 5.02
N ILE B 62 26.13 -35.43 5.80
CA ILE B 62 27.46 -35.77 5.31
C ILE B 62 27.58 -37.25 5.00
N ASN B 63 27.02 -38.10 5.86
CA ASN B 63 26.87 -39.52 5.58
C ASN B 63 25.56 -40.07 6.13
N VAL B 64 25.19 -41.27 5.69
CA VAL B 64 24.06 -42.02 6.27
C VAL B 64 24.41 -43.51 6.25
N LYS B 65 24.18 -44.19 7.37
CA LYS B 65 24.70 -45.54 7.59
C LYS B 65 23.64 -46.54 8.09
N GLY B 66 22.36 -46.25 7.87
CA GLY B 66 21.28 -47.16 8.26
C GLY B 66 20.74 -46.87 9.65
N GLU B 67 21.57 -47.08 10.67
CA GLU B 67 21.19 -46.79 12.05
C GLU B 67 21.83 -45.51 12.57
N SER B 68 22.55 -44.78 11.71
CA SER B 68 23.08 -43.46 12.07
C SER B 68 23.33 -42.57 10.87
N LEU B 69 23.50 -41.28 11.14
CA LEU B 69 23.86 -40.31 10.12
C LEU B 69 24.65 -39.18 10.75
N LEU B 70 25.47 -38.52 9.92
CA LEU B 70 26.21 -37.33 10.32
C LEU B 70 25.60 -36.14 9.59
N CYS B 71 25.31 -35.07 10.33
CA CYS B 71 24.83 -33.84 9.74
C CYS B 71 25.49 -32.63 10.39
N ILE B 72 25.23 -31.44 9.83
CA ILE B 72 25.76 -30.19 10.35
C ILE B 72 24.59 -29.36 10.84
N CYS B 73 24.66 -28.92 12.10
CA CYS B 73 23.62 -28.07 12.67
C CYS B 73 23.45 -26.78 11.87
N PRO B 74 22.20 -26.48 11.46
CA PRO B 74 21.95 -25.24 10.75
C PRO B 74 21.78 -24.08 11.74
N SER B 75 21.84 -22.86 11.22
CA SER B 75 21.48 -21.72 12.04
C SER B 75 19.97 -21.74 12.27
N LYS B 76 19.54 -21.00 13.30
CA LYS B 76 18.14 -20.77 13.61
C LYS B 76 17.41 -22.02 14.12
N ALA B 77 18.16 -22.98 14.65
CA ALA B 77 17.58 -24.24 15.08
C ALA B 77 16.99 -24.20 16.51
N TYR B 78 16.51 -23.02 16.93
CA TYR B 78 16.00 -22.75 18.29
C TYR B 78 15.04 -23.81 18.85
N GLU B 79 14.04 -24.17 18.04
CA GLU B 79 12.99 -25.11 18.48
C GLU B 79 13.55 -26.49 18.84
N GLY B 80 14.65 -26.87 18.20
CA GLY B 80 15.42 -28.03 18.62
C GLY B 80 14.95 -29.41 18.15
N ASP B 81 13.77 -29.48 17.54
CA ASP B 81 13.21 -30.77 17.09
C ASP B 81 14.11 -31.39 16.01
N VAL B 82 14.47 -32.66 16.20
CA VAL B 82 15.31 -33.37 15.25
C VAL B 82 14.44 -34.35 14.47
N LYS B 83 14.24 -34.05 13.19
CA LYS B 83 13.36 -34.82 12.32
C LYS B 83 14.21 -35.42 11.18
N VAL B 84 14.07 -36.72 10.96
CA VAL B 84 14.74 -37.42 9.86
C VAL B 84 13.68 -38.00 8.93
N SER B 85 13.87 -37.78 7.63
CA SER B 85 12.94 -38.27 6.61
C SER B 85 13.71 -38.92 5.48
N VAL B 86 13.04 -39.85 4.79
CA VAL B 86 13.60 -40.43 3.58
C VAL B 86 12.62 -40.21 2.42
N VAL B 87 13.17 -39.75 1.29
CA VAL B 87 12.41 -39.51 0.07
C VAL B 87 12.72 -40.61 -0.96
N GLY B 88 11.78 -40.84 -1.88
CA GLY B 88 11.92 -41.89 -2.89
C GLY B 88 12.48 -41.39 -4.21
N ASP B 89 12.20 -42.12 -5.28
CA ASP B 89 12.60 -41.73 -6.64
C ASP B 89 11.86 -40.45 -7.04
N ASP B 90 10.59 -40.41 -6.68
CA ASP B 90 9.72 -39.25 -6.90
C ASP B 90 10.11 -38.01 -6.07
N GLU B 91 10.97 -38.21 -5.06
CA GLU B 91 11.39 -37.17 -4.11
C GLU B 91 10.28 -36.72 -3.16
N ALA B 92 9.17 -37.45 -3.15
CA ALA B 92 8.11 -37.24 -2.17
C ALA B 92 8.50 -37.96 -0.89
N GLU B 93 8.11 -37.41 0.26
CA GLU B 93 8.42 -38.01 1.55
C GLU B 93 7.74 -39.38 1.68
N LEU B 94 8.54 -40.42 1.93
CA LEU B 94 8.02 -41.77 2.13
C LEU B 94 7.74 -42.02 3.61
N LYS B 95 8.73 -41.73 4.46
CA LYS B 95 8.58 -41.84 5.92
C LYS B 95 9.34 -40.71 6.60
N SER B 96 9.00 -40.49 7.87
CA SER B 96 9.73 -39.54 8.71
C SER B 96 9.51 -39.85 10.18
N GLY B 97 10.47 -39.43 11.00
CA GLY B 97 10.38 -39.62 12.44
C GLY B 97 10.99 -38.44 13.16
N VAL B 98 10.45 -38.14 14.34
CA VAL B 98 10.97 -37.06 15.18
C VAL B 98 11.50 -37.67 16.47
N CYS B 99 12.60 -37.14 16.99
CA CYS B 99 13.18 -37.60 18.25
C CYS B 99 12.38 -37.04 19.43
N GLU B 100 12.25 -37.83 20.49
CA GLU B 100 11.63 -37.36 21.74
C GLU B 100 12.41 -36.17 22.34
N ALA B 101 13.74 -36.22 22.25
CA ALA B 101 14.61 -35.18 22.82
C ALA B 101 14.87 -34.04 21.84
N LYS B 102 14.88 -32.80 22.34
CA LYS B 102 15.19 -31.63 21.52
C LYS B 102 16.68 -31.28 21.60
N PHE B 103 17.25 -30.87 20.47
CA PHE B 103 18.64 -30.37 20.42
C PHE B 103 18.71 -29.01 21.08
N ASP B 104 19.75 -28.77 21.88
CA ASP B 104 19.95 -27.49 22.55
C ASP B 104 20.83 -26.57 21.70
N TYR B 105 20.17 -25.73 20.90
CA TYR B 105 20.85 -24.87 19.94
C TYR B 105 21.40 -23.60 20.61
N GLN B 106 22.71 -23.40 20.49
CA GLN B 106 23.39 -22.28 21.12
C GLN B 106 23.79 -21.23 20.08
N TYR B 107 23.68 -19.96 20.45
CA TYR B 107 24.03 -18.91 19.52
C TYR B 107 24.48 -17.68 20.26
N ASN B 108 25.19 -16.81 19.55
CA ASN B 108 25.44 -15.45 20.03
C ASN B 108 24.70 -14.40 19.23
N TYR B 109 24.52 -13.24 19.86
CA TYR B 109 24.08 -12.07 19.16
C TYR B 109 25.28 -11.42 18.48
N VAL B 110 25.06 -10.85 17.32
CA VAL B 110 26.12 -10.25 16.54
C VAL B 110 25.63 -8.96 15.91
N VAL B 111 26.56 -8.09 15.58
CA VAL B 111 26.24 -6.88 14.82
C VAL B 111 26.45 -7.22 13.35
N THR B 112 25.48 -6.83 12.54
CA THR B 112 25.58 -6.90 11.08
C THR B 112 25.22 -5.54 10.50
N THR B 113 25.37 -5.42 9.19
CA THR B 113 24.97 -4.22 8.50
C THR B 113 23.68 -4.53 7.75
N PHE B 114 22.64 -3.75 8.04
CA PHE B 114 21.31 -3.93 7.47
C PHE B 114 21.08 -3.11 6.20
N LEU B 115 21.36 -1.82 6.25
CA LEU B 115 21.15 -0.90 5.14
C LEU B 115 22.34 0.04 4.98
N GLY B 116 22.66 0.35 3.73
CA GLY B 116 23.66 1.34 3.38
C GLY B 116 24.90 0.72 2.76
N LYS B 117 25.39 1.34 1.69
CA LYS B 117 26.57 0.92 0.96
C LYS B 117 27.34 2.15 0.55
N LEU B 118 28.66 2.04 0.64
CA LEU B 118 29.57 3.16 0.38
C LEU B 118 30.61 2.72 -0.66
N TYR B 119 31.29 3.68 -1.25
CA TYR B 119 32.40 3.37 -2.16
C TYR B 119 33.55 4.30 -1.92
N GLU B 120 34.62 4.07 -2.67
CA GLU B 120 35.86 4.80 -2.47
C GLU B 120 36.40 4.66 -1.04
N ASN B 121 36.53 3.40 -0.65
CA ASN B 121 36.99 3.04 0.68
C ASN B 121 36.26 3.80 1.78
N ASN B 122 34.93 3.74 1.74
CA ASN B 122 34.05 4.32 2.75
C ASN B 122 34.11 5.84 2.86
N THR B 123 34.50 6.51 1.77
CA THR B 123 34.55 7.97 1.76
C THR B 123 33.46 8.63 0.92
N LYS B 124 32.75 7.86 0.09
CA LYS B 124 31.73 8.39 -0.83
C LYS B 124 30.49 7.53 -0.80
N TRP B 125 29.34 8.14 -1.01
CA TRP B 125 28.10 7.40 -1.16
C TRP B 125 27.10 8.26 -1.92
N ASP B 126 26.08 7.62 -2.43
CA ASP B 126 24.95 8.31 -3.07
C ASP B 126 23.82 8.43 -2.07
N VAL B 127 23.05 9.50 -2.21
CA VAL B 127 21.83 9.68 -1.40
C VAL B 127 20.65 9.59 -2.33
N LEU B 128 19.87 8.54 -2.18
CA LEU B 128 18.73 8.32 -3.03
C LEU B 128 17.78 7.34 -2.39
N ALA B 129 16.52 7.46 -2.79
CA ALA B 129 15.51 6.48 -2.45
C ALA B 129 15.74 5.22 -3.30
N GLY B 130 15.48 4.06 -2.72
CA GLY B 130 15.66 2.85 -3.48
C GLY B 130 15.40 1.61 -2.66
N PRO B 131 15.48 0.46 -3.31
CA PRO B 131 15.32 -0.81 -2.58
C PRO B 131 16.32 -0.97 -1.48
N PHE B 132 16.04 -1.84 -0.53
CA PHE B 132 16.94 -2.11 0.61
C PHE B 132 18.38 -2.34 0.20
N ASP B 133 18.58 -3.12 -0.86
CA ASP B 133 19.89 -3.50 -1.36
CA ASP B 133 19.94 -3.44 -1.24
C ASP B 133 20.55 -2.46 -2.27
N ASP B 134 19.84 -1.37 -2.56
CA ASP B 134 20.30 -0.39 -3.57
C ASP B 134 19.69 0.98 -3.28
N CYS B 135 20.04 1.52 -2.11
CA CYS B 135 19.50 2.81 -1.66
C CYS B 135 20.62 3.73 -1.15
N GLY B 136 21.78 3.64 -1.80
CA GLY B 136 22.94 4.44 -1.43
C GLY B 136 23.34 4.23 0.03
N ALA B 137 23.74 5.32 0.69
CA ALA B 137 23.98 5.33 2.13
C ALA B 137 23.38 6.62 2.73
N PHE B 138 23.57 6.81 4.04
CA PHE B 138 22.74 7.74 4.80
C PHE B 138 23.58 8.83 5.44
N ASP B 139 23.21 10.09 5.17
CA ASP B 139 23.94 11.22 5.68
C ASP B 139 23.89 11.36 7.20
N ASN B 140 22.73 11.11 7.80
CA ASN B 140 22.53 11.40 9.25
C ASN B 140 21.34 10.64 9.81
N ILE B 141 21.60 9.59 10.56
CA ILE B 141 20.51 8.75 11.08
C ILE B 141 20.29 9.18 12.54
N TRP B 142 19.56 10.27 12.72
CA TRP B 142 19.59 11.03 13.98
C TRP B 142 18.67 10.49 15.09
N ARG B 143 17.38 10.34 14.78
CA ARG B 143 16.42 9.71 15.70
C ARG B 143 15.49 8.83 14.88
N PHE B 146 9.50 3.67 14.97
CA PHE B 146 8.48 2.90 14.25
C PHE B 146 7.12 3.58 14.33
N ASP B 147 6.37 3.52 13.24
CA ASP B 147 4.95 3.87 13.27
C ASP B 147 4.25 2.83 14.15
N PRO B 148 3.63 3.27 15.24
CA PRO B 148 2.99 2.32 16.17
C PRO B 148 1.78 1.55 15.63
N ASN B 149 1.24 1.99 14.51
CA ASN B 149 0.11 1.32 13.86
C ASN B 149 0.50 0.46 12.67
N SER B 150 1.81 0.29 12.45
CA SER B 150 2.38 -0.42 11.29
C SER B 150 2.84 -1.85 11.59
N ASN B 151 2.65 -2.33 12.83
CA ASN B 151 3.16 -3.65 13.24
C ASN B 151 4.61 -3.87 12.77
N TYR B 152 5.45 -2.88 13.06
CA TYR B 152 6.90 -2.93 12.76
C TYR B 152 7.23 -3.00 11.26
N ASP B 153 6.32 -2.53 10.41
CA ASP B 153 6.56 -2.51 8.98
C ASP B 153 6.99 -1.16 8.44
N ASP B 154 6.88 -0.09 9.24
CA ASP B 154 7.34 1.23 8.83
C ASP B 154 8.20 1.90 9.91
N LEU B 155 9.48 2.08 9.59
CA LEU B 155 10.42 2.73 10.45
C LEU B 155 10.86 4.04 9.81
N TYR B 156 10.88 5.10 10.60
CA TYR B 156 11.21 6.42 10.11
C TYR B 156 12.42 6.94 10.86
N TRP B 157 13.20 7.81 10.21
CA TRP B 157 14.16 8.61 10.97
C TRP B 157 14.30 10.02 10.46
N VAL B 158 14.50 10.93 11.42
CA VAL B 158 14.88 12.30 11.14
C VAL B 158 16.39 12.39 10.94
N GLY B 159 16.79 13.37 10.16
CA GLY B 159 18.19 13.59 9.83
C GLY B 159 18.80 14.96 10.13
N GLN B 160 18.20 15.72 11.04
CA GLN B 160 18.63 17.11 11.29
C GLN B 160 18.52 17.92 10.00
N ARG B 161 19.64 18.41 9.46
CA ARG B 161 19.64 19.15 8.22
C ARG B 161 19.58 18.24 6.98
N ASP B 162 19.79 16.95 7.16
CA ASP B 162 19.83 15.99 6.05
C ASP B 162 18.48 15.28 5.90
N ALA B 163 18.41 14.27 5.03
CA ALA B 163 17.14 13.67 4.65
C ALA B 163 16.42 12.91 5.75
N PHE B 164 15.08 12.98 5.68
CA PHE B 164 14.14 12.19 6.47
C PHE B 164 13.88 10.91 5.69
N ARG B 165 14.06 9.76 6.33
CA ARG B 165 13.97 8.48 5.64
C ARG B 165 12.83 7.63 6.16
N HIS B 166 12.34 6.77 5.27
CA HIS B 166 11.27 5.81 5.59
C HIS B 166 11.66 4.43 5.11
N VAL B 167 11.84 3.51 6.06
CA VAL B 167 12.07 2.10 5.77
C VAL B 167 10.72 1.36 5.71
N ASP B 168 10.37 0.90 4.51
CA ASP B 168 9.11 0.23 4.20
C ASP B 168 9.47 -1.23 4.10
N PHE B 169 9.17 -2.00 5.15
CA PHE B 169 9.55 -3.43 5.17
C PHE B 169 8.72 -4.29 4.23
N VAL B 170 7.46 -3.93 4.00
CA VAL B 170 6.61 -4.75 3.16
C VAL B 170 7.22 -4.79 1.74
N ASN B 171 7.56 -3.61 1.21
CA ASN B 171 8.09 -3.54 -0.15
C ASN B 171 9.61 -3.50 -0.23
N GLN B 172 10.28 -3.56 0.93
CA GLN B 172 11.75 -3.52 1.04
CA GLN B 172 11.74 -3.53 1.03
C GLN B 172 12.31 -2.34 0.28
N TYR B 173 11.83 -1.16 0.66
CA TYR B 173 12.20 0.10 0.02
C TYR B 173 12.53 1.11 1.08
N VAL B 174 13.53 1.96 0.81
CA VAL B 174 13.91 3.05 1.70
C VAL B 174 13.71 4.38 1.01
N ASP B 175 12.65 5.08 1.39
CA ASP B 175 12.25 6.29 0.70
C ASP B 175 12.88 7.51 1.39
N ILE B 176 12.80 8.64 0.70
CA ILE B 176 13.12 9.96 1.24
C ILE B 176 11.79 10.72 1.33
N LYS B 177 11.46 11.22 2.52
CA LYS B 177 10.19 11.95 2.77
C LYS B 177 10.47 13.45 2.69
N THR B 178 9.71 14.16 1.87
CA THR B 178 9.77 15.61 1.85
C THR B 178 9.09 16.14 3.11
N THR B 179 9.84 16.89 3.92
CA THR B 179 9.29 17.53 5.11
C THR B 179 9.16 19.04 4.97
N ASN B 180 9.99 19.63 4.13
CA ASN B 180 10.21 21.09 4.12
C ASN B 180 10.53 21.68 5.51
N ILE B 181 11.23 20.91 6.32
CA ILE B 181 11.69 21.31 7.64
C ILE B 181 13.22 21.35 7.57
N GLY B 182 13.78 22.49 7.92
CA GLY B 182 15.21 22.72 7.82
C GLY B 182 16.08 21.93 8.78
N GLN B 183 15.58 21.68 9.99
CA GLN B 183 16.36 20.96 10.97
C GLN B 183 15.44 20.08 11.80
N CYS B 184 15.27 18.85 11.34
CA CYS B 184 14.40 17.88 11.99
C CYS B 184 15.11 17.23 13.17
N ALA B 185 14.70 17.62 14.36
CA ALA B 185 15.42 17.28 15.58
C ALA B 185 14.89 16.00 16.29
N ASP B 186 13.63 15.66 16.05
CA ASP B 186 13.02 14.49 16.70
C ASP B 186 11.70 14.14 15.99
N VAL B 187 11.26 12.90 16.20
CA VAL B 187 10.03 12.39 15.60
C VAL B 187 9.35 11.52 16.62
N ASN B 188 8.01 11.58 16.67
CA ASN B 188 7.23 10.71 17.53
C ASN B 188 5.87 10.61 16.89
N PHE B 189 4.94 9.98 17.59
CA PHE B 189 3.56 9.79 17.09
C PHE B 189 2.59 10.14 18.21
N THR B 190 1.53 10.87 17.87
CA THR B 190 0.45 11.17 18.81
C THR B 190 -0.35 9.89 19.12
N LEU B 191 -1.21 9.95 20.12
CA LEU B 191 -2.07 8.83 20.47
C LEU B 191 -3.05 8.47 19.35
N ASN B 192 -3.37 9.42 18.48
CA ASN B 192 -4.21 9.08 17.32
CA ASN B 192 -4.21 9.21 17.28
C ASN B 192 -3.41 8.60 16.11
N GLY B 193 -2.10 8.50 16.25
CA GLY B 193 -1.26 7.93 15.20
C GLY B 193 -0.66 8.91 14.22
N ASP B 194 -0.88 10.21 14.44
CA ASP B 194 -0.29 11.23 13.56
C ASP B 194 1.19 11.36 13.91
N VAL B 196 4.54 13.42 14.69
CA VAL B 196 5.00 14.69 15.20
C VAL B 196 6.49 14.81 14.81
N VAL B 197 6.88 15.97 14.31
CA VAL B 197 8.27 16.27 13.95
C VAL B 197 8.67 17.66 14.48
N VAL B 198 9.78 17.70 15.21
CA VAL B 198 10.29 18.96 15.76
C VAL B 198 11.24 19.62 14.78
N ASP B 199 11.01 20.91 14.51
CA ASP B 199 11.94 21.76 13.76
C ASP B 199 12.66 22.63 14.77
N ASP B 200 13.97 22.44 14.85
CA ASP B 200 14.83 23.26 15.70
C ASP B 200 15.19 24.49 14.87
N GLN B 201 14.50 25.60 15.15
CA GLN B 201 14.71 26.85 14.41
C GLN B 201 14.66 28.06 15.36
N SER B 202 15.12 29.21 14.87
CA SER B 202 15.56 30.30 15.76
C SER B 202 14.56 31.42 16.04
N SER B 203 13.28 31.18 15.81
CA SER B 203 12.28 32.21 16.06
C SER B 203 11.16 31.74 17.00
N ASP B 204 10.85 32.56 18.01
CA ASP B 204 9.74 32.29 18.95
C ASP B 204 8.37 32.36 18.28
N THR B 205 8.29 32.98 17.11
CA THR B 205 7.00 33.17 16.44
C THR B 205 6.87 32.31 15.18
N ASN B 206 7.78 31.35 15.01
CA ASN B 206 7.63 30.32 13.97
C ASN B 206 7.43 28.93 14.58
N THR B 207 6.87 28.04 13.78
CA THR B 207 6.54 26.69 14.25
C THR B 207 7.76 25.88 14.65
N GLY B 208 7.69 25.26 15.84
CA GLY B 208 8.74 24.36 16.30
C GLY B 208 8.28 22.90 16.31
N ILE B 209 6.97 22.68 16.33
CA ILE B 209 6.42 21.34 16.27
C ILE B 209 5.39 21.23 15.15
N TYR B 210 5.65 20.29 14.25
CA TYR B 210 4.77 20.03 13.10
C TYR B 210 4.13 18.68 13.25
N LEU B 211 3.02 18.51 12.54
CA LEU B 211 2.31 17.22 12.51
CA LEU B 211 2.30 17.23 12.52
C LEU B 211 2.15 16.81 11.06
N PHE B 212 2.36 15.53 10.78
CA PHE B 212 2.05 14.98 9.44
C PHE B 212 0.93 13.98 9.63
N THR B 213 -0.15 14.15 8.89
CA THR B 213 -1.38 13.41 9.19
C THR B 213 -1.26 11.96 8.77
N ARG B 214 -1.76 11.08 9.60
CA ARG B 214 -1.82 9.67 9.29
C ARG B 214 -2.73 9.43 8.07
N ALA B 215 -3.82 10.19 7.98
CA ALA B 215 -4.78 10.07 6.86
C ALA B 215 -4.14 10.25 5.48
N SER B 216 -3.05 11.03 5.40
CA SER B 216 -2.36 11.36 4.15
C SER B 216 -1.14 10.48 3.88
N GLY B 217 -0.94 9.47 4.72
CA GLY B 217 0.30 8.69 4.67
C GLY B 217 1.50 9.51 5.11
N PHE B 218 1.28 10.41 6.05
CA PHE B 218 2.33 11.25 6.62
C PHE B 218 2.98 12.19 5.62
N THR B 219 2.14 12.78 4.77
CA THR B 219 2.59 13.73 3.74
C THR B 219 2.01 15.13 3.90
N GLU B 220 0.77 15.24 4.38
CA GLU B 220 0.16 16.56 4.66
C GLU B 220 0.66 17.08 6.01
N ARG B 221 1.27 18.25 5.99
CA ARG B 221 1.86 18.87 7.16
C ARG B 221 0.97 19.95 7.76
N LEU B 222 0.87 19.95 9.07
CA LEU B 222 0.14 20.97 9.83
C LEU B 222 1.11 21.54 10.87
N SER B 223 0.94 22.80 11.23
CA SER B 223 1.74 23.42 12.30
C SER B 223 1.01 23.27 13.61
N LEU B 224 1.67 22.73 14.63
CA LEU B 224 1.02 22.57 15.93
C LEU B 224 1.27 23.77 16.84
N CYS B 225 2.54 24.12 17.05
CA CYS B 225 2.84 25.27 17.92
C CYS B 225 4.21 25.88 17.67
N ASN B 226 4.32 27.15 18.01
CA ASN B 226 5.55 27.90 17.91
C ASN B 226 6.47 27.46 19.06
N ALA B 227 7.74 27.27 18.72
CA ALA B 227 8.75 27.00 19.73
C ALA B 227 10.10 27.27 19.10
N ARG B 228 10.93 28.03 19.80
CA ARG B 228 12.28 28.32 19.36
C ARG B 228 13.28 27.35 19.97
N GLY B 229 14.18 26.81 19.15
CA GLY B 229 15.23 25.94 19.63
C GLY B 229 14.76 24.63 20.28
N ALA B 230 13.66 24.09 19.75
CA ALA B 230 13.07 22.85 20.28
C ALA B 230 13.93 21.65 19.91
N LYS B 231 14.10 20.71 20.84
CA LYS B 231 15.03 19.59 20.64
C LYS B 231 14.46 18.16 20.67
N THR B 232 13.29 17.97 21.25
CA THR B 232 12.77 16.64 21.53
C THR B 232 11.28 16.73 21.63
N CYS B 233 10.59 15.63 21.34
CA CYS B 233 9.12 15.54 21.42
C CYS B 233 8.71 14.16 21.99
N ALA B 234 8.36 14.13 23.27
CA ALA B 234 8.05 12.91 23.98
C ALA B 234 6.55 12.88 24.30
N VAL B 235 5.81 11.97 23.66
CA VAL B 235 4.37 11.89 23.78
C VAL B 235 4.02 10.98 24.93
N HIS B 236 3.34 11.52 25.94
CA HIS B 236 3.01 10.74 27.12
C HIS B 236 1.99 9.66 26.73
N PRO B 237 2.22 8.41 27.17
CA PRO B 237 1.38 7.30 26.63
C PRO B 237 -0.09 7.25 27.05
N GLN B 238 -0.48 7.96 28.12
CA GLN B 238 -1.88 8.11 28.49
C GLN B 238 -2.43 9.48 28.21
N ASN B 239 -1.73 10.54 28.60
CA ASN B 239 -2.34 11.88 28.50
C ASN B 239 -2.16 12.48 27.12
N GLY B 240 -1.24 11.92 26.33
CA GLY B 240 -1.08 12.30 24.94
C GLY B 240 -0.40 13.62 24.68
N LYS B 241 -0.01 14.34 25.74
CA LYS B 241 0.70 15.62 25.58
C LYS B 241 2.13 15.38 25.03
N ILE B 242 2.58 16.33 24.24
CA ILE B 242 3.90 16.34 23.67
C ILE B 242 4.76 17.19 24.58
N TYR B 243 5.68 16.55 25.28
CA TYR B 243 6.64 17.20 26.17
C TYR B 243 7.94 17.48 25.43
N TYR B 244 8.43 18.70 25.58
CA TYR B 244 9.59 19.15 24.84
C TYR B 244 10.42 20.12 25.63
N THR B 245 11.61 20.41 25.10
CA THR B 245 12.49 21.43 25.64
C THR B 245 12.80 22.43 24.55
N ARG B 246 13.22 23.62 24.98
CA ARG B 246 13.73 24.66 24.09
C ARG B 246 15.09 25.16 24.61
N TYR B 247 16.00 25.40 23.68
CA TYR B 247 17.37 25.81 23.98
C TYR B 247 17.48 26.93 25.02
N HIS B 248 16.68 27.98 24.91
CA HIS B 248 16.86 29.14 25.79
C HIS B 248 16.08 29.14 27.12
N HIS B 249 15.54 27.98 27.49
CA HIS B 249 14.69 27.87 28.67
C HIS B 249 15.04 26.63 29.46
N ALA B 250 15.26 26.79 30.77
CA ALA B 250 15.59 25.63 31.65
C ALA B 250 14.30 25.02 32.20
N ILE B 252 10.87 21.85 31.16
CA ILE B 252 10.10 21.01 30.24
C ILE B 252 8.76 21.71 30.00
N SER B 253 8.40 21.81 28.73
CA SER B 253 7.15 22.39 28.28
C SER B 253 6.28 21.28 27.70
N SER B 254 5.01 21.59 27.47
CA SER B 254 4.17 20.65 26.73
C SER B 254 3.15 21.37 25.83
N TYR B 255 2.68 20.61 24.86
CA TYR B 255 1.61 21.00 23.98
C TYR B 255 0.65 19.82 23.92
N ASP B 256 -0.60 20.08 24.21
CA ASP B 256 -1.68 19.08 24.14
C ASP B 256 -2.39 19.11 22.80
N PRO B 257 -2.19 18.07 21.97
CA PRO B 257 -2.77 18.12 20.63
C PRO B 257 -4.30 17.97 20.63
N ALA B 258 -4.87 17.44 21.70
CA ALA B 258 -6.33 17.33 21.80
C ALA B 258 -7.02 18.68 22.01
N THR B 259 -6.38 19.58 22.77
CA THR B 259 -7.01 20.82 23.20
C THR B 259 -6.32 22.08 22.69
N GLY B 260 -5.09 21.95 22.21
CA GLY B 260 -4.31 23.11 21.81
C GLY B 260 -3.58 23.80 22.96
N THR B 261 -3.68 23.27 24.18
CA THR B 261 -3.12 23.96 25.34
C THR B 261 -1.60 23.86 25.43
N LEU B 262 -0.94 25.02 25.54
CA LEU B 262 0.51 25.01 25.75
CA LEU B 262 0.52 25.08 25.72
C LEU B 262 0.80 25.30 27.21
N THR B 263 1.66 24.48 27.81
CA THR B 263 2.09 24.68 29.18
C THR B 263 3.58 24.95 29.06
N GLU B 264 3.96 26.21 29.26
CA GLU B 264 5.36 26.60 29.07
C GLU B 264 6.28 25.96 30.10
N GLU B 265 5.85 25.91 31.36
CA GLU B 265 6.69 25.36 32.42
C GLU B 265 5.98 24.20 33.13
N GLU B 266 6.12 23.00 32.58
CA GLU B 266 5.65 21.79 33.28
C GLU B 266 6.52 21.58 34.53
N VAL B 267 7.82 21.78 34.39
CA VAL B 267 8.72 21.76 35.55
C VAL B 267 10.03 22.43 35.13
N ASP B 270 17.52 21.93 35.67
CA ASP B 270 18.76 22.53 36.21
C ASP B 270 19.76 22.98 35.13
N THR B 271 19.43 22.74 33.87
CA THR B 271 20.31 22.96 32.74
C THR B 271 19.46 23.37 31.53
N LYS B 272 19.99 24.32 30.76
CA LYS B 272 19.44 24.71 29.46
C LYS B 272 20.58 24.86 28.45
N GLY B 273 20.27 25.30 27.24
CA GLY B 273 21.32 25.60 26.29
C GLY B 273 22.05 24.36 25.80
N SER B 274 21.33 23.26 25.63
CA SER B 274 21.93 22.00 25.32
C SER B 274 20.88 21.12 24.69
N ASN B 275 21.33 20.01 24.11
CA ASN B 275 20.41 19.02 23.54
C ASN B 275 19.92 18.07 24.62
N PHE B 276 18.62 17.78 24.59
CA PHE B 276 18.05 16.80 25.49
C PHE B 276 17.20 15.84 24.67
N HIS B 277 17.03 14.64 25.17
CA HIS B 277 16.10 13.68 24.57
C HIS B 277 15.28 13.06 25.69
N ILE B 278 13.97 13.25 25.60
CA ILE B 278 13.06 12.77 26.65
C ILE B 278 12.39 11.50 26.13
N VAL B 279 12.37 10.48 26.97
CA VAL B 279 11.69 9.21 26.66
C VAL B 279 10.80 8.75 27.82
N TRP B 280 9.49 8.66 27.60
CA TRP B 280 8.55 8.11 28.57
C TRP B 280 8.74 6.63 28.81
N HIS B 281 8.76 6.24 30.07
CA HIS B 281 8.62 4.83 30.40
C HIS B 281 7.29 4.34 29.83
N PRO B 282 7.20 3.07 29.38
CA PRO B 282 5.94 2.61 28.80
C PRO B 282 4.73 2.75 29.69
N THR B 283 4.91 2.67 31.01
CA THR B 283 3.80 2.90 31.95
C THR B 283 3.29 4.33 32.00
N GLY B 284 4.10 5.29 31.58
CA GLY B 284 3.76 6.70 31.75
C GLY B 284 4.10 7.24 33.12
N ASP B 285 4.68 6.42 34.00
CA ASP B 285 4.83 6.84 35.40
C ASP B 285 5.96 7.86 35.57
N TRP B 286 6.86 7.88 34.60
CA TRP B 286 8.05 8.75 34.62
C TRP B 286 8.76 8.69 33.28
N ALA B 287 9.70 9.62 33.05
CA ALA B 287 10.50 9.66 31.82
C ALA B 287 11.97 9.79 32.17
N TYR B 288 12.82 9.31 31.28
CA TYR B 288 14.21 9.70 31.29
C TYR B 288 14.39 10.95 30.47
N ILE B 289 15.25 11.83 30.97
CA ILE B 289 15.75 12.99 30.25
C ILE B 289 17.23 12.74 30.00
N ILE B 290 17.57 12.46 28.75
CA ILE B 290 18.95 12.20 28.37
C ILE B 290 19.57 13.56 28.11
N TYR B 291 20.62 13.88 28.89
CA TYR B 291 21.39 15.09 28.69
C TYR B 291 22.47 14.79 27.64
N ASN B 292 22.14 15.03 26.37
CA ASN B 292 23.00 14.58 25.27
C ASN B 292 24.37 15.22 25.29
N GLY B 293 24.40 16.48 25.70
CA GLY B 293 25.65 17.24 25.71
C GLY B 293 26.32 17.26 27.05
N LYS B 294 25.63 16.80 28.10
CA LYS B 294 26.20 16.82 29.47
C LYS B 294 26.51 15.44 30.06
N HIS B 295 26.20 14.38 29.31
CA HIS B 295 26.74 13.04 29.57
C HIS B 295 26.12 12.41 30.82
N CYS B 296 24.80 12.58 30.98
CA CYS B 296 24.13 12.00 32.12
C CYS B 296 22.68 11.82 31.75
N ILE B 297 21.98 11.03 32.57
CA ILE B 297 20.56 10.76 32.37
C ILE B 297 19.85 11.05 33.69
N TYR B 298 18.78 11.83 33.62
CA TYR B 298 17.94 12.14 34.74
C TYR B 298 16.59 11.45 34.59
N ARG B 299 15.83 11.38 35.70
CA ARG B 299 14.47 10.86 35.71
CA ARG B 299 14.46 10.87 35.71
C ARG B 299 13.52 11.96 36.20
N VAL B 300 12.41 12.12 35.49
CA VAL B 300 11.36 13.06 35.90
C VAL B 300 10.08 12.24 36.16
N ASP B 301 9.56 12.29 37.38
CA ASP B 301 8.36 11.54 37.74
C ASP B 301 7.09 12.27 37.29
N TYR B 302 6.09 11.47 36.93
CA TYR B 302 4.76 11.98 36.60
C TYR B 302 3.80 11.60 37.71
N ASN B 303 3.16 12.60 38.29
CA ASN B 303 2.24 12.39 39.41
C ASN B 303 0.84 12.21 38.84
N ARG B 304 0.29 11.01 39.01
CA ARG B 304 -1.04 10.65 38.51
C ARG B 304 -2.17 11.44 39.15
N GLU B 305 -2.01 11.80 40.41
CA GLU B 305 -3.06 12.51 41.15
C GLU B 305 -3.21 13.94 40.61
N THR B 306 -2.10 14.59 40.27
CA THR B 306 -2.14 15.99 39.85
C THR B 306 -1.91 16.21 38.36
N GLY B 307 -1.33 15.21 37.69
CA GLY B 307 -0.93 15.33 36.30
C GLY B 307 0.31 16.17 36.10
N LYS B 308 1.04 16.47 37.18
CA LYS B 308 2.21 17.34 37.12
C LYS B 308 3.52 16.54 37.22
N LEU B 309 4.59 17.16 36.73
CA LEU B 309 5.93 16.59 36.78
C LEU B 309 6.62 16.99 38.08
N ALA B 310 7.36 16.05 38.64
CA ALA B 310 8.21 16.32 39.80
C ALA B 310 9.54 16.91 39.33
N VAL B 311 10.30 17.46 40.27
CA VAL B 311 11.64 17.95 39.96
C VAL B 311 12.52 16.77 39.48
N PRO B 312 13.20 16.94 38.35
CA PRO B 312 14.04 15.84 37.84
C PRO B 312 15.25 15.57 38.73
N TYR B 313 15.68 14.32 38.77
CA TYR B 313 16.90 13.95 39.51
C TYR B 313 17.82 13.09 38.68
N ILE B 314 19.14 13.19 38.93
CA ILE B 314 20.11 12.43 38.16
C ILE B 314 20.02 10.95 38.53
N VAL B 315 20.16 10.11 37.52
CA VAL B 315 20.16 8.66 37.69
C VAL B 315 21.53 8.08 37.37
N CYS B 316 22.14 8.48 36.27
CA CYS B 316 23.48 7.96 35.95
C CYS B 316 24.36 8.95 35.19
N GLY B 317 25.64 8.65 35.19
CA GLY B 317 26.66 9.57 34.70
C GLY B 317 26.95 10.71 35.64
N GLN B 318 27.87 11.56 35.22
CA GLN B 318 28.20 12.79 35.94
C GLN B 318 28.11 13.96 34.95
N HIS B 319 27.27 14.93 35.30
CA HIS B 319 27.00 16.11 34.50
C HIS B 319 28.31 16.80 34.13
N SER B 320 28.53 16.98 32.83
CA SER B 320 29.73 17.61 32.30
C SER B 320 31.03 16.82 32.50
N SER B 321 30.93 15.50 32.68
CA SER B 321 32.11 14.68 32.83
C SER B 321 32.03 13.50 31.88
N PRO B 322 32.45 13.71 30.62
CA PRO B 322 32.36 12.61 29.67
C PRO B 322 33.35 11.51 29.93
N GLY B 323 32.94 10.29 29.63
CA GLY B 323 33.87 9.14 29.66
C GLY B 323 33.14 7.86 29.34
N TRP B 324 33.89 6.77 29.29
CA TRP B 324 33.27 5.46 29.09
C TRP B 324 33.61 4.62 30.29
N VAL B 325 32.68 4.59 31.24
CA VAL B 325 32.90 3.81 32.44
C VAL B 325 31.57 3.14 32.77
N ASP B 326 31.56 1.82 32.72
CA ASP B 326 30.40 1.08 33.19
C ASP B 326 30.37 1.10 34.70
N GLY B 327 29.18 1.17 35.27
CA GLY B 327 29.07 1.12 36.71
C GLY B 327 27.67 1.46 37.18
N GLY B 329 24.94 3.96 38.66
CA GLY B 329 24.44 5.31 38.91
C GLY B 329 25.45 6.37 38.52
N THR B 330 25.75 7.29 39.42
CA THR B 330 26.69 8.36 39.11
C THR B 330 28.16 7.93 39.22
N GLY B 331 28.38 6.64 39.49
CA GLY B 331 29.73 6.06 39.34
C GLY B 331 30.02 5.73 37.86
N ALA B 332 28.98 5.63 37.04
CA ALA B 332 29.15 5.39 35.61
C ALA B 332 29.53 6.70 34.93
N ARG B 333 30.16 6.59 33.77
CA ARG B 333 30.36 7.74 32.90
C ARG B 333 29.82 7.41 31.54
N LEU B 334 29.15 8.40 30.97
CA LEU B 334 28.61 8.35 29.62
C LEU B 334 29.36 9.34 28.76
N TRP B 335 29.23 9.19 27.45
CA TRP B 335 29.90 10.09 26.53
C TRP B 335 28.99 10.31 25.32
N GLY B 336 28.26 11.43 25.36
CA GLY B 336 27.31 11.80 24.31
C GLY B 336 26.13 10.82 24.17
N PRO B 337 25.45 10.54 25.28
CA PRO B 337 24.28 9.66 25.14
C PRO B 337 23.24 10.33 24.27
N ASN B 338 22.72 9.60 23.29
CA ASN B 338 21.82 10.16 22.32
C ASN B 338 20.43 9.57 22.42
N GLN B 339 20.00 8.75 21.46
CA GLN B 339 18.67 8.16 21.61
C GLN B 339 18.69 6.95 22.54
N GLY B 340 17.59 6.78 23.27
CA GLY B 340 17.34 5.56 24.02
C GLY B 340 15.90 5.08 23.91
N ILE B 341 15.73 3.80 24.17
CA ILE B 341 14.44 3.14 24.12
C ILE B 341 14.29 2.11 25.23
N PHE B 342 13.05 1.86 25.61
CA PHE B 342 12.76 0.85 26.58
C PHE B 342 12.47 -0.46 25.88
N VAL B 343 13.04 -1.52 26.41
CA VAL B 343 12.87 -2.87 25.85
C VAL B 343 12.51 -3.84 26.97
N LYS B 344 11.38 -4.53 26.82
CA LYS B 344 10.93 -5.49 27.83
C LYS B 344 12.00 -6.56 28.08
N ASN B 345 12.25 -6.83 29.36
CA ASN B 345 13.16 -7.89 29.77
C ASN B 345 12.36 -8.94 30.51
N GLU B 346 12.27 -10.13 29.93
CA GLU B 346 11.45 -11.21 30.51
C GLU B 346 11.93 -11.66 31.89
N ALA B 347 13.20 -11.43 32.21
CA ALA B 347 13.73 -11.68 33.57
C ALA B 347 13.08 -10.79 34.64
N TYR B 348 12.50 -9.66 34.22
CA TYR B 348 11.82 -8.76 35.15
C TYR B 348 10.30 -8.97 35.18
N ALA B 349 9.81 -10.03 34.54
CA ALA B 349 8.38 -10.32 34.52
C ALA B 349 7.79 -10.25 35.92
N GLY B 350 6.71 -9.48 36.08
CA GLY B 350 6.05 -9.35 37.37
C GLY B 350 6.60 -8.26 38.29
N GLU B 351 7.73 -7.65 37.93
CA GLU B 351 8.32 -6.59 38.76
C GLU B 351 7.67 -5.27 38.38
N GLU B 352 7.88 -4.24 39.21
CA GLU B 352 7.28 -2.93 38.91
C GLU B 352 7.82 -2.37 37.61
N ASP B 353 9.12 -2.57 37.36
CA ASP B 353 9.72 -2.11 36.12
C ASP B 353 10.16 -3.33 35.29
N GLU B 354 9.46 -3.54 34.19
CA GLU B 354 9.72 -4.71 33.35
C GLU B 354 10.64 -4.43 32.18
N TYR B 355 11.28 -3.25 32.18
CA TYR B 355 12.02 -2.79 31.02
C TYR B 355 13.46 -2.43 31.33
N ASP B 356 14.35 -2.72 30.39
CA ASP B 356 15.68 -2.12 30.34
C ASP B 356 15.66 -0.93 29.36
N PHE B 357 16.58 0.01 29.54
CA PHE B 357 16.69 1.18 28.69
C PHE B 357 17.99 1.07 27.89
N TYR B 358 17.88 0.76 26.61
CA TYR B 358 19.04 0.65 25.71
C TYR B 358 19.25 1.99 25.05
N PHE B 359 20.49 2.49 25.05
CA PHE B 359 20.80 3.79 24.44
C PHE B 359 22.12 3.79 23.68
N CYS B 360 22.21 4.67 22.67
CA CYS B 360 23.43 4.89 21.94
C CYS B 360 24.26 5.94 22.67
N ASP B 361 25.49 5.56 22.97
CA ASP B 361 26.46 6.47 23.61
C ASP B 361 27.38 6.86 22.48
N ARG B 362 27.07 7.98 21.83
CA ARG B 362 27.65 8.32 20.54
C ARG B 362 29.16 8.47 20.56
N ASP B 363 29.68 9.14 21.58
CA ASP B 363 31.09 9.46 21.62
C ASP B 363 31.97 8.44 22.33
N SER B 364 31.36 7.46 22.99
CA SER B 364 32.10 6.24 23.37
C SER B 364 31.97 5.12 22.33
N HIS B 365 31.12 5.37 21.33
CA HIS B 365 30.89 4.46 20.22
C HIS B 365 30.29 3.12 20.63
N THR B 366 29.31 3.19 21.53
CA THR B 366 28.72 1.96 22.06
C THR B 366 27.20 2.05 22.11
N VAL B 367 26.60 0.87 22.19
CA VAL B 367 25.22 0.71 22.66
C VAL B 367 25.32 0.23 24.10
N ARG B 368 24.61 0.91 24.99
CA ARG B 368 24.68 0.65 26.42
C ARG B 368 23.29 0.44 26.97
N VAL B 369 23.24 -0.11 28.19
CA VAL B 369 21.98 -0.45 28.85
C VAL B 369 21.98 0.18 30.24
N LEU B 370 20.85 0.82 30.58
CA LEU B 370 20.60 1.35 31.90
C LEU B 370 19.44 0.52 32.49
N THR B 371 19.73 -0.23 33.55
CA THR B 371 18.77 -1.10 34.18
C THR B 371 17.95 -0.35 35.25
N PRO B 372 16.84 -0.94 35.69
CA PRO B 372 16.01 -0.28 36.69
C PRO B 372 16.74 0.03 38.00
N GLU B 373 17.71 -0.79 38.39
CA GLU B 373 18.47 -0.50 39.60
C GLU B 373 19.45 0.66 39.41
N GLY B 374 19.66 1.09 38.17
CA GLY B 374 20.59 2.20 37.88
C GLY B 374 21.96 1.80 37.38
N ARG B 375 22.12 0.55 36.94
CA ARG B 375 23.40 0.06 36.46
C ARG B 375 23.55 0.33 34.97
N VAL B 376 24.72 0.82 34.59
CA VAL B 376 25.07 1.04 33.19
C VAL B 376 26.10 0.00 32.76
N THR B 377 25.76 -0.75 31.70
CA THR B 377 26.65 -1.76 31.13
CA THR B 377 26.61 -1.79 31.15
C THR B 377 26.75 -1.54 29.65
N THR B 378 27.82 -2.01 29.04
CA THR B 378 27.99 -1.83 27.60
C THR B 378 27.50 -3.09 26.90
N TYR B 379 26.59 -2.91 25.96
CA TYR B 379 26.00 -4.02 25.21
C TYR B 379 26.83 -4.36 23.98
N ALA B 380 27.23 -3.35 23.22
CA ALA B 380 27.97 -3.60 21.98
C ALA B 380 28.88 -2.43 21.66
N GLY B 381 29.98 -2.73 20.97
CA GLY B 381 30.91 -1.69 20.55
C GLY B 381 32.28 -1.87 21.17
N ARG B 382 33.23 -1.10 20.67
CA ARG B 382 34.61 -1.06 21.16
C ARG B 382 35.36 -2.38 21.07
N GLY B 383 35.04 -3.17 20.07
CA GLY B 383 35.76 -4.40 19.81
C GLY B 383 37.16 -4.18 19.24
N ASN B 384 37.88 -5.28 19.12
CA ASN B 384 39.15 -5.32 18.38
C ASN B 384 40.20 -4.31 18.96
N SER B 385 40.12 -4.07 20.26
CA SER B 385 41.02 -3.15 20.97
C SER B 385 41.00 -1.72 20.41
N ARG B 386 39.86 -1.32 19.86
CA ARG B 386 39.65 -0.01 19.25
CA ARG B 386 39.69 0.00 19.31
C ARG B 386 38.45 0.65 19.92
N GLU B 387 38.30 1.94 19.70
CA GLU B 387 37.16 2.67 20.20
C GLU B 387 36.11 2.76 19.10
N TRP B 388 36.51 3.32 17.96
CA TRP B 388 35.61 3.50 16.80
C TRP B 388 36.15 2.80 15.56
N GLY B 389 35.22 2.51 14.65
CA GLY B 389 35.55 1.85 13.41
C GLY B 389 34.27 1.32 12.75
N TYR B 390 34.47 0.38 11.83
CA TYR B 390 33.38 -0.29 11.14
C TYR B 390 33.70 -1.77 11.03
N VAL B 391 33.23 -2.55 12.00
CA VAL B 391 33.45 -3.99 12.04
C VAL B 391 32.16 -4.65 12.53
N ASP B 392 31.70 -5.63 11.77
CA ASP B 392 30.55 -6.42 12.16
C ASP B 392 31.07 -7.65 12.90
N GLY B 393 30.25 -8.21 13.79
CA GLY B 393 30.59 -9.43 14.49
C GLY B 393 30.16 -9.46 15.95
N GLU B 394 30.94 -10.18 16.76
CA GLU B 394 30.59 -10.42 18.18
C GLU B 394 30.48 -9.07 18.89
N LEU B 395 29.50 -8.94 19.78
CA LEU B 395 29.11 -7.64 20.32
C LEU B 395 30.22 -6.82 20.97
N ARG B 396 31.02 -7.47 21.81
CA ARG B 396 32.07 -6.81 22.60
C ARG B 396 33.49 -7.15 22.12
N SER B 397 33.70 -8.34 21.56
CA SER B 397 35.04 -8.71 21.13
C SER B 397 35.44 -8.12 19.77
N GLN B 398 34.46 -7.86 18.91
CA GLN B 398 34.74 -7.51 17.51
C GLN B 398 34.06 -6.24 17.03
N ALA B 399 32.81 -6.05 17.40
CA ALA B 399 32.00 -5.01 16.76
C ALA B 399 32.55 -3.61 17.01
N LEU B 400 32.56 -2.80 15.96
CA LEU B 400 32.87 -1.38 16.09
C LEU B 400 31.84 -0.55 15.35
N PHE B 401 31.49 0.56 15.99
CA PHE B 401 30.62 1.61 15.47
C PHE B 401 31.43 2.91 15.35
N ASN B 402 30.84 3.91 14.72
CA ASN B 402 31.44 5.25 14.61
C ASN B 402 30.29 6.24 14.77
N HIS B 403 30.11 6.71 15.99
CA HIS B 403 29.02 7.63 16.38
C HIS B 403 27.62 7.01 16.22
N PRO B 404 27.39 5.88 16.89
CA PRO B 404 26.04 5.32 16.94
C PRO B 404 25.15 6.29 17.70
N THR B 405 23.99 6.60 17.14
CA THR B 405 23.21 7.74 17.60
C THR B 405 21.72 7.41 17.84
N SER B 406 21.11 6.71 16.89
CA SER B 406 19.69 6.36 16.94
C SER B 406 19.53 4.87 17.17
N ILE B 407 18.42 4.49 17.74
CA ILE B 407 18.17 3.09 18.05
C ILE B 407 16.67 2.82 18.03
N ALA B 408 16.32 1.63 17.55
CA ALA B 408 14.97 1.09 17.60
C ALA B 408 15.01 -0.41 17.86
N TYR B 409 13.98 -0.91 18.53
CA TYR B 409 13.86 -2.35 18.74
C TYR B 409 12.68 -2.90 17.98
N ASP B 410 12.97 -3.84 17.11
CA ASP B 410 11.95 -4.47 16.29
C ASP B 410 11.45 -5.70 17.02
N LYS B 412 8.84 -7.54 16.35
CA LYS B 412 8.37 -8.57 15.44
C LYS B 412 9.54 -9.45 14.97
N ARG B 413 10.65 -8.81 14.63
CA ARG B 413 11.79 -9.53 14.08
C ARG B 413 12.86 -9.82 15.15
N LYS B 414 12.66 -9.28 16.34
CA LYS B 414 13.50 -9.52 17.52
C LYS B 414 14.95 -9.10 17.29
N CYS B 415 15.11 -7.82 16.97
CA CYS B 415 16.42 -7.27 16.65
C CYS B 415 16.46 -5.79 16.90
N PHE B 416 17.66 -5.26 17.15
CA PHE B 416 17.86 -3.82 17.21
C PHE B 416 18.32 -3.31 15.86
N TYR B 417 17.91 -2.10 15.54
CA TYR B 417 18.52 -1.30 14.48
C TYR B 417 19.23 -0.11 15.12
N ILE B 418 20.44 0.15 14.64
CA ILE B 418 21.28 1.21 15.15
C ILE B 418 21.67 2.15 14.02
N GLY B 419 21.46 3.45 14.21
CA GLY B 419 21.87 4.41 13.24
C GLY B 419 23.30 4.77 13.53
N ASP B 420 24.22 4.22 12.73
CA ASP B 420 25.65 4.31 12.97
C ASP B 420 26.14 5.45 12.09
N CYS B 421 26.12 6.65 12.65
CA CYS B 421 26.06 7.84 11.81
CA CYS B 421 26.07 7.85 11.85
C CYS B 421 27.29 8.09 10.97
N ASP B 422 28.48 7.94 11.54
CA ASP B 422 29.67 8.15 10.76
C ASP B 422 30.18 6.94 9.98
N ASN B 423 29.44 5.83 10.04
CA ASN B 423 29.56 4.77 9.07
C ASN B 423 28.45 4.82 7.99
N HIS B 424 27.47 5.73 8.18
CA HIS B 424 26.45 6.04 7.18
C HIS B 424 25.58 4.82 6.88
N ARG B 425 25.42 3.98 7.88
CA ARG B 425 24.72 2.69 7.74
C ARG B 425 23.78 2.45 8.91
N VAL B 426 22.70 1.71 8.64
CA VAL B 426 21.91 1.13 9.72
C VAL B 426 22.48 -0.26 10.01
N ARG B 427 22.89 -0.46 11.25
CA ARG B 427 23.42 -1.72 11.72
C ARG B 427 22.28 -2.47 12.42
N LYS B 428 22.41 -3.78 12.49
CA LYS B 428 21.44 -4.65 13.15
C LYS B 428 22.15 -5.47 14.22
N ILE B 429 21.50 -5.62 15.36
CA ILE B 429 21.96 -6.54 16.40
C ILE B 429 20.88 -7.61 16.57
N ALA B 430 21.24 -8.87 16.36
CA ALA B 430 20.32 -9.99 16.33
C ALA B 430 21.12 -11.28 16.47
N PRO B 431 20.45 -12.42 16.70
CA PRO B 431 21.12 -13.71 16.69
C PRO B 431 21.89 -13.92 15.40
N GLU B 432 23.09 -14.47 15.52
CA GLU B 432 23.88 -14.80 14.33
C GLU B 432 23.11 -15.80 13.47
N GLU B 433 23.28 -15.71 12.16
CA GLU B 433 22.80 -16.80 11.29
C GLU B 433 23.79 -17.16 10.19
N SER C 10 -13.55 -22.17 -5.71
CA SER C 10 -14.76 -23.04 -5.67
C SER C 10 -14.97 -23.64 -4.26
N GLY C 11 -15.54 -24.83 -4.18
CA GLY C 11 -15.97 -25.43 -2.91
C GLY C 11 -17.09 -26.43 -3.16
N THR C 12 -17.76 -26.90 -2.11
CA THR C 12 -18.83 -27.89 -2.27
C THR C 12 -19.93 -27.34 -3.20
N PRO C 13 -20.27 -28.06 -4.28
CA PRO C 13 -21.34 -27.57 -5.13
C PRO C 13 -22.68 -27.54 -4.40
N PHE C 14 -23.54 -26.61 -4.78
CA PHE C 14 -24.86 -26.49 -4.18
C PHE C 14 -25.65 -27.77 -4.38
N ASN C 15 -26.38 -28.16 -3.35
CA ASN C 15 -27.20 -29.35 -3.43
C ASN C 15 -28.65 -28.93 -3.25
N PRO C 16 -29.45 -28.99 -4.33
CA PRO C 16 -30.83 -28.52 -4.22
C PRO C 16 -31.73 -29.41 -3.34
N LYS C 17 -31.24 -30.58 -2.95
CA LYS C 17 -31.99 -31.48 -2.08
C LYS C 17 -31.80 -31.20 -0.58
N GLU C 18 -30.99 -30.17 -0.27
CA GLU C 18 -30.61 -29.85 1.11
C GLU C 18 -30.84 -28.40 1.41
N GLU C 19 -31.00 -28.11 2.70
CA GLU C 19 -31.35 -26.77 3.14
C GLU C 19 -30.11 -25.88 3.21
N ILE C 20 -30.34 -24.56 3.16
CA ILE C 20 -29.27 -23.59 3.30
C ILE C 20 -29.29 -23.15 4.76
N VAL C 21 -28.13 -23.21 5.41
CA VAL C 21 -28.00 -22.78 6.81
C VAL C 21 -27.10 -21.56 6.84
N VAL C 22 -27.55 -20.50 7.50
CA VAL C 22 -26.71 -19.32 7.74
C VAL C 22 -26.42 -19.29 9.24
N GLU C 23 -25.21 -19.67 9.60
CA GLU C 23 -24.81 -19.89 11.00
C GLU C 23 -24.41 -18.58 11.70
N LYS C 24 -23.53 -17.81 11.08
CA LYS C 24 -23.03 -16.58 11.67
C LYS C 24 -22.30 -15.71 10.62
N PHE C 25 -21.88 -14.53 11.03
CA PHE C 25 -21.12 -13.63 10.17
C PHE C 25 -20.13 -12.82 10.99
N LEU C 26 -19.02 -12.44 10.37
CA LEU C 26 -18.00 -11.61 11.00
C LEU C 26 -17.51 -10.57 10.00
N PRO C 27 -17.43 -9.30 10.42
CA PRO C 27 -17.77 -8.76 11.74
C PRO C 27 -19.28 -8.70 11.95
N THR C 28 -19.72 -8.51 13.19
CA THR C 28 -21.15 -8.45 13.51
C THR C 28 -21.72 -7.04 13.40
N GLU C 29 -20.85 -6.07 13.13
CA GLU C 29 -21.26 -4.68 12.94
C GLU C 29 -20.42 -4.04 11.84
N GLY C 30 -20.93 -2.98 11.25
CA GLY C 30 -20.16 -2.27 10.23
C GLY C 30 -20.97 -1.25 9.47
N ARG C 31 -20.28 -0.46 8.68
CA ARG C 31 -20.90 0.58 7.85
C ARG C 31 -20.99 0.05 6.42
N LYS C 32 -21.69 0.78 5.54
CA LYS C 32 -21.78 0.38 4.14
C LYS C 32 -20.35 0.25 3.61
N GLY C 33 -20.11 -0.78 2.81
CA GLY C 33 -18.77 -1.06 2.30
C GLY C 33 -18.02 -2.09 3.12
N THR C 34 -18.44 -2.32 4.36
CA THR C 34 -17.78 -3.31 5.22
C THR C 34 -17.80 -4.68 4.57
N ARG C 35 -16.63 -5.33 4.53
CA ARG C 35 -16.53 -6.70 4.03
C ARG C 35 -16.99 -7.65 5.13
N VAL C 36 -17.99 -8.47 4.82
CA VAL C 36 -18.58 -9.41 5.79
C VAL C 36 -18.43 -10.84 5.29
N VAL C 37 -17.83 -11.69 6.11
CA VAL C 37 -17.81 -13.13 5.82
C VAL C 37 -19.04 -13.75 6.48
N VAL C 38 -19.82 -14.47 5.70
CA VAL C 38 -21.00 -15.16 6.20
C VAL C 38 -20.67 -16.65 6.19
N TYR C 39 -21.00 -17.33 7.28
CA TYR C 39 -20.66 -18.75 7.45
C TYR C 39 -21.95 -19.56 7.53
N GLY C 40 -21.91 -20.76 6.96
CA GLY C 40 -23.09 -21.61 6.95
C GLY C 40 -22.88 -22.87 6.16
N ARG C 41 -23.94 -23.33 5.50
CA ARG C 41 -23.85 -24.53 4.71
C ARG C 41 -24.70 -24.43 3.47
N ASN C 42 -24.19 -25.01 2.37
CA ASN C 42 -24.91 -25.20 1.10
C ASN C 42 -25.10 -23.91 0.34
N PHE C 43 -24.06 -23.06 0.35
CA PHE C 43 -24.04 -21.83 -0.43
C PHE C 43 -23.62 -22.08 -1.87
N GLY C 44 -22.99 -23.23 -2.13
CA GLY C 44 -22.53 -23.60 -3.45
C GLY C 44 -21.17 -22.98 -3.75
N ASN C 45 -20.72 -23.12 -4.99
CA ASN C 45 -19.40 -22.64 -5.39
C ASN C 45 -19.45 -21.72 -6.62
N ASP C 46 -20.63 -21.17 -6.91
CA ASP C 46 -20.83 -20.30 -8.08
C ASP C 46 -21.37 -18.95 -7.63
N VAL C 47 -20.54 -17.91 -7.72
CA VAL C 47 -20.93 -16.57 -7.26
C VAL C 47 -22.17 -16.05 -7.98
N SER C 48 -22.33 -16.40 -9.25
CA SER C 48 -23.45 -15.87 -10.04
C SER C 48 -24.82 -16.42 -9.62
N LYS C 49 -24.83 -17.54 -8.87
CA LYS C 49 -26.09 -18.16 -8.44
C LYS C 49 -26.46 -17.86 -6.99
N VAL C 50 -25.59 -17.17 -6.25
CA VAL C 50 -25.82 -16.90 -4.83
C VAL C 50 -26.24 -15.46 -4.66
N LYS C 51 -27.29 -15.25 -3.85
CA LYS C 51 -27.80 -13.91 -3.58
C LYS C 51 -27.79 -13.68 -2.09
N VAL C 52 -27.29 -12.51 -1.69
CA VAL C 52 -27.26 -12.12 -0.29
C VAL C 52 -27.99 -10.78 -0.10
N THR C 53 -28.81 -10.72 0.95
CA THR C 53 -29.39 -9.45 1.37
C THR C 53 -29.08 -9.19 2.85
N ILE C 54 -28.81 -7.93 3.17
CA ILE C 54 -28.66 -7.50 4.56
C ILE C 54 -29.65 -6.35 4.75
N GLY C 55 -30.54 -6.50 5.73
CA GLY C 55 -31.65 -5.59 5.91
C GLY C 55 -32.60 -5.57 4.72
N GLY C 56 -32.61 -6.65 3.94
CA GLY C 56 -33.44 -6.72 2.75
C GLY C 56 -32.86 -6.07 1.50
N TYR C 57 -31.67 -5.48 1.63
CA TYR C 57 -30.96 -4.89 0.50
C TYR C 57 -29.90 -5.84 -0.07
N PRO C 58 -29.90 -6.02 -1.40
CA PRO C 58 -28.88 -6.82 -2.07
C PRO C 58 -27.46 -6.39 -1.71
N ALA C 59 -26.63 -7.38 -1.37
CA ALA C 59 -25.24 -7.17 -1.03
C ALA C 59 -24.38 -7.76 -2.14
N LYS C 60 -23.37 -7.03 -2.59
CA LYS C 60 -22.43 -7.54 -3.58
C LYS C 60 -21.71 -8.77 -3.01
N VAL C 61 -21.72 -9.88 -3.74
CA VAL C 61 -20.99 -11.07 -3.34
C VAL C 61 -19.64 -11.16 -4.07
N ILE C 62 -18.56 -11.23 -3.30
CA ILE C 62 -17.19 -11.27 -3.85
C ILE C 62 -16.75 -12.71 -4.14
N ASN C 63 -17.01 -13.62 -3.20
CA ASN C 63 -16.72 -15.02 -3.43
C ASN C 63 -17.73 -15.90 -2.70
N VAL C 64 -17.75 -17.17 -3.06
CA VAL C 64 -18.54 -18.15 -2.35
C VAL C 64 -17.81 -19.50 -2.37
N LYS C 65 -17.77 -20.16 -1.20
CA LYS C 65 -16.90 -21.31 -0.98
C LYS C 65 -17.62 -22.47 -0.28
N GLY C 66 -18.92 -22.58 -0.53
CA GLY C 66 -19.73 -23.68 -0.02
C GLY C 66 -20.24 -23.47 1.39
N GLU C 67 -19.31 -23.33 2.34
CA GLU C 67 -19.63 -23.12 3.74
C GLU C 67 -19.35 -21.68 4.21
N SER C 68 -18.86 -20.84 3.29
CA SER C 68 -18.72 -19.41 3.56
C SER C 68 -18.86 -18.60 2.28
N LEU C 69 -19.14 -17.32 2.45
CA LEU C 69 -19.08 -16.38 1.34
C LEU C 69 -18.58 -15.05 1.85
N LEU C 70 -18.05 -14.24 0.93
CA LEU C 70 -17.62 -12.89 1.24
C LEU C 70 -18.55 -11.94 0.50
N CYS C 71 -19.13 -10.99 1.25
CA CYS C 71 -20.00 -9.99 0.64
C CYS C 71 -19.65 -8.59 1.19
N ILE C 72 -20.28 -7.56 0.61
CA ILE C 72 -20.05 -6.17 1.00
C ILE C 72 -21.36 -5.57 1.53
N CYS C 73 -21.31 -5.03 2.74
CA CYS C 73 -22.51 -4.48 3.36
C CYS C 73 -23.07 -3.36 2.49
N PRO C 74 -24.37 -3.44 2.13
CA PRO C 74 -24.93 -2.35 1.36
C PRO C 74 -25.36 -1.18 2.24
N SER C 75 -25.68 -0.06 1.62
CA SER C 75 -26.29 1.02 2.35
C SER C 75 -27.71 0.62 2.75
N LYS C 76 -28.24 1.28 3.78
CA LYS C 76 -29.63 1.15 4.22
C LYS C 76 -29.93 -0.22 4.82
N ALA C 77 -28.92 -0.89 5.35
CA ALA C 77 -29.08 -2.23 5.92
C ALA C 77 -29.61 -2.22 7.37
N TYR C 78 -30.49 -1.27 7.70
CA TYR C 78 -30.90 -1.03 9.10
C TYR C 78 -31.53 -2.24 9.79
N GLU C 79 -32.41 -2.95 9.08
CA GLU C 79 -33.14 -4.06 9.71
C GLU C 79 -32.21 -5.22 10.11
N GLY C 80 -31.07 -5.36 9.42
CA GLY C 80 -29.99 -6.23 9.86
C GLY C 80 -30.11 -7.71 9.55
N ASP C 81 -31.26 -8.17 9.04
CA ASP C 81 -31.44 -9.59 8.70
C ASP C 81 -30.45 -9.99 7.61
N VAL C 82 -29.72 -11.07 7.82
CA VAL C 82 -28.80 -11.61 6.81
C VAL C 82 -29.41 -12.86 6.17
N LYS C 83 -29.68 -12.79 4.87
CA LYS C 83 -30.34 -13.87 4.14
C LYS C 83 -29.47 -14.29 2.97
N VAL C 84 -29.31 -15.61 2.78
CA VAL C 84 -28.54 -16.17 1.67
C VAL C 84 -29.47 -17.10 0.88
N SER C 85 -29.53 -16.90 -0.44
CA SER C 85 -30.38 -17.67 -1.33
C SER C 85 -29.56 -18.19 -2.49
N VAL C 86 -29.97 -19.30 -3.08
CA VAL C 86 -29.36 -19.80 -4.30
C VAL C 86 -30.42 -19.96 -5.38
N VAL C 87 -30.13 -19.45 -6.58
CA VAL C 87 -31.02 -19.58 -7.73
C VAL C 87 -30.53 -20.65 -8.71
N GLY C 88 -31.42 -21.09 -9.58
CA GLY C 88 -31.08 -22.06 -10.63
C GLY C 88 -30.69 -21.38 -11.94
N ASP C 89 -30.68 -22.15 -13.01
CA ASP C 89 -30.31 -21.62 -14.34
C ASP C 89 -31.37 -20.65 -14.87
N ASP C 90 -32.63 -20.87 -14.50
CA ASP C 90 -33.73 -19.94 -14.82
C ASP C 90 -33.77 -18.68 -13.94
N GLU C 91 -32.89 -18.61 -12.94
CA GLU C 91 -32.83 -17.51 -11.97
C GLU C 91 -33.96 -17.53 -10.91
N ALA C 92 -34.75 -18.60 -10.89
CA ALA C 92 -35.73 -18.83 -9.84
C ALA C 92 -35.02 -19.29 -8.57
N GLU C 93 -35.46 -18.81 -7.41
CA GLU C 93 -34.93 -19.23 -6.10
C GLU C 93 -35.19 -20.71 -5.87
N LEU C 94 -34.14 -21.44 -5.52
CA LEU C 94 -34.26 -22.87 -5.19
C LEU C 94 -34.30 -23.07 -3.67
N LYS C 95 -33.41 -22.41 -2.95
CA LYS C 95 -33.38 -22.49 -1.48
C LYS C 95 -32.95 -21.16 -0.88
N SER C 96 -33.34 -20.93 0.38
CA SER C 96 -32.86 -19.78 1.12
C SER C 96 -32.75 -20.06 2.60
N GLY C 97 -31.91 -19.27 3.26
CA GLY C 97 -31.73 -19.34 4.70
C GLY C 97 -31.48 -17.97 5.29
N VAL C 98 -31.92 -17.78 6.54
CA VAL C 98 -31.73 -16.51 7.26
C VAL C 98 -31.01 -16.80 8.56
N CYS C 99 -30.08 -15.93 8.92
CA CYS C 99 -29.38 -16.04 10.18
C CYS C 99 -30.30 -15.64 11.33
N GLU C 100 -30.12 -16.27 12.50
CA GLU C 100 -30.85 -15.85 13.70
C GLU C 100 -30.32 -14.52 14.26
N ALA C 101 -29.02 -14.28 14.11
CA ALA C 101 -28.40 -13.02 14.54
C ALA C 101 -28.59 -11.94 13.48
N LYS C 102 -28.85 -10.71 13.90
CA LYS C 102 -28.94 -9.59 12.97
C LYS C 102 -27.64 -8.77 12.95
N PHE C 103 -27.29 -8.26 11.78
CA PHE C 103 -26.09 -7.45 11.60
C PHE C 103 -26.38 -6.04 12.13
N ASP C 104 -25.46 -5.48 12.91
CA ASP C 104 -25.60 -4.11 13.44
C ASP C 104 -25.06 -3.09 12.44
N TYR C 105 -25.95 -2.55 11.61
CA TYR C 105 -25.57 -1.59 10.58
C TYR C 105 -25.32 -0.19 11.16
N GLN C 106 -24.15 0.37 10.87
CA GLN C 106 -23.72 1.68 11.38
C GLN C 106 -23.68 2.70 10.24
N TYR C 107 -23.96 3.96 10.58
CA TYR C 107 -23.99 5.02 9.58
C TYR C 107 -23.84 6.39 10.22
N ASN C 108 -23.36 7.34 9.42
CA ASN C 108 -23.32 8.72 9.79
C ASN C 108 -24.35 9.46 8.98
N TYR C 109 -24.82 10.56 9.55
CA TYR C 109 -25.63 11.50 8.80
C TYR C 109 -24.68 12.36 7.97
N VAL C 110 -25.12 12.78 6.79
CA VAL C 110 -24.32 13.63 5.90
C VAL C 110 -25.24 14.65 5.21
N VAL C 111 -24.64 15.73 4.73
CA VAL C 111 -25.37 16.75 3.99
C VAL C 111 -25.28 16.44 2.50
N THR C 112 -26.43 16.46 1.83
CA THR C 112 -26.47 16.32 0.36
C THR C 112 -27.35 17.43 -0.18
N THR C 113 -27.45 17.50 -1.49
CA THR C 113 -28.30 18.46 -2.14
C THR C 113 -29.50 17.75 -2.71
N PHE C 114 -30.69 18.18 -2.29
CA PHE C 114 -31.95 17.56 -2.66
C PHE C 114 -32.53 18.20 -3.93
N LEU C 115 -32.69 19.52 -3.93
CA LEU C 115 -33.33 20.25 -5.03
C LEU C 115 -32.60 21.54 -5.36
N GLY C 116 -32.59 21.86 -6.66
CA GLY C 116 -31.97 23.07 -7.16
C GLY C 116 -30.69 22.84 -7.93
N LYS C 117 -30.59 23.51 -9.08
CA LYS C 117 -29.43 23.41 -9.96
CA LYS C 117 -29.41 23.42 -9.95
C LYS C 117 -29.14 24.81 -10.49
N LEU C 118 -27.87 25.16 -10.61
CA LEU C 118 -27.43 26.47 -11.06
C LEU C 118 -26.50 26.31 -12.27
N TYR C 119 -26.18 27.42 -12.91
CA TYR C 119 -25.22 27.40 -14.02
C TYR C 119 -24.26 28.59 -13.96
N GLU C 120 -23.28 28.57 -14.87
CA GLU C 120 -22.20 29.55 -14.91
C GLU C 120 -21.47 29.63 -13.55
N ASN C 121 -20.93 28.49 -13.13
CA ASN C 121 -20.25 28.39 -11.83
C ASN C 121 -21.02 29.01 -10.67
N ASN C 122 -22.27 28.59 -10.52
CA ASN C 122 -23.13 29.01 -9.43
C ASN C 122 -23.50 30.48 -9.37
N THR C 123 -23.39 31.16 -10.49
CA THR C 123 -23.76 32.57 -10.53
C THR C 123 -25.13 32.84 -11.17
N LYS C 124 -25.67 31.84 -11.87
CA LYS C 124 -26.96 32.00 -12.52
C LYS C 124 -27.86 30.82 -12.24
N TRP C 125 -29.18 31.06 -12.33
CA TRP C 125 -30.20 30.00 -12.29
C TRP C 125 -31.52 30.50 -12.90
N ASP C 126 -32.34 29.56 -13.30
CA ASP C 126 -33.67 29.85 -13.83
C ASP C 126 -34.65 29.65 -12.69
N VAL C 127 -35.74 30.40 -12.72
CA VAL C 127 -36.82 30.21 -11.75
C VAL C 127 -38.02 29.73 -12.53
N LEU C 128 -38.46 28.52 -12.21
CA LEU C 128 -39.57 27.91 -12.90
C LEU C 128 -40.13 26.74 -12.12
N ALA C 129 -41.41 26.46 -12.34
CA ALA C 129 -42.03 25.25 -11.86
C ALA C 129 -41.53 24.11 -12.74
N GLY C 130 -41.29 22.97 -12.13
CA GLY C 130 -40.88 21.82 -12.90
C GLY C 130 -40.62 20.60 -12.06
N PRO C 131 -40.24 19.51 -12.73
CA PRO C 131 -39.93 18.28 -12.02
C PRO C 131 -38.74 18.45 -11.10
N PHE C 132 -38.59 17.55 -10.14
CA PHE C 132 -37.50 17.56 -9.17
C PHE C 132 -36.12 17.76 -9.80
N ASP C 133 -35.85 17.04 -10.89
CA ASP C 133 -34.53 17.13 -11.54
C ASP C 133 -34.40 18.25 -12.58
N ASP C 134 -35.45 19.08 -12.75
CA ASP C 134 -35.48 20.13 -13.79
C ASP C 134 -36.44 21.25 -13.37
N CYS C 135 -36.11 21.88 -12.25
CA CYS C 135 -36.93 22.98 -11.69
C CYS C 135 -36.08 24.18 -11.32
N GLY C 136 -35.03 24.42 -12.11
CA GLY C 136 -34.15 25.55 -11.88
C GLY C 136 -33.55 25.54 -10.49
N ALA C 137 -33.47 26.72 -9.91
CA ALA C 137 -33.10 26.89 -8.51
C ALA C 137 -33.96 27.97 -7.86
N PHE C 138 -33.72 28.22 -6.58
CA PHE C 138 -34.69 28.92 -5.75
C PHE C 138 -34.18 30.23 -5.22
N ASP C 139 -34.98 31.27 -5.41
CA ASP C 139 -34.59 32.61 -5.00
C ASP C 139 -34.49 32.81 -3.48
N ASN C 140 -35.43 32.27 -2.72
CA ASN C 140 -35.54 32.57 -1.28
C ASN C 140 -36.35 31.53 -0.53
N ILE C 141 -35.66 30.64 0.18
CA ILE C 141 -36.30 29.54 0.88
C ILE C 141 -36.41 29.97 2.35
N TRP C 142 -37.42 30.79 2.63
CA TRP C 142 -37.46 31.60 3.84
C TRP C 142 -38.02 30.87 5.06
N ARG C 143 -39.20 30.28 4.92
CA ARG C 143 -39.77 29.44 5.96
C ARG C 143 -40.50 28.28 5.34
N PHE C 146 -44.46 21.50 6.28
CA PHE C 146 -45.25 20.39 5.73
C PHE C 146 -46.75 20.60 5.99
N ASP C 147 -47.58 20.25 5.00
CA ASP C 147 -49.03 20.13 5.22
C ASP C 147 -49.23 18.95 6.19
N PRO C 148 -49.78 19.23 7.39
CA PRO C 148 -49.97 18.17 8.40
C PRO C 148 -50.90 17.02 8.01
N ASN C 149 -51.71 17.21 6.97
CA ASN C 149 -52.63 16.20 6.49
C ASN C 149 -52.18 15.51 5.20
N SER C 150 -50.94 15.76 4.79
CA SER C 150 -50.40 15.23 3.51
C SER C 150 -49.49 14.01 3.72
N ASN C 151 -49.36 13.56 4.97
CA ASN C 151 -48.40 12.50 5.33
C ASN C 151 -47.01 12.70 4.72
N TYR C 152 -46.50 13.92 4.92
CA TYR C 152 -45.18 14.33 4.43
C TYR C 152 -45.01 14.30 2.90
N ASP C 153 -46.10 14.42 2.16
CA ASP C 153 -46.01 14.47 0.69
C ASP C 153 -46.12 15.88 0.10
N ASP C 154 -46.37 16.89 0.94
CA ASP C 154 -46.46 18.26 0.45
C ASP C 154 -45.76 19.20 1.40
N LEU C 155 -44.64 19.75 0.92
CA LEU C 155 -43.82 20.69 1.65
C LEU C 155 -43.97 22.04 0.96
N TYR C 156 -44.23 23.06 1.74
CA TYR C 156 -44.39 24.41 1.19
C TYR C 156 -43.32 25.35 1.76
N TRP C 157 -42.97 26.38 1.01
CA TRP C 157 -42.20 27.47 1.63
C TRP C 157 -42.58 28.80 1.11
N VAL C 158 -42.57 29.78 2.01
CA VAL C 158 -42.75 31.16 1.61
C VAL C 158 -41.38 31.69 1.18
N GLY C 159 -41.41 32.70 0.33
CA GLY C 159 -40.20 33.35 -0.18
C GLY C 159 -40.11 34.86 0.00
N GLN C 160 -40.74 35.42 1.03
CA GLN C 160 -40.82 36.88 1.18
C GLN C 160 -41.33 37.52 -0.12
N ARG C 161 -40.51 38.30 -0.85
CA ARG C 161 -40.96 38.95 -2.08
C ARG C 161 -40.85 38.04 -3.31
N ASP C 162 -40.16 36.90 -3.13
CA ASP C 162 -39.90 35.97 -4.19
C ASP C 162 -40.97 34.87 -4.16
N ALA C 163 -40.79 33.85 -4.98
CA ALA C 163 -41.85 32.84 -5.18
C ALA C 163 -42.10 31.97 -3.98
N PHE C 164 -43.39 31.63 -3.82
CA PHE C 164 -43.90 30.65 -2.87
C PHE C 164 -43.83 29.31 -3.59
N ARG C 165 -43.22 28.32 -2.96
CA ARG C 165 -43.00 27.04 -3.65
C ARG C 165 -43.72 25.87 -2.98
N HIS C 166 -43.98 24.85 -3.78
CA HIS C 166 -44.67 23.64 -3.32
C HIS C 166 -43.93 22.40 -3.82
N VAL C 167 -43.33 21.64 -2.92
CA VAL C 167 -42.67 20.37 -3.26
C VAL C 167 -43.73 19.31 -3.10
N ASP C 168 -44.09 18.71 -4.22
CA ASP C 168 -45.12 17.67 -4.32
C ASP C 168 -44.37 16.36 -4.52
N PHE C 169 -44.26 15.56 -3.45
CA PHE C 169 -43.45 14.34 -3.51
C PHE C 169 -44.09 13.24 -4.32
N VAL C 170 -45.42 13.22 -4.36
CA VAL C 170 -46.14 12.18 -5.10
C VAL C 170 -45.80 12.29 -6.59
N ASN C 171 -45.87 13.52 -7.11
CA ASN C 171 -45.63 13.79 -8.51
C ASN C 171 -44.20 14.25 -8.83
N GLN C 172 -43.35 14.33 -7.79
CA GLN C 172 -41.96 14.73 -7.95
C GLN C 172 -41.85 16.01 -8.77
N TYR C 173 -42.56 17.02 -8.28
CA TYR C 173 -42.74 18.30 -8.97
C TYR C 173 -42.60 19.42 -7.94
N VAL C 174 -41.93 20.50 -8.34
CA VAL C 174 -41.81 21.69 -7.51
C VAL C 174 -42.53 22.84 -8.20
N ASP C 175 -43.73 23.13 -7.71
CA ASP C 175 -44.60 24.14 -8.31
C ASP C 175 -44.28 25.53 -7.75
N ILE C 176 -44.78 26.54 -8.43
CA ILE C 176 -44.85 27.92 -7.92
C ILE C 176 -46.31 28.17 -7.59
N LYS C 177 -46.58 28.61 -6.36
CA LYS C 177 -47.95 28.90 -5.94
C LYS C 177 -48.21 30.37 -6.13
N THR C 178 -49.25 30.69 -6.89
CA THR C 178 -49.67 32.08 -7.01
C THR C 178 -50.41 32.45 -5.74
N THR C 179 -49.91 33.48 -5.05
CA THR C 179 -50.50 33.91 -3.78
C THR C 179 -51.15 35.28 -3.88
N ASN C 180 -50.65 36.12 -4.79
CA ASN C 180 -50.98 37.54 -4.84
C ASN C 180 -50.71 38.27 -3.50
N ILE C 181 -49.69 37.78 -2.80
CA ILE C 181 -49.21 38.35 -1.55
C ILE C 181 -47.81 38.88 -1.80
N GLY C 182 -47.59 40.16 -1.55
CA GLY C 182 -46.31 40.79 -1.92
C GLY C 182 -45.14 40.39 -1.07
N GLN C 183 -45.39 40.11 0.21
CA GLN C 183 -44.29 39.76 1.11
C GLN C 183 -44.72 38.66 2.08
N CYS C 184 -44.58 37.41 1.64
CA CYS C 184 -44.95 36.24 2.44
C CYS C 184 -43.90 35.95 3.51
N ALA C 185 -44.26 36.25 4.77
CA ALA C 185 -43.30 36.20 5.87
C ALA C 185 -43.29 34.91 6.63
N ASP C 186 -44.40 34.17 6.61
CA ASP C 186 -44.47 32.89 7.31
C ASP C 186 -45.66 32.09 6.79
N VAL C 187 -45.59 30.79 7.03
CA VAL C 187 -46.61 29.86 6.64
C VAL C 187 -46.84 28.85 7.75
N ASN C 188 -48.10 28.50 7.96
CA ASN C 188 -48.45 27.46 8.94
C ASN C 188 -49.81 26.89 8.53
N PHE C 189 -50.35 26.01 9.35
CA PHE C 189 -51.63 25.40 9.09
C PHE C 189 -52.52 25.47 10.34
N THR C 190 -53.80 25.78 10.14
CA THR C 190 -54.75 25.80 11.25
C THR C 190 -55.07 24.35 11.63
N LEU C 191 -55.74 24.20 12.75
CA LEU C 191 -56.15 22.88 13.22
C LEU C 191 -57.16 22.20 12.26
N ASN C 192 -57.89 22.99 11.49
CA ASN C 192 -58.80 22.53 10.44
CA ASN C 192 -58.77 22.40 10.47
C ASN C 192 -58.02 22.09 9.17
N GLY C 193 -56.74 22.44 9.12
CA GLY C 193 -55.88 22.10 8.00
C GLY C 193 -55.83 23.17 6.89
N ASP C 194 -56.42 24.33 7.14
CA ASP C 194 -56.29 25.45 6.21
C ASP C 194 -54.88 26.03 6.30
N VAL C 196 -52.24 28.98 6.49
CA VAL C 196 -52.11 30.34 6.96
C VAL C 196 -50.86 30.94 6.34
N VAL C 197 -50.98 32.12 5.76
CA VAL C 197 -49.84 32.84 5.21
C VAL C 197 -49.86 34.28 5.71
N VAL C 198 -48.74 34.72 6.28
CA VAL C 198 -48.61 36.10 6.76
C VAL C 198 -48.09 37.01 5.65
N ASP C 199 -48.72 38.15 5.45
CA ASP C 199 -48.26 39.19 4.55
C ASP C 199 -47.71 40.28 5.42
N ASP C 200 -46.41 40.57 5.28
CA ASP C 200 -45.75 41.66 5.99
C ASP C 200 -45.94 42.92 5.15
N GLN C 201 -46.89 43.77 5.55
CA GLN C 201 -47.27 44.95 4.77
C GLN C 201 -47.55 46.14 5.70
N SER C 202 -47.59 47.34 5.14
CA SER C 202 -47.41 48.58 5.94
C SER C 202 -48.71 49.31 6.37
N SER C 203 -49.86 48.65 6.29
CA SER C 203 -51.10 49.29 6.70
C SER C 203 -51.85 48.53 7.81
N ASP C 204 -52.26 49.27 8.85
CA ASP C 204 -53.04 48.70 9.96
C ASP C 204 -54.43 48.26 9.51
N THR C 205 -54.90 48.73 8.36
CA THR C 205 -56.27 48.46 7.91
C THR C 205 -56.29 47.54 6.69
N ASN C 206 -55.14 46.93 6.39
CA ASN C 206 -55.04 45.88 5.39
C ASN C 206 -54.68 44.57 6.01
N THR C 207 -55.00 43.51 5.27
CA THR C 207 -54.86 42.18 5.76
C THR C 207 -53.41 41.79 6.02
N GLY C 208 -53.16 41.23 7.20
CA GLY C 208 -51.83 40.70 7.53
C GLY C 208 -51.76 39.19 7.56
N ILE C 209 -52.90 38.54 7.78
CA ILE C 209 -52.96 37.09 7.81
C ILE C 209 -54.03 36.61 6.83
N TYR C 210 -53.61 35.76 5.89
CA TYR C 210 -54.50 35.18 4.91
C TYR C 210 -54.64 33.70 5.17
N LEU C 211 -55.72 33.15 4.64
CA LEU C 211 -55.98 31.73 4.70
CA LEU C 211 -55.95 31.71 4.68
C LEU C 211 -56.20 31.22 3.27
N PHE C 212 -55.65 30.05 2.95
CA PHE C 212 -55.98 29.35 1.72
C PHE C 212 -56.72 28.10 2.18
N THR C 213 -57.93 27.89 1.69
CA THR C 213 -58.79 26.84 2.28
C THR C 213 -58.44 25.44 1.81
N ARG C 214 -58.38 24.50 2.75
CA ARG C 214 -58.17 23.11 2.42
C ARG C 214 -59.25 22.57 1.47
N ALA C 215 -60.51 22.91 1.73
CA ALA C 215 -61.66 22.44 0.93
C ALA C 215 -61.50 22.75 -0.57
N SER C 216 -60.81 23.85 -0.88
CA SER C 216 -60.54 24.26 -2.26
C SER C 216 -59.23 23.72 -2.83
N GLY C 217 -58.53 22.87 -2.09
CA GLY C 217 -57.19 22.45 -2.49
C GLY C 217 -56.24 23.63 -2.44
N PHE C 218 -56.51 24.55 -1.50
CA PHE C 218 -55.69 25.75 -1.25
C PHE C 218 -55.70 26.80 -2.37
N THR C 219 -56.69 26.74 -3.23
CA THR C 219 -56.81 27.70 -4.32
C THR C 219 -57.60 28.96 -3.90
N GLU C 220 -58.56 28.83 -2.98
CA GLU C 220 -59.36 29.96 -2.52
C GLU C 220 -58.67 30.65 -1.37
N ARG C 221 -58.37 31.94 -1.54
CA ARG C 221 -57.75 32.77 -0.52
C ARG C 221 -58.81 33.59 0.22
N LEU C 222 -58.72 33.61 1.55
CA LEU C 222 -59.55 34.43 2.41
C LEU C 222 -58.67 35.39 3.23
N SER C 223 -59.22 36.56 3.54
CA SER C 223 -58.54 37.51 4.41
C SER C 223 -59.00 37.24 5.81
N LEU C 224 -58.07 36.89 6.68
CA LEU C 224 -58.41 36.52 8.01
C LEU C 224 -58.45 37.72 8.97
N CYS C 225 -57.35 38.46 9.04
CA CYS C 225 -57.33 39.64 9.89
C CYS C 225 -56.28 40.68 9.47
N ASN C 226 -56.56 41.93 9.82
CA ASN C 226 -55.63 43.03 9.54
C ASN C 226 -54.48 42.96 10.53
N ALA C 227 -53.28 43.20 10.05
CA ALA C 227 -52.11 43.34 10.91
C ALA C 227 -51.06 44.02 10.08
N ARG C 228 -50.44 45.05 10.63
CA ARG C 228 -49.35 45.77 9.97
C ARG C 228 -48.00 45.24 10.45
N GLY C 229 -47.06 45.01 9.52
CA GLY C 229 -45.74 44.55 9.87
C GLY C 229 -45.64 43.19 10.54
N ALA C 230 -46.56 42.29 10.18
CA ALA C 230 -46.61 40.97 10.79
C ALA C 230 -45.49 40.06 10.31
N LYS C 231 -44.95 39.24 11.19
CA LYS C 231 -43.70 38.51 10.93
C LYS C 231 -43.77 36.98 11.05
N THR C 232 -44.72 36.47 11.80
CA THR C 232 -44.75 35.05 12.16
C THR C 232 -46.20 34.62 12.44
N CYS C 233 -46.51 33.34 12.21
CA CYS C 233 -47.83 32.81 12.53
C CYS C 233 -47.70 31.45 13.17
N ALA C 234 -47.74 31.43 14.50
CA ALA C 234 -47.56 30.18 15.25
C ALA C 234 -48.88 29.65 15.76
N VAL C 235 -49.33 28.52 15.22
CA VAL C 235 -50.65 27.98 15.56
C VAL C 235 -50.50 27.09 16.78
N HIS C 236 -51.21 27.42 17.86
CA HIS C 236 -51.10 26.63 19.08
C HIS C 236 -51.73 25.26 18.82
N PRO C 237 -51.05 24.18 19.22
CA PRO C 237 -51.50 22.84 18.83
C PRO C 237 -52.79 22.34 19.47
N GLN C 238 -53.23 22.93 20.58
CA GLN C 238 -54.52 22.56 21.15
C GLN C 238 -55.58 23.65 21.00
N ASN C 239 -55.25 24.91 21.31
CA ASN C 239 -56.26 25.97 21.24
C ASN C 239 -56.48 26.53 19.83
N GLY C 240 -55.56 26.25 18.92
CA GLY C 240 -55.73 26.61 17.50
C GLY C 240 -55.54 28.08 17.15
N LYS C 241 -55.27 28.92 18.15
CA LYS C 241 -55.07 30.35 17.88
C LYS C 241 -53.76 30.59 17.15
N ILE C 242 -53.75 31.60 16.28
CA ILE C 242 -52.56 32.01 15.53
C ILE C 242 -51.87 33.12 16.28
N TYR C 243 -50.66 32.83 16.80
CA TYR C 243 -49.92 33.80 17.59
C TYR C 243 -48.95 34.48 16.65
N TYR C 244 -48.86 35.80 16.76
CA TYR C 244 -48.02 36.58 15.87
C TYR C 244 -47.42 37.79 16.55
N THR C 245 -46.46 38.40 15.85
CA THR C 245 -45.92 39.69 16.24
C THR C 245 -46.08 40.68 15.08
N ARG C 246 -46.01 41.95 15.42
CA ARG C 246 -46.04 43.05 14.49
C ARG C 246 -44.89 44.01 14.79
N TYR C 247 -44.26 44.49 13.73
CA TYR C 247 -43.08 45.34 13.82
C TYR C 247 -43.18 46.51 14.82
N HIS C 248 -44.29 47.24 14.81
CA HIS C 248 -44.41 48.46 15.62
C HIS C 248 -44.90 48.27 17.05
N HIS C 249 -45.03 47.02 17.50
CA HIS C 249 -45.62 46.74 18.81
C HIS C 249 -44.81 45.69 19.56
N ALA C 250 -44.53 45.96 20.83
CA ALA C 250 -43.71 45.04 21.63
C ALA C 250 -44.61 44.09 22.41
N ILE C 252 -46.79 39.88 21.96
CA ILE C 252 -47.35 38.80 21.14
C ILE C 252 -48.86 39.01 21.09
N SER C 253 -49.41 38.93 19.88
CA SER C 253 -50.85 38.99 19.65
C SER C 253 -51.36 37.61 19.24
N SER C 254 -52.66 37.45 19.21
CA SER C 254 -53.25 36.28 18.58
C SER C 254 -54.57 36.58 17.88
N TYR C 255 -54.85 35.75 16.89
CA TYR C 255 -56.14 35.73 16.24
CA TYR C 255 -56.14 35.71 16.22
C TYR C 255 -56.66 34.29 16.26
N ASP C 256 -57.91 34.12 16.70
CA ASP C 256 -58.53 32.80 16.81
C ASP C 256 -59.37 32.57 15.57
N PRO C 257 -58.92 31.70 14.66
CA PRO C 257 -59.67 31.55 13.42
C PRO C 257 -61.02 30.90 13.59
N ALA C 258 -61.25 30.22 14.71
CA ALA C 258 -62.53 29.57 14.94
C ALA C 258 -63.61 30.55 15.36
N THR C 259 -63.23 31.66 15.99
CA THR C 259 -64.18 32.59 16.60
C THR C 259 -64.04 34.02 16.13
N GLY C 260 -62.99 34.34 15.40
CA GLY C 260 -62.73 35.72 15.01
C GLY C 260 -62.23 36.60 16.13
N THR C 261 -61.73 36.01 17.22
CA THR C 261 -61.31 36.79 18.37
C THR C 261 -59.88 37.25 18.24
N LEU C 262 -59.69 38.58 18.24
CA LEU C 262 -58.38 39.22 18.30
C LEU C 262 -57.96 39.48 19.76
N THR C 263 -56.74 39.11 20.11
CA THR C 263 -56.14 39.51 21.40
C THR C 263 -54.85 40.23 21.07
N GLU C 264 -54.86 41.57 21.12
CA GLU C 264 -53.68 42.36 20.73
CA GLU C 264 -53.69 42.36 20.73
C GLU C 264 -52.50 42.09 21.65
N GLU C 265 -52.75 42.06 22.96
CA GLU C 265 -51.70 41.94 23.96
CA GLU C 265 -51.64 41.87 23.90
C GLU C 265 -51.85 40.61 24.72
N GLU C 266 -51.41 39.49 24.14
CA GLU C 266 -51.39 38.23 24.86
C GLU C 266 -50.35 38.38 25.96
N VAL C 267 -49.22 38.99 25.61
CA VAL C 267 -48.20 39.31 26.62
C VAL C 267 -47.25 40.35 26.03
N ASP C 270 -40.07 42.45 25.38
CA ASP C 270 -39.07 43.46 25.72
C ASP C 270 -38.45 44.15 24.51
N THR C 271 -38.88 43.75 23.32
CA THR C 271 -38.27 44.18 22.06
C THR C 271 -39.34 44.23 20.98
N LYS C 272 -39.27 45.25 20.13
CA LYS C 272 -40.07 45.32 18.89
C LYS C 272 -39.17 45.79 17.75
N GLY C 273 -39.76 46.05 16.57
CA GLY C 273 -39.03 46.62 15.48
C GLY C 273 -38.01 45.67 14.92
N SER C 274 -38.36 44.39 14.87
CA SER C 274 -37.43 43.37 14.45
C SER C 274 -38.22 42.14 13.99
N ASN C 275 -37.52 41.20 13.37
CA ASN C 275 -38.12 39.91 13.00
C ASN C 275 -38.12 38.93 14.16
N PHE C 276 -39.23 38.21 14.31
CA PHE C 276 -39.34 37.17 15.32
C PHE C 276 -39.95 35.97 14.64
N HIS C 277 -39.61 34.79 15.15
CA HIS C 277 -40.23 33.56 14.72
C HIS C 277 -40.68 32.79 15.94
N ILE C 278 -41.97 32.50 16.04
CA ILE C 278 -42.46 31.78 17.21
C ILE C 278 -42.73 30.32 16.84
N VAL C 279 -42.30 29.41 17.70
CA VAL C 279 -42.54 27.98 17.48
C VAL C 279 -43.06 27.32 18.76
N TRP C 280 -44.27 26.76 18.69
CA TRP C 280 -44.83 26.02 19.81
C TRP C 280 -44.14 24.68 20.06
N HIS C 281 -43.91 24.38 21.33
CA HIS C 281 -43.52 23.04 21.70
C HIS C 281 -44.68 22.14 21.32
N PRO C 282 -44.41 20.89 20.87
CA PRO C 282 -45.53 19.99 20.51
C PRO C 282 -46.59 19.80 21.60
N THR C 283 -46.20 19.88 22.88
CA THR C 283 -47.16 19.76 23.96
C THR C 283 -48.12 20.96 24.05
N GLY C 284 -47.73 22.10 23.48
CA GLY C 284 -48.45 23.35 23.66
C GLY C 284 -48.20 24.03 24.98
N ASP C 285 -47.28 23.50 25.81
CA ASP C 285 -47.05 24.05 27.16
C ASP C 285 -46.29 25.38 27.14
N TRP C 286 -45.57 25.62 26.05
CA TRP C 286 -44.76 26.82 25.88
C TRP C 286 -44.26 26.88 24.43
N ALA C 287 -43.72 28.04 24.05
CA ALA C 287 -43.18 28.27 22.73
C ALA C 287 -41.82 28.94 22.84
N TYR C 288 -40.97 28.70 21.85
CA TYR C 288 -39.78 29.54 21.68
C TYR C 288 -40.12 30.77 20.87
N ILE C 289 -39.50 31.89 21.24
CA ILE C 289 -39.52 33.12 20.44
C ILE C 289 -38.10 33.32 19.96
N ILE C 290 -37.88 33.10 18.67
CA ILE C 290 -36.56 33.31 18.08
C ILE C 290 -36.45 34.78 17.70
N TYR C 291 -35.46 35.46 18.31
CA TYR C 291 -35.20 36.86 18.00
C TYR C 291 -34.25 36.87 16.82
N ASN C 292 -34.81 36.89 15.60
CA ASN C 292 -34.02 36.65 14.39
C ASN C 292 -32.95 37.69 14.19
N GLY C 293 -33.26 38.95 14.54
CA GLY C 293 -32.34 40.03 14.41
C GLY C 293 -31.53 40.41 15.63
N LYS C 294 -31.85 39.81 16.78
CA LYS C 294 -31.12 40.14 18.04
C LYS C 294 -30.32 38.96 18.58
N HIS C 295 -30.33 37.83 17.88
CA HIS C 295 -29.37 36.75 18.13
C HIS C 295 -29.59 36.01 19.45
N CYS C 296 -30.84 35.72 19.78
CA CYS C 296 -31.18 35.02 21.01
C CYS C 296 -32.51 34.34 20.87
N ILE C 297 -32.76 33.39 21.77
CA ILE C 297 -34.02 32.68 21.79
C ILE C 297 -34.61 32.81 23.20
N TYR C 298 -35.88 33.17 23.27
CA TYR C 298 -36.64 33.24 24.53
C TYR C 298 -37.70 32.16 24.57
N ARG C 299 -38.20 31.90 25.77
CA ARG C 299 -39.32 30.98 25.96
CA ARG C 299 -39.32 30.97 25.97
C ARG C 299 -40.49 31.75 26.56
N VAL C 300 -41.70 31.47 26.08
CA VAL C 300 -42.92 32.03 26.65
C VAL C 300 -43.79 30.84 27.07
N ASP C 301 -44.16 30.80 28.34
CA ASP C 301 -44.99 29.72 28.87
C ASP C 301 -46.48 29.98 28.66
N TYR C 302 -47.22 28.90 28.44
CA TYR C 302 -48.67 28.94 28.28
C TYR C 302 -49.29 28.28 29.49
N ASN C 303 -50.13 29.03 30.22
CA ASN C 303 -50.88 28.49 31.35
C ASN C 303 -52.15 27.81 30.85
N ARG C 304 -52.18 26.49 30.98
CA ARG C 304 -53.22 25.62 30.44
C ARG C 304 -54.58 25.93 31.08
N GLU C 305 -54.55 26.26 32.37
CA GLU C 305 -55.76 26.52 33.16
C GLU C 305 -56.40 27.89 32.87
N THR C 306 -55.59 28.92 32.65
CA THR C 306 -56.08 30.29 32.40
C THR C 306 -56.08 30.68 30.91
N GLY C 307 -55.29 29.96 30.11
CA GLY C 307 -55.17 30.26 28.69
C GLY C 307 -54.22 31.41 28.41
N LYS C 308 -53.52 31.92 29.43
CA LYS C 308 -52.67 33.11 29.28
C LYS C 308 -51.17 32.81 29.17
N LEU C 309 -50.47 33.72 28.50
CA LEU C 309 -49.02 33.63 28.35
C LEU C 309 -48.31 34.30 29.54
N ALA C 310 -47.22 33.69 29.96
CA ALA C 310 -46.36 34.25 31.00
C ALA C 310 -45.35 35.20 30.36
N VAL C 311 -44.72 36.01 31.20
CA VAL C 311 -43.62 36.89 30.76
C VAL C 311 -42.53 36.07 30.07
N PRO C 312 -42.17 36.39 28.82
CA PRO C 312 -41.12 35.64 28.16
C PRO C 312 -39.77 35.81 28.85
N TYR C 313 -38.91 34.83 28.75
CA TYR C 313 -37.58 34.92 29.33
C TYR C 313 -36.53 34.32 28.41
N ILE C 314 -35.31 34.88 28.47
CA ILE C 314 -34.23 34.46 27.58
C ILE C 314 -33.78 33.04 27.94
N VAL C 315 -33.46 32.26 26.92
CA VAL C 315 -33.00 30.90 27.11
C VAL C 315 -31.55 30.76 26.67
N CYS C 316 -31.22 31.32 25.50
CA CYS C 316 -29.85 31.28 25.01
C CYS C 316 -29.50 32.46 24.11
N GLY C 317 -28.18 32.66 23.96
CA GLY C 317 -27.68 33.80 23.25
C GLY C 317 -27.63 35.01 24.16
N GLN C 318 -27.11 36.10 23.60
CA GLN C 318 -27.13 37.39 24.24
C GLN C 318 -27.72 38.39 23.24
N HIS C 319 -28.79 39.05 23.67
CA HIS C 319 -29.50 40.04 22.87
C HIS C 319 -28.49 41.07 22.30
N SER C 320 -28.50 41.20 20.98
CA SER C 320 -27.68 42.16 20.26
C SER C 320 -26.17 41.87 20.25
N SER C 321 -25.80 40.61 20.54
CA SER C 321 -24.40 40.18 20.51
CA SER C 321 -24.41 40.17 20.52
C SER C 321 -24.25 38.98 19.58
N PRO C 322 -24.05 39.25 18.28
CA PRO C 322 -23.96 38.14 17.35
C PRO C 322 -22.63 37.42 17.47
N GLY C 323 -22.64 36.12 17.23
CA GLY C 323 -21.42 35.34 17.25
C GLY C 323 -21.71 33.87 17.02
N TRP C 324 -20.66 33.08 16.85
CA TRP C 324 -20.81 31.63 16.77
C TRP C 324 -20.05 31.05 17.97
N VAL C 325 -20.76 30.84 19.07
CA VAL C 325 -20.18 30.24 20.28
C VAL C 325 -21.17 29.22 20.81
N ASP C 326 -20.78 27.94 20.80
CA ASP C 326 -21.57 26.92 21.45
C ASP C 326 -21.35 27.05 22.93
N GLY C 327 -22.33 26.62 23.70
CA GLY C 327 -22.25 26.69 25.14
C GLY C 327 -23.60 26.62 25.82
N GLY C 329 -26.76 28.07 27.63
CA GLY C 329 -27.66 29.23 27.75
C GLY C 329 -27.13 30.54 27.20
N THR C 330 -27.09 31.55 28.05
CA THR C 330 -26.66 32.89 27.66
C THR C 330 -25.14 33.05 27.56
N GLY C 331 -24.40 31.95 27.76
CA GLY C 331 -22.98 31.92 27.40
C GLY C 331 -22.78 31.56 25.94
N ALA C 332 -23.81 31.00 25.32
CA ALA C 332 -23.78 30.71 23.89
C ALA C 332 -23.96 32.02 23.16
N ARG C 333 -23.52 32.05 21.91
CA ARG C 333 -23.81 33.15 21.01
C ARG C 333 -24.37 32.59 19.72
N LEU C 334 -25.42 33.25 19.24
CA LEU C 334 -26.08 32.92 17.99
C LEU C 334 -25.86 34.05 17.00
N TRP C 335 -26.11 33.76 15.73
CA TRP C 335 -25.91 34.78 14.71
C TRP C 335 -27.00 34.63 13.65
N GLY C 336 -28.04 35.45 13.76
CA GLY C 336 -29.18 35.39 12.86
C GLY C 336 -29.95 34.07 12.91
N PRO C 337 -30.34 33.62 14.11
CA PRO C 337 -31.17 32.42 14.16
C PRO C 337 -32.49 32.68 13.44
N ASN C 338 -32.91 31.77 12.57
CA ASN C 338 -34.09 31.98 11.76
C ASN C 338 -35.16 30.94 12.08
N GLN C 339 -35.41 29.96 11.21
CA GLN C 339 -36.46 28.98 11.52
C GLN C 339 -35.90 27.89 12.45
N GLY C 340 -36.77 27.40 13.33
CA GLY C 340 -36.44 26.24 14.14
C GLY C 340 -37.64 25.32 14.24
N ILE C 341 -37.35 24.06 14.54
CA ILE C 341 -38.34 23.00 14.65
C ILE C 341 -37.98 22.05 15.78
N PHE C 342 -39.01 21.44 16.38
CA PHE C 342 -38.85 20.42 17.42
C PHE C 342 -38.77 19.02 16.79
N VAL C 343 -37.77 18.24 17.23
CA VAL C 343 -37.56 16.88 16.73
C VAL C 343 -37.41 15.95 17.93
N LYS C 344 -38.19 14.87 17.95
CA LYS C 344 -38.19 13.95 19.07
C LYS C 344 -36.80 13.31 19.20
N ASN C 345 -36.29 13.21 20.43
CA ASN C 345 -35.01 12.56 20.69
C ASN C 345 -35.31 11.35 21.56
N GLU C 346 -35.10 10.16 21.01
CA GLU C 346 -35.42 8.91 21.73
C GLU C 346 -34.64 8.78 23.05
N ALA C 347 -33.50 9.44 23.15
CA ALA C 347 -32.74 9.47 24.42
C ALA C 347 -33.53 10.13 25.58
N TYR C 348 -34.55 10.93 25.24
CA TYR C 348 -35.38 11.63 26.23
C TYR C 348 -36.72 10.96 26.51
N ALA C 349 -36.91 9.72 26.01
CA ALA C 349 -38.17 9.00 26.19
C ALA C 349 -38.57 9.02 27.65
N GLY C 350 -39.78 9.49 27.91
CA GLY C 350 -40.35 9.45 29.26
C GLY C 350 -40.04 10.64 30.14
N GLU C 351 -39.27 11.60 29.60
CA GLU C 351 -38.96 12.82 30.33
C GLU C 351 -40.01 13.86 30.01
N GLU C 352 -40.06 14.95 30.78
CA GLU C 352 -41.04 16.03 30.56
C GLU C 352 -40.91 16.55 29.13
N ASP C 353 -39.68 16.82 28.71
CA ASP C 353 -39.42 17.30 27.36
C ASP C 353 -38.73 16.23 26.53
N GLU C 354 -39.43 15.71 25.52
CA GLU C 354 -38.94 14.63 24.68
C GLU C 354 -38.29 15.13 23.39
N TYR C 355 -38.08 16.44 23.25
CA TYR C 355 -37.66 17.04 21.97
C TYR C 355 -36.41 17.88 22.09
N ASP C 356 -35.61 17.89 21.02
CA ASP C 356 -34.58 18.89 20.79
C ASP C 356 -35.12 19.93 19.82
N PHE C 357 -34.53 21.13 19.84
CA PHE C 357 -34.93 22.20 18.96
C PHE C 357 -33.82 22.46 17.96
N TYR C 358 -34.03 22.10 16.69
CA TYR C 358 -33.07 22.31 15.63
C TYR C 358 -33.39 23.61 14.93
N PHE C 359 -32.39 24.47 14.76
CA PHE C 359 -32.61 25.72 14.07
C PHE C 359 -31.47 26.08 13.13
N CYS C 360 -31.82 26.87 12.15
CA CYS C 360 -30.88 27.46 11.23
C CYS C 360 -30.34 28.75 11.81
N ASP C 361 -29.02 28.81 11.95
CA ASP C 361 -28.32 30.00 12.41
C ASP C 361 -27.75 30.63 11.12
N ARG C 362 -28.51 31.55 10.54
CA ARG C 362 -28.27 32.00 9.20
C ARG C 362 -26.90 32.61 8.96
N ASP C 363 -26.47 33.48 9.87
CA ASP C 363 -25.23 34.22 9.68
C ASP C 363 -23.96 33.58 10.27
N SER C 364 -24.10 32.51 11.05
CA SER C 364 -22.98 31.62 11.32
C SER C 364 -22.92 30.45 10.34
N HIS C 365 -23.95 30.34 9.48
CA HIS C 365 -24.01 29.35 8.42
C HIS C 365 -24.04 27.92 8.96
N THR C 366 -24.86 27.71 9.98
CA THR C 366 -24.97 26.42 10.62
C THR C 366 -26.40 25.99 10.89
N VAL C 367 -26.58 24.69 11.08
CA VAL C 367 -27.78 24.15 11.76
C VAL C 367 -27.32 23.85 13.17
N ARG C 368 -28.08 24.34 14.15
CA ARG C 368 -27.70 24.21 15.54
C ARG C 368 -28.83 23.57 16.31
N VAL C 369 -28.51 23.14 17.52
CA VAL C 369 -29.47 22.46 18.37
C VAL C 369 -29.51 23.10 19.76
N LEU C 370 -30.72 23.35 20.24
CA LEU C 370 -30.96 23.82 21.60
C LEU C 370 -31.69 22.71 22.34
N THR C 371 -31.04 22.18 23.39
CA THR C 371 -31.57 21.06 24.15
C THR C 371 -32.41 21.59 25.31
N PRO C 372 -33.20 20.70 25.93
CA PRO C 372 -34.06 21.13 27.04
C PRO C 372 -33.31 21.71 28.26
N GLU C 373 -32.06 21.32 28.49
CA GLU C 373 -31.24 21.93 29.57
C GLU C 373 -30.72 23.31 29.20
N GLY C 374 -30.84 23.69 27.94
CA GLY C 374 -30.49 25.03 27.48
C GLY C 374 -29.13 25.11 26.81
N ARG C 375 -28.59 23.96 26.39
CA ARG C 375 -27.29 23.92 25.74
C ARG C 375 -27.45 24.10 24.23
N VAL C 376 -26.61 24.94 23.64
CA VAL C 376 -26.53 25.12 22.22
C VAL C 376 -25.29 24.37 21.69
N THR C 377 -25.49 23.52 20.69
CA THR C 377 -24.42 22.83 20.01
C THR C 377 -24.60 23.02 18.51
N THR C 378 -23.54 22.84 17.74
CA THR C 378 -23.64 22.98 16.28
C THR C 378 -23.76 21.58 15.71
N TYR C 379 -24.79 21.39 14.90
CA TYR C 379 -25.12 20.12 14.26
C TYR C 379 -24.41 19.94 12.92
N ALA C 380 -24.42 20.99 12.10
CA ALA C 380 -23.87 20.92 10.75
C ALA C 380 -23.41 22.30 10.27
N GLY C 381 -22.36 22.30 9.47
CA GLY C 381 -21.83 23.51 8.84
C GLY C 381 -20.44 23.90 9.32
N ARG C 382 -19.88 24.92 8.65
CA ARG C 382 -18.55 25.44 8.97
C ARG C 382 -17.41 24.39 8.84
N GLY C 383 -17.56 23.43 7.91
CA GLY C 383 -16.51 22.45 7.63
C GLY C 383 -15.34 23.03 6.84
N ASN C 384 -14.31 22.22 6.64
CA ASN C 384 -13.13 22.62 5.86
C ASN C 384 -12.46 23.93 6.36
N SER C 385 -12.56 24.21 7.66
CA SER C 385 -12.00 25.44 8.27
C SER C 385 -12.49 26.74 7.61
N ARG C 386 -13.72 26.73 7.13
CA ARG C 386 -14.33 27.88 6.46
C ARG C 386 -15.67 28.16 7.14
N GLU C 387 -16.25 29.31 6.84
CA GLU C 387 -17.51 29.70 7.48
C GLU C 387 -18.70 29.40 6.57
N TRP C 388 -18.66 29.95 5.37
CA TRP C 388 -19.74 29.77 4.38
C TRP C 388 -19.19 29.22 3.08
N GLY C 389 -20.08 28.63 2.29
CA GLY C 389 -19.76 28.03 1.01
C GLY C 389 -20.84 27.03 0.60
N TYR C 390 -20.46 26.12 -0.30
CA TYR C 390 -21.35 25.08 -0.79
C TYR C 390 -20.54 23.80 -0.97
N VAL C 391 -20.55 22.99 0.08
CA VAL C 391 -19.87 21.71 0.10
C VAL C 391 -20.79 20.70 0.79
N ASP C 392 -21.02 19.58 0.14
CA ASP C 392 -21.77 18.47 0.71
C ASP C 392 -20.80 17.53 1.46
N GLY C 393 -21.31 16.74 2.41
CA GLY C 393 -20.51 15.73 3.10
C GLY C 393 -20.70 15.65 4.60
N GLU C 394 -19.64 15.29 5.30
CA GLU C 394 -19.72 15.07 6.76
C GLU C 394 -20.13 16.36 7.45
N LEU C 395 -20.99 16.20 8.47
CA LEU C 395 -21.75 17.31 9.03
C LEU C 395 -20.90 18.48 9.52
N ARG C 396 -19.82 18.19 10.26
CA ARG C 396 -18.98 19.23 10.85
C ARG C 396 -17.59 19.36 10.19
N SER C 397 -17.08 18.28 9.63
CA SER C 397 -15.74 18.34 9.06
C SER C 397 -15.73 18.89 7.64
N GLN C 398 -16.87 18.79 6.94
CA GLN C 398 -16.90 19.09 5.51
C GLN C 398 -17.98 20.05 5.08
N ALA C 399 -19.19 19.87 5.60
CA ALA C 399 -20.34 20.57 5.06
C ALA C 399 -20.22 22.08 5.19
N LEU C 400 -20.63 22.78 4.13
CA LEU C 400 -20.74 24.22 4.17
C LEU C 400 -22.07 24.64 3.61
N PHE C 401 -22.69 25.62 4.26
CA PHE C 401 -23.92 26.28 3.83
C PHE C 401 -23.62 27.75 3.57
N ASN C 402 -24.58 28.44 2.99
CA ASN C 402 -24.50 29.87 2.80
C ASN C 402 -25.90 30.49 3.06
N HIS C 403 -26.05 30.98 4.29
CA HIS C 403 -27.30 31.50 4.83
C HIS C 403 -28.43 30.47 4.90
N PRO C 404 -28.17 29.36 5.61
CA PRO C 404 -29.25 28.39 5.87
C PRO C 404 -30.30 29.09 6.73
N THR C 405 -31.57 28.98 6.35
CA THR C 405 -32.62 29.86 6.89
C THR C 405 -33.84 29.07 7.35
N SER C 406 -34.31 28.16 6.51
CA SER C 406 -35.50 27.38 6.78
C SER C 406 -35.14 25.93 7.04
N ILE C 407 -36.03 25.23 7.74
CA ILE C 407 -35.78 23.87 8.15
C ILE C 407 -37.11 23.12 8.35
N ALA C 408 -37.11 21.86 7.92
CA ALA C 408 -38.21 20.96 8.14
C ALA C 408 -37.63 19.58 8.42
N TYR C 409 -38.35 18.80 9.22
CA TYR C 409 -37.99 17.42 9.47
C TYR C 409 -39.07 16.48 8.93
N ASP C 410 -38.65 15.63 8.01
CA ASP C 410 -39.48 14.67 7.34
C ASP C 410 -39.47 13.38 8.16
N LYS C 412 -41.42 10.81 7.79
CA LYS C 412 -41.60 9.65 6.95
C LYS C 412 -40.29 9.13 6.37
N ARG C 413 -39.47 10.04 5.85
CA ARG C 413 -38.21 9.67 5.19
C ARG C 413 -37.01 9.80 6.13
N LYS C 414 -37.26 10.32 7.33
CA LYS C 414 -36.26 10.44 8.40
CA LYS C 414 -36.26 10.44 8.40
C LYS C 414 -35.06 11.29 7.97
N CYS C 415 -35.35 12.54 7.61
CA CYS C 415 -34.32 13.47 7.16
C CYS C 415 -34.76 14.91 7.36
N PHE C 416 -33.77 15.79 7.42
CA PHE C 416 -34.00 17.21 7.46
C PHE C 416 -33.90 17.76 6.04
N TYR C 417 -34.72 18.78 5.76
CA TYR C 417 -34.49 19.65 4.59
C TYR C 417 -34.11 21.02 5.11
N ILE C 418 -33.10 21.63 4.48
CA ILE C 418 -32.58 22.93 4.86
C ILE C 418 -32.66 23.84 3.65
N GLY C 419 -33.27 25.00 3.84
CA GLY C 419 -33.32 26.02 2.82
C GLY C 419 -32.06 26.85 2.90
N ASP C 420 -31.13 26.54 2.01
CA ASP C 420 -29.79 27.10 2.03
C ASP C 420 -29.83 28.28 1.07
N CYS C 421 -30.17 29.44 1.60
CA CYS C 421 -30.69 30.52 0.77
CA CYS C 421 -30.69 30.53 0.78
C CYS C 421 -29.74 31.08 -0.28
N ASP C 422 -28.49 31.35 0.11
CA ASP C 422 -27.53 31.90 -0.85
C ASP C 422 -26.76 30.85 -1.66
N ASN C 423 -27.11 29.58 -1.47
CA ASN C 423 -26.79 28.54 -2.43
C ASN C 423 -27.98 28.16 -3.33
N HIS C 424 -29.16 28.72 -3.02
CA HIS C 424 -30.36 28.58 -3.88
C HIS C 424 -30.84 27.14 -4.04
N ARG C 425 -30.61 26.36 -2.98
CA ARG C 425 -30.84 24.93 -2.99
C ARG C 425 -31.49 24.48 -1.68
N VAL C 426 -32.28 23.41 -1.80
CA VAL C 426 -32.71 22.67 -0.63
C VAL C 426 -31.67 21.58 -0.39
N ARG C 427 -31.07 21.61 0.78
CA ARG C 427 -30.11 20.62 1.21
C ARG C 427 -30.87 19.60 2.03
N LYS C 428 -30.28 18.42 2.15
CA LYS C 428 -30.85 17.34 2.96
C LYS C 428 -29.79 16.87 3.94
N ILE C 429 -30.20 16.60 5.17
CA ILE C 429 -29.35 15.95 6.15
C ILE C 429 -30.03 14.64 6.51
N ALA C 430 -29.37 13.53 6.18
CA ALA C 430 -29.94 12.21 6.28
C ALA C 430 -28.82 11.19 6.42
N PRO C 431 -29.17 9.96 6.80
CA PRO C 431 -28.19 8.90 6.78
C PRO C 431 -27.53 8.76 5.41
N GLU C 432 -26.23 8.53 5.42
CA GLU C 432 -25.45 8.37 4.21
C GLU C 432 -25.96 7.15 3.44
N GLU C 433 -25.96 7.26 2.12
CA GLU C 433 -26.24 6.12 1.22
C GLU C 433 -25.10 5.96 0.22
N SER D 10 -59.82 -1.38 4.59
CA SER D 10 -59.05 -2.58 5.05
C SER D 10 -58.78 -3.53 3.88
N GLY D 11 -59.70 -4.46 3.63
CA GLY D 11 -59.53 -5.49 2.60
C GLY D 11 -59.67 -6.89 3.18
N THR D 12 -59.42 -7.90 2.35
CA THR D 12 -59.47 -9.31 2.78
C THR D 12 -58.29 -9.65 3.69
N PRO D 13 -58.54 -10.34 4.82
CA PRO D 13 -57.43 -10.80 5.65
C PRO D 13 -56.54 -11.82 4.93
N PHE D 14 -55.25 -11.82 5.28
CA PHE D 14 -54.32 -12.82 4.76
C PHE D 14 -54.71 -14.19 5.32
N ASN D 15 -54.71 -15.19 4.44
CA ASN D 15 -55.00 -16.57 4.82
C ASN D 15 -53.73 -17.41 4.60
N PRO D 16 -53.12 -17.91 5.70
CA PRO D 16 -51.82 -18.59 5.62
C PRO D 16 -51.84 -19.96 4.93
N LYS D 17 -53.01 -20.53 4.65
CA LYS D 17 -53.09 -21.83 3.96
C LYS D 17 -53.18 -21.67 2.43
N GLU D 18 -53.43 -20.46 1.95
CA GLU D 18 -53.50 -20.17 0.52
C GLU D 18 -52.20 -19.51 0.04
N GLU D 19 -51.92 -19.65 -1.25
CA GLU D 19 -50.72 -19.11 -1.84
C GLU D 19 -50.97 -17.66 -2.27
N ILE D 20 -49.88 -16.93 -2.43
CA ILE D 20 -49.92 -15.57 -2.95
C ILE D 20 -49.80 -15.68 -4.47
N VAL D 21 -50.75 -15.09 -5.18
CA VAL D 21 -50.71 -15.02 -6.64
C VAL D 21 -50.50 -13.56 -7.04
N VAL D 22 -49.55 -13.31 -7.93
CA VAL D 22 -49.32 -11.97 -8.48
C VAL D 22 -49.72 -11.99 -9.96
N GLU D 23 -50.91 -11.46 -10.26
CA GLU D 23 -51.50 -11.54 -11.59
C GLU D 23 -50.91 -10.55 -12.57
N LYS D 24 -50.92 -9.27 -12.17
CA LYS D 24 -50.46 -8.21 -13.03
C LYS D 24 -50.19 -6.94 -12.22
N PHE D 25 -49.70 -5.93 -12.92
CA PHE D 25 -49.40 -4.63 -12.33
C PHE D 25 -49.64 -3.55 -13.36
N LEU D 26 -49.98 -2.36 -12.87
CA LEU D 26 -50.12 -1.19 -13.74
C LEU D 26 -49.53 0.05 -13.04
N PRO D 27 -48.78 0.86 -13.80
CA PRO D 27 -48.43 0.62 -15.20
C PRO D 27 -47.45 -0.55 -15.35
N THR D 28 -47.20 -0.97 -16.59
CA THR D 28 -46.30 -2.09 -16.86
C THR D 28 -44.85 -1.62 -17.00
N GLU D 29 -44.67 -0.31 -17.08
CA GLU D 29 -43.35 0.31 -17.17
C GLU D 29 -43.33 1.62 -16.38
N GLY D 30 -42.14 2.07 -16.04
CA GLY D 30 -42.01 3.26 -15.21
C GLY D 30 -40.58 3.47 -14.72
N ARG D 31 -40.35 4.64 -14.15
CA ARG D 31 -39.05 5.04 -13.62
CA ARG D 31 -39.04 5.02 -13.64
C ARG D 31 -39.05 4.92 -12.11
N LYS D 32 -37.90 5.12 -11.47
CA LYS D 32 -37.85 5.14 -10.00
C LYS D 32 -38.80 6.21 -9.47
N GLY D 33 -39.59 5.87 -8.45
CA GLY D 33 -40.63 6.79 -7.95
C GLY D 33 -42.00 6.60 -8.55
N THR D 34 -42.11 5.85 -9.65
CA THR D 34 -43.42 5.52 -10.22
C THR D 34 -44.26 4.76 -9.22
N ARG D 35 -45.48 5.23 -8.98
CA ARG D 35 -46.46 4.48 -8.22
C ARG D 35 -46.95 3.32 -9.07
N VAL D 36 -46.91 2.11 -8.51
CA VAL D 36 -47.33 0.90 -9.21
C VAL D 36 -48.36 0.16 -8.37
N VAL D 37 -49.51 -0.14 -8.96
CA VAL D 37 -50.52 -0.96 -8.33
C VAL D 37 -50.27 -2.39 -8.80
N VAL D 38 -50.08 -3.31 -7.86
CA VAL D 38 -49.94 -4.74 -8.17
C VAL D 38 -51.25 -5.45 -7.83
N TYR D 39 -51.72 -6.32 -8.73
CA TYR D 39 -52.99 -7.03 -8.55
C TYR D 39 -52.75 -8.52 -8.35
N GLY D 40 -53.54 -9.12 -7.47
CA GLY D 40 -53.40 -10.55 -7.21
C GLY D 40 -54.36 -11.08 -6.16
N ARG D 41 -53.88 -12.04 -5.38
CA ARG D 41 -54.69 -12.68 -4.36
C ARG D 41 -53.84 -12.92 -3.11
N ASN D 42 -54.48 -12.76 -1.94
CA ASN D 42 -53.88 -13.13 -0.65
C ASN D 42 -52.71 -12.22 -0.22
N PHE D 43 -52.83 -10.92 -0.50
CA PHE D 43 -51.84 -9.93 -0.04
C PHE D 43 -52.08 -9.50 1.41
N GLY D 44 -53.28 -9.76 1.92
CA GLY D 44 -53.66 -9.32 3.26
C GLY D 44 -54.09 -7.87 3.27
N ASN D 45 -54.41 -7.36 4.45
CA ASN D 45 -54.82 -5.95 4.62
C ASN D 45 -53.95 -5.20 5.64
N ASP D 46 -52.77 -5.73 5.92
CA ASP D 46 -51.82 -5.12 6.85
C ASP D 46 -50.57 -4.71 6.07
N VAL D 47 -50.37 -3.39 5.91
CA VAL D 47 -49.24 -2.84 5.14
C VAL D 47 -47.89 -3.17 5.77
N SER D 48 -47.86 -3.27 7.11
CA SER D 48 -46.62 -3.56 7.84
C SER D 48 -46.12 -5.00 7.66
N LYS D 49 -47.02 -5.91 7.26
CA LYS D 49 -46.66 -7.33 7.09
C LYS D 49 -46.34 -7.71 5.64
N VAL D 50 -46.52 -6.78 4.70
CA VAL D 50 -46.33 -7.08 3.28
C VAL D 50 -45.00 -6.52 2.77
N LYS D 51 -44.31 -7.31 1.96
CA LYS D 51 -43.04 -6.91 1.34
C LYS D 51 -43.11 -7.06 -0.16
N VAL D 52 -42.63 -6.05 -0.89
CA VAL D 52 -42.57 -6.09 -2.35
C VAL D 52 -41.13 -5.81 -2.78
N THR D 53 -40.64 -6.57 -3.76
CA THR D 53 -39.42 -6.23 -4.46
C THR D 53 -39.65 -6.22 -5.96
N ILE D 54 -38.93 -5.33 -6.64
CA ILE D 54 -38.96 -5.24 -8.10
C ILE D 54 -37.51 -5.30 -8.55
N GLY D 55 -37.19 -6.31 -9.37
CA GLY D 55 -35.81 -6.58 -9.76
C GLY D 55 -34.91 -6.90 -8.58
N GLY D 56 -35.48 -7.43 -7.50
CA GLY D 56 -34.71 -7.75 -6.29
C GLY D 56 -34.53 -6.62 -5.27
N TYR D 57 -34.98 -5.41 -5.60
CA TYR D 57 -34.84 -4.26 -4.70
C TYR D 57 -36.15 -3.93 -3.97
N PRO D 58 -36.08 -3.64 -2.66
CA PRO D 58 -37.27 -3.30 -1.87
C PRO D 58 -38.07 -2.15 -2.45
N ALA D 59 -39.39 -2.32 -2.51
CA ALA D 59 -40.31 -1.31 -3.00
C ALA D 59 -41.21 -0.85 -1.85
N LYS D 60 -41.19 0.44 -1.55
CA LYS D 60 -42.04 1.02 -0.48
C LYS D 60 -43.51 0.70 -0.74
N VAL D 61 -44.19 0.14 0.25
CA VAL D 61 -45.62 -0.15 0.14
C VAL D 61 -46.43 0.95 0.84
N ILE D 62 -47.37 1.52 0.09
CA ILE D 62 -48.22 2.61 0.56
C ILE D 62 -49.55 2.09 1.10
N ASN D 63 -50.13 1.10 0.43
CA ASN D 63 -51.35 0.45 0.92
C ASN D 63 -51.45 -0.99 0.40
N VAL D 64 -52.22 -1.81 1.11
CA VAL D 64 -52.52 -3.18 0.71
C VAL D 64 -54.00 -3.42 0.98
N LYS D 65 -54.69 -4.11 0.07
CA LYS D 65 -56.14 -4.28 0.16
C LYS D 65 -56.60 -5.70 -0.18
N GLY D 66 -55.73 -6.69 0.05
CA GLY D 66 -56.06 -8.10 -0.19
C GLY D 66 -55.83 -8.56 -1.62
N GLU D 67 -56.53 -7.93 -2.56
CA GLU D 67 -56.40 -8.27 -3.98
C GLU D 67 -55.58 -7.22 -4.73
N SER D 68 -55.00 -6.27 -4.00
CA SER D 68 -54.16 -5.27 -4.61
C SER D 68 -53.26 -4.60 -3.59
N LEU D 69 -52.21 -3.95 -4.07
CA LEU D 69 -51.38 -3.09 -3.25
C LEU D 69 -50.78 -1.98 -4.11
N LEU D 70 -50.38 -0.90 -3.46
CA LEU D 70 -49.76 0.23 -4.12
C LEU D 70 -48.37 0.35 -3.55
N CYS D 71 -47.36 0.33 -4.44
CA CYS D 71 -45.97 0.49 -4.06
C CYS D 71 -45.27 1.52 -4.93
N ILE D 72 -44.02 1.82 -4.59
CA ILE D 72 -43.22 2.79 -5.32
C ILE D 72 -42.04 2.07 -5.94
N CYS D 73 -41.87 2.21 -7.25
CA CYS D 73 -40.79 1.53 -7.95
C CYS D 73 -39.43 2.04 -7.46
N PRO D 74 -38.52 1.11 -7.08
CA PRO D 74 -37.19 1.45 -6.59
C PRO D 74 -36.23 1.68 -7.75
N SER D 75 -35.10 2.31 -7.48
CA SER D 75 -34.05 2.35 -8.48
C SER D 75 -33.43 0.95 -8.59
N LYS D 76 -32.73 0.74 -9.69
CA LYS D 76 -31.98 -0.48 -9.98
C LYS D 76 -32.87 -1.72 -10.16
N ALA D 77 -34.12 -1.50 -10.58
CA ALA D 77 -35.11 -2.58 -10.78
C ALA D 77 -34.98 -3.26 -12.16
N TYR D 78 -33.77 -3.23 -12.73
CA TYR D 78 -33.49 -3.73 -14.10
C TYR D 78 -34.06 -5.11 -14.41
N GLU D 79 -33.82 -6.07 -13.52
CA GLU D 79 -34.31 -7.44 -13.74
C GLU D 79 -35.84 -7.51 -13.85
N GLY D 80 -36.55 -6.63 -13.15
CA GLY D 80 -37.98 -6.43 -13.37
C GLY D 80 -38.92 -7.44 -12.71
N ASP D 81 -38.36 -8.43 -12.01
CA ASP D 81 -39.17 -9.43 -11.31
C ASP D 81 -39.99 -8.78 -10.21
N VAL D 82 -41.30 -9.00 -10.22
CA VAL D 82 -42.17 -8.45 -9.18
C VAL D 82 -42.56 -9.54 -8.19
N LYS D 83 -42.04 -9.44 -6.96
CA LYS D 83 -42.30 -10.41 -5.91
C LYS D 83 -43.08 -9.77 -4.77
N VAL D 84 -44.14 -10.44 -4.33
CA VAL D 84 -44.92 -10.00 -3.17
C VAL D 84 -44.82 -11.06 -2.09
N SER D 85 -44.43 -10.66 -0.89
CA SER D 85 -44.30 -11.58 0.24
C SER D 85 -45.06 -11.08 1.45
N VAL D 86 -45.60 -12.01 2.25
CA VAL D 86 -46.24 -11.67 3.52
C VAL D 86 -45.47 -12.32 4.67
N VAL D 87 -45.21 -11.53 5.72
CA VAL D 87 -44.49 -12.01 6.90
C VAL D 87 -45.43 -12.17 8.09
N GLY D 88 -45.06 -13.03 9.03
CA GLY D 88 -45.87 -13.27 10.23
C GLY D 88 -45.59 -12.23 11.31
N ASP D 89 -46.07 -12.50 12.52
CA ASP D 89 -45.74 -11.70 13.70
C ASP D 89 -44.27 -11.90 14.03
N ASP D 90 -43.83 -13.14 13.84
CA ASP D 90 -42.42 -13.52 13.87
C ASP D 90 -41.56 -12.67 12.92
N GLU D 91 -42.16 -12.23 11.81
CA GLU D 91 -41.50 -11.48 10.74
C GLU D 91 -40.77 -12.40 9.77
N ALA D 92 -40.92 -13.71 9.96
CA ALA D 92 -40.45 -14.69 9.00
C ALA D 92 -41.43 -14.76 7.84
N GLU D 93 -40.91 -15.05 6.64
CA GLU D 93 -41.73 -15.14 5.44
C GLU D 93 -42.70 -16.33 5.52
N LEU D 94 -43.99 -16.05 5.33
CA LEU D 94 -45.03 -17.09 5.31
C LEU D 94 -45.23 -17.60 3.89
N LYS D 95 -45.55 -16.67 2.98
CA LYS D 95 -45.76 -16.98 1.57
C LYS D 95 -45.10 -15.92 0.69
N SER D 96 -44.79 -16.30 -0.54
CA SER D 96 -44.35 -15.35 -1.56
C SER D 96 -44.81 -15.81 -2.93
N GLY D 97 -45.04 -14.85 -3.81
CA GLY D 97 -45.43 -15.13 -5.19
C GLY D 97 -44.74 -14.16 -6.12
N VAL D 98 -44.45 -14.63 -7.32
CA VAL D 98 -43.78 -13.82 -8.34
C VAL D 98 -44.66 -13.72 -9.59
N CYS D 99 -44.74 -12.54 -10.17
CA CYS D 99 -45.54 -12.33 -11.39
C CYS D 99 -44.88 -13.00 -12.58
N GLU D 100 -45.69 -13.39 -13.56
CA GLU D 100 -45.20 -13.99 -14.81
C GLU D 100 -44.48 -12.95 -15.65
N ALA D 101 -45.07 -11.76 -15.72
CA ALA D 101 -44.51 -10.65 -16.47
C ALA D 101 -43.51 -9.86 -15.62
N LYS D 102 -42.54 -9.25 -16.31
CA LYS D 102 -41.52 -8.45 -15.66
C LYS D 102 -41.82 -6.97 -15.86
N PHE D 103 -41.61 -6.18 -14.82
CA PHE D 103 -41.76 -4.73 -14.92
C PHE D 103 -40.66 -4.17 -15.80
N ASP D 104 -41.01 -3.26 -16.72
CA ASP D 104 -40.04 -2.62 -17.60
C ASP D 104 -39.51 -1.35 -16.93
N TYR D 105 -38.35 -1.48 -16.29
CA TYR D 105 -37.74 -0.38 -15.54
C TYR D 105 -37.03 0.58 -16.49
N GLN D 106 -37.46 1.84 -16.50
CA GLN D 106 -36.88 2.85 -17.36
C GLN D 106 -35.93 3.72 -16.56
N TYR D 107 -34.86 4.18 -17.20
CA TYR D 107 -33.84 4.96 -16.50
C TYR D 107 -32.95 5.70 -17.47
N ASN D 108 -32.32 6.75 -16.97
CA ASN D 108 -31.35 7.52 -17.72
C ASN D 108 -29.93 7.18 -17.30
N TYR D 109 -29.00 7.47 -18.20
CA TYR D 109 -27.58 7.47 -17.86
C TYR D 109 -27.27 8.89 -17.50
N VAL D 110 -26.48 9.04 -16.44
CA VAL D 110 -26.16 10.33 -15.92
C VAL D 110 -24.67 10.39 -15.65
N VAL D 111 -24.15 11.61 -15.74
CA VAL D 111 -22.83 11.92 -15.25
C VAL D 111 -22.97 12.32 -13.79
N THR D 112 -22.13 11.75 -12.93
CA THR D 112 -22.03 12.19 -11.54
C THR D 112 -20.57 12.52 -11.22
N THR D 113 -20.32 12.99 -10.01
CA THR D 113 -18.96 13.26 -9.56
C THR D 113 -18.55 12.17 -8.61
N PHE D 114 -17.45 11.50 -8.96
CA PHE D 114 -16.95 10.34 -8.20
C PHE D 114 -15.90 10.76 -7.18
N LEU D 115 -14.93 11.55 -7.60
CA LEU D 115 -13.84 11.99 -6.72
C LEU D 115 -13.49 13.44 -6.99
N GLY D 116 -13.15 14.15 -5.91
CA GLY D 116 -12.59 15.49 -6.01
C GLY D 116 -13.55 16.47 -5.37
N LYS D 117 -13.03 17.33 -4.50
CA LYS D 117 -13.83 18.41 -3.91
C LYS D 117 -13.02 19.69 -3.91
N LEU D 118 -13.69 20.80 -4.16
CA LEU D 118 -13.07 22.10 -4.30
C LEU D 118 -13.73 23.04 -3.29
N TYR D 119 -13.13 24.21 -3.12
CA TYR D 119 -13.69 25.23 -2.25
C TYR D 119 -13.53 26.62 -2.90
N GLU D 120 -14.07 27.63 -2.23
CA GLU D 120 -14.09 28.99 -2.76
C GLU D 120 -14.74 29.02 -4.15
N ASN D 121 -15.96 28.48 -4.18
CA ASN D 121 -16.73 28.39 -5.42
C ASN D 121 -15.92 27.87 -6.61
N ASN D 122 -15.30 26.71 -6.41
CA ASN D 122 -14.57 25.97 -7.43
C ASN D 122 -13.30 26.66 -7.93
N THR D 123 -12.77 27.59 -7.15
CA THR D 123 -11.54 28.27 -7.55
C THR D 123 -10.31 27.77 -6.84
N LYS D 124 -10.49 27.01 -5.76
CA LYS D 124 -9.35 26.49 -4.98
C LYS D 124 -9.53 25.04 -4.62
N TRP D 125 -8.40 24.35 -4.40
CA TRP D 125 -8.43 22.99 -3.88
C TRP D 125 -7.09 22.64 -3.28
N ASP D 126 -7.09 21.60 -2.47
CA ASP D 126 -5.88 21.09 -1.86
C ASP D 126 -5.48 19.88 -2.67
N VAL D 127 -4.17 19.66 -2.80
CA VAL D 127 -3.63 18.46 -3.41
C VAL D 127 -3.07 17.62 -2.27
N LEU D 128 -3.73 16.49 -2.01
CA LEU D 128 -3.26 15.62 -0.95
C LEU D 128 -3.75 14.22 -1.16
N ALA D 129 -2.96 13.28 -0.63
CA ALA D 129 -3.35 11.90 -0.53
C ALA D 129 -4.39 11.77 0.56
N GLY D 130 -5.41 10.94 0.33
CA GLY D 130 -6.47 10.78 1.32
C GLY D 130 -7.54 9.79 0.92
N PRO D 131 -8.49 9.51 1.83
CA PRO D 131 -9.67 8.67 1.53
C PRO D 131 -10.51 9.23 0.38
N PHE D 132 -11.25 8.37 -0.32
CA PHE D 132 -12.11 8.79 -1.42
C PHE D 132 -12.87 10.09 -1.12
N ASP D 133 -13.48 10.17 0.06
CA ASP D 133 -14.33 11.34 0.41
C ASP D 133 -13.55 12.57 0.92
N ASP D 134 -12.23 12.46 1.04
CA ASP D 134 -11.40 13.53 1.62
C ASP D 134 -9.97 13.46 1.09
N CYS D 135 -9.85 13.72 -0.22
CA CYS D 135 -8.57 13.67 -0.93
C CYS D 135 -8.37 14.90 -1.81
N GLY D 136 -8.86 16.04 -1.33
CA GLY D 136 -8.77 17.27 -2.09
C GLY D 136 -9.35 17.14 -3.49
N ALA D 137 -8.70 17.79 -4.45
CA ALA D 137 -9.06 17.66 -5.85
C ALA D 137 -7.79 17.54 -6.69
N PHE D 138 -7.95 17.44 -8.00
CA PHE D 138 -6.85 16.92 -8.81
C PHE D 138 -6.36 17.92 -9.84
N ASP D 139 -5.05 18.14 -9.87
CA ASP D 139 -4.46 19.10 -10.77
C ASP D 139 -4.57 18.75 -12.24
N ASN D 140 -4.30 17.50 -12.59
CA ASN D 140 -4.21 17.12 -14.00
C ASN D 140 -4.43 15.64 -14.18
N ILE D 141 -5.60 15.29 -14.69
CA ILE D 141 -5.97 13.87 -14.84
C ILE D 141 -5.76 13.52 -16.32
N TRP D 142 -4.51 13.28 -16.69
CA TRP D 142 -4.07 13.33 -18.07
C TRP D 142 -4.30 12.01 -18.85
N ARG D 143 -3.83 10.89 -18.29
CA ARG D 143 -4.09 9.56 -18.85
C ARG D 143 -4.32 8.56 -17.74
N PHE D 146 -6.32 1.22 -15.63
CA PHE D 146 -6.45 0.18 -14.62
C PHE D 146 -5.26 -0.78 -14.67
N ASP D 147 -4.77 -1.19 -13.50
CA ASP D 147 -3.84 -2.31 -13.42
C ASP D 147 -4.60 -3.56 -13.88
N PRO D 148 -4.13 -4.21 -14.97
CA PRO D 148 -4.88 -5.35 -15.52
C PRO D 148 -4.92 -6.59 -14.63
N ASN D 149 -4.06 -6.63 -13.62
CA ASN D 149 -4.04 -7.72 -12.68
C ASN D 149 -4.76 -7.43 -11.36
N SER D 150 -5.48 -6.30 -11.29
CA SER D 150 -6.15 -5.84 -10.05
C SER D 150 -7.66 -6.07 -10.01
N ASN D 151 -8.22 -6.70 -11.04
CA ASN D 151 -9.68 -6.89 -11.11
C ASN D 151 -10.47 -5.60 -10.86
N TYR D 152 -10.03 -4.53 -11.52
CA TYR D 152 -10.64 -3.20 -11.44
C TYR D 152 -10.60 -2.58 -10.05
N ASP D 153 -9.62 -2.97 -9.25
CA ASP D 153 -9.43 -2.38 -7.93
C ASP D 153 -8.36 -1.30 -7.83
N ASP D 154 -7.53 -1.17 -8.86
CA ASP D 154 -6.46 -0.16 -8.86
C ASP D 154 -6.40 0.60 -10.18
N LEU D 155 -6.70 1.88 -10.09
CA LEU D 155 -6.72 2.75 -11.25
C LEU D 155 -5.64 3.80 -11.04
N TYR D 156 -4.78 3.99 -12.03
CA TYR D 156 -3.72 4.98 -11.97
C TYR D 156 -3.89 6.07 -12.99
N TRP D 157 -3.37 7.26 -12.72
CA TRP D 157 -3.25 8.25 -13.75
C TRP D 157 -2.00 9.06 -13.64
N VAL D 158 -1.46 9.40 -14.80
CA VAL D 158 -0.39 10.36 -14.89
C VAL D 158 -0.95 11.76 -14.94
N GLY D 159 -0.11 12.70 -14.50
CA GLY D 159 -0.48 14.11 -14.44
C GLY D 159 0.44 15.10 -15.14
N GLN D 160 1.17 14.65 -16.17
CA GLN D 160 2.21 15.46 -16.81
C GLN D 160 3.17 16.02 -15.76
N ARG D 161 3.20 17.35 -15.55
CA ARG D 161 4.09 17.92 -14.52
C ARG D 161 3.54 17.84 -13.11
N ASP D 162 2.26 17.50 -13.00
CA ASP D 162 1.58 17.45 -11.72
C ASP D 162 1.57 16.03 -11.19
N ALA D 163 0.80 15.78 -10.11
CA ALA D 163 0.92 14.50 -9.42
C ALA D 163 0.36 13.33 -10.22
N PHE D 164 1.01 12.20 -9.98
CA PHE D 164 0.61 10.87 -10.41
C PHE D 164 -0.25 10.32 -9.30
N ARG D 165 -1.44 9.79 -9.62
CA ARG D 165 -2.36 9.38 -8.58
C ARG D 165 -2.72 7.91 -8.71
N HIS D 166 -3.08 7.33 -7.57
CA HIS D 166 -3.47 5.94 -7.47
C HIS D 166 -4.82 5.84 -6.73
N VAL D 167 -5.84 5.35 -7.44
CA VAL D 167 -7.18 5.10 -6.85
C VAL D 167 -7.23 3.63 -6.44
N ASP D 168 -7.31 3.41 -5.15
CA ASP D 168 -7.35 2.07 -4.55
C ASP D 168 -8.79 1.80 -4.08
N PHE D 169 -9.52 0.95 -4.80
CA PHE D 169 -10.94 0.73 -4.49
C PHE D 169 -11.14 -0.10 -3.23
N VAL D 170 -10.21 -1.01 -2.97
CA VAL D 170 -10.35 -1.90 -1.80
C VAL D 170 -10.24 -1.08 -0.51
N ASN D 171 -9.25 -0.19 -0.46
CA ASN D 171 -9.06 0.68 0.69
C ASN D 171 -9.75 2.06 0.58
N GLN D 172 -10.42 2.33 -0.53
CA GLN D 172 -11.15 3.58 -0.72
CA GLN D 172 -11.13 3.59 -0.76
C GLN D 172 -10.20 4.76 -0.46
N TYR D 173 -9.08 4.77 -1.18
CA TYR D 173 -8.00 5.74 -0.93
C TYR D 173 -7.42 6.24 -2.23
N VAL D 174 -7.08 7.52 -2.30
CA VAL D 174 -6.45 8.10 -3.49
C VAL D 174 -5.07 8.61 -3.11
N ASP D 175 -4.05 7.83 -3.42
CA ASP D 175 -2.68 8.18 -3.02
C ASP D 175 -2.03 9.07 -4.08
N ILE D 176 -0.90 9.65 -3.70
CA ILE D 176 -0.01 10.33 -4.62
C ILE D 176 1.23 9.45 -4.76
N LYS D 177 1.59 9.11 -6.00
CA LYS D 177 2.78 8.26 -6.26
C LYS D 177 4.00 9.11 -6.54
N THR D 178 5.04 8.91 -5.76
CA THR D 178 6.32 9.57 -6.03
C THR D 178 6.98 8.88 -7.24
N THR D 179 7.18 9.62 -8.32
CA THR D 179 7.79 9.01 -9.52
C THR D 179 9.21 9.50 -9.77
N ASN D 180 9.53 10.68 -9.28
CA ASN D 180 10.74 11.40 -9.66
C ASN D 180 10.87 11.52 -11.17
N ILE D 181 9.72 11.63 -11.84
CA ILE D 181 9.60 11.87 -13.28
C ILE D 181 8.95 13.24 -13.48
N GLY D 182 9.65 14.11 -14.21
CA GLY D 182 9.22 15.50 -14.32
C GLY D 182 8.01 15.75 -15.18
N GLN D 183 7.81 14.91 -16.18
CA GLN D 183 6.70 15.10 -17.07
C GLN D 183 6.18 13.73 -17.54
N CYS D 184 5.23 13.21 -16.78
CA CYS D 184 4.65 11.88 -16.99
C CYS D 184 3.59 11.98 -18.08
N ALA D 185 3.92 11.48 -19.26
CA ALA D 185 3.08 11.66 -20.45
C ALA D 185 2.05 10.53 -20.69
N ASP D 186 2.34 9.34 -20.19
CA ASP D 186 1.45 8.17 -20.40
C ASP D 186 1.82 7.07 -19.41
N VAL D 187 0.88 6.15 -19.22
CA VAL D 187 1.03 5.00 -18.32
C VAL D 187 0.38 3.79 -18.98
N ASN D 188 1.03 2.64 -18.86
CA ASN D 188 0.48 1.38 -19.31
C ASN D 188 1.10 0.27 -18.46
N PHE D 189 0.76 -0.98 -18.77
CA PHE D 189 1.32 -2.12 -18.09
C PHE D 189 1.86 -3.12 -19.09
N THR D 190 2.99 -3.72 -18.77
CA THR D 190 3.57 -4.74 -19.65
C THR D 190 2.77 -6.03 -19.48
N LEU D 191 3.06 -7.02 -20.31
CA LEU D 191 2.38 -8.32 -20.20
C LEU D 191 2.72 -9.05 -18.90
N ASN D 192 3.85 -8.68 -18.28
CA ASN D 192 4.28 -9.21 -16.99
CA ASN D 192 4.21 -9.25 -16.99
C ASN D 192 3.61 -8.45 -15.82
N GLY D 193 2.91 -7.38 -16.13
CA GLY D 193 2.19 -6.59 -15.11
C GLY D 193 2.97 -5.44 -14.52
N ASP D 194 4.17 -5.19 -15.04
CA ASP D 194 4.96 -4.03 -14.60
C ASP D 194 4.37 -2.74 -15.17
N VAL D 196 4.49 0.76 -16.87
CA VAL D 196 5.26 1.62 -17.77
C VAL D 196 4.86 3.08 -17.64
N VAL D 197 5.84 3.97 -17.54
CA VAL D 197 5.54 5.39 -17.45
C VAL D 197 6.49 6.13 -18.40
N VAL D 198 5.92 6.96 -19.27
CA VAL D 198 6.72 7.72 -20.21
C VAL D 198 7.08 9.08 -19.61
N ASP D 199 8.36 9.45 -19.74
CA ASP D 199 8.83 10.79 -19.36
C ASP D 199 9.08 11.56 -20.64
N ASP D 200 8.35 12.66 -20.85
CA ASP D 200 8.55 13.55 -22.00
C ASP D 200 9.61 14.57 -21.60
N GLN D 201 10.83 14.34 -22.07
CA GLN D 201 11.98 15.17 -21.70
C GLN D 201 12.90 15.37 -22.92
N SER D 202 13.76 16.38 -22.82
CA SER D 202 14.38 16.96 -24.02
C SER D 202 15.77 16.46 -24.39
N SER D 203 16.20 15.33 -23.84
CA SER D 203 17.51 14.78 -24.20
C SER D 203 17.43 13.38 -24.82
N ASP D 204 18.15 13.20 -25.93
CA ASP D 204 18.23 11.90 -26.59
C ASP D 204 19.04 10.93 -25.77
N THR D 205 19.80 11.43 -24.80
CA THR D 205 20.64 10.55 -24.00
C THR D 205 20.11 10.34 -22.58
N ASN D 206 18.86 10.75 -22.34
CA ASN D 206 18.21 10.47 -21.06
C ASN D 206 17.00 9.58 -21.28
N THR D 207 16.61 8.90 -20.20
CA THR D 207 15.48 7.98 -20.23
C THR D 207 14.16 8.61 -20.61
N GLY D 208 13.46 7.95 -21.53
CA GLY D 208 12.11 8.38 -21.91
C GLY D 208 11.04 7.41 -21.47
N ILE D 209 11.43 6.16 -21.22
CA ILE D 209 10.49 5.16 -20.78
C ILE D 209 11.01 4.48 -19.51
N TYR D 210 10.21 4.55 -18.46
CA TYR D 210 10.51 3.97 -17.17
C TYR D 210 9.56 2.84 -16.88
N LEU D 211 10.00 2.00 -15.94
CA LEU D 211 9.21 0.87 -15.48
CA LEU D 211 9.21 0.87 -15.48
C LEU D 211 9.21 0.85 -13.95
N PHE D 212 8.03 0.64 -13.35
CA PHE D 212 7.95 0.38 -11.92
C PHE D 212 7.55 -1.09 -11.78
N THR D 213 8.31 -1.86 -11.02
CA THR D 213 8.15 -3.31 -11.04
C THR D 213 7.00 -3.77 -10.14
N ARG D 214 6.22 -4.70 -10.67
CA ARG D 214 5.11 -5.27 -9.92
C ARG D 214 5.61 -6.03 -8.69
N ALA D 215 6.75 -6.71 -8.85
CA ALA D 215 7.35 -7.52 -7.80
C ALA D 215 7.74 -6.70 -6.58
N SER D 216 8.00 -5.39 -6.76
CA SER D 216 8.36 -4.48 -5.66
C SER D 216 7.18 -3.68 -5.13
N GLY D 217 5.96 -4.06 -5.51
CA GLY D 217 4.80 -3.22 -5.20
C GLY D 217 4.85 -1.88 -5.92
N PHE D 218 5.51 -1.87 -7.08
CA PHE D 218 5.69 -0.68 -7.90
C PHE D 218 6.56 0.42 -7.25
N THR D 219 7.35 0.05 -6.25
CA THR D 219 8.25 0.99 -5.60
C THR D 219 9.55 1.17 -6.37
N GLU D 220 10.08 0.08 -6.95
CA GLU D 220 11.36 0.13 -7.65
C GLU D 220 11.19 0.59 -9.10
N ARG D 221 11.90 1.65 -9.44
CA ARG D 221 11.90 2.21 -10.79
C ARG D 221 13.13 1.75 -11.59
N LEU D 222 12.91 1.31 -12.81
CA LEU D 222 13.96 0.91 -13.75
C LEU D 222 13.87 1.85 -14.95
N SER D 223 15.02 2.13 -15.55
CA SER D 223 15.07 2.88 -16.81
C SER D 223 15.11 1.86 -17.95
N LEU D 224 14.16 1.96 -18.87
CA LEU D 224 14.06 1.00 -19.96
C LEU D 224 14.85 1.45 -21.16
N CYS D 225 14.60 2.66 -21.66
CA CYS D 225 15.35 3.16 -22.82
C CYS D 225 15.33 4.67 -22.93
N ASN D 226 16.37 5.17 -23.56
CA ASN D 226 16.43 6.59 -23.87
C ASN D 226 15.43 6.91 -24.98
N ALA D 227 14.76 8.05 -24.82
CA ALA D 227 13.87 8.59 -25.84
C ALA D 227 13.63 10.05 -25.52
N ARG D 228 13.86 10.91 -26.51
CA ARG D 228 13.57 12.32 -26.38
C ARG D 228 12.17 12.66 -26.87
N GLY D 229 11.44 13.45 -26.07
CA GLY D 229 10.13 13.92 -26.48
C GLY D 229 9.09 12.83 -26.67
N ALA D 230 9.18 11.77 -25.87
CA ALA D 230 8.25 10.64 -25.99
C ALA D 230 6.86 10.99 -25.43
N LYS D 231 5.81 10.50 -26.10
CA LYS D 231 4.46 10.95 -25.85
C LYS D 231 3.44 9.88 -25.41
N THR D 232 3.70 8.61 -25.69
CA THR D 232 2.68 7.58 -25.52
C THR D 232 3.37 6.24 -25.37
N CYS D 233 2.70 5.27 -24.76
CA CYS D 233 3.25 3.91 -24.56
C CYS D 233 2.15 2.86 -24.69
N ALA D 234 2.03 2.28 -25.88
CA ALA D 234 0.94 1.38 -26.18
C ALA D 234 1.51 -0.02 -26.21
N VAL D 235 1.11 -0.85 -25.25
CA VAL D 235 1.61 -2.22 -25.14
C VAL D 235 0.79 -3.19 -25.97
N HIS D 236 1.42 -3.84 -26.93
CA HIS D 236 0.69 -4.77 -27.80
C HIS D 236 0.24 -5.98 -26.99
N PRO D 237 -1.05 -6.38 -27.11
CA PRO D 237 -1.58 -7.38 -26.18
C PRO D 237 -1.08 -8.83 -26.32
N GLN D 238 -0.44 -9.17 -27.44
CA GLN D 238 0.20 -10.45 -27.61
C GLN D 238 1.73 -10.39 -27.68
N ASN D 239 2.30 -9.44 -28.42
CA ASN D 239 3.75 -9.38 -28.57
C ASN D 239 4.47 -8.62 -27.43
N GLY D 240 3.70 -7.88 -26.63
CA GLY D 240 4.19 -7.19 -25.43
C GLY D 240 5.09 -6.00 -25.65
N LYS D 241 5.37 -5.66 -26.92
CA LYS D 241 6.24 -4.52 -27.20
C LYS D 241 5.52 -3.21 -26.85
N ILE D 242 6.32 -2.23 -26.44
CA ILE D 242 5.85 -0.91 -26.06
C ILE D 242 6.05 0.00 -27.26
N TYR D 243 4.95 0.38 -27.88
CA TYR D 243 4.97 1.25 -29.06
C TYR D 243 4.83 2.70 -28.63
N TYR D 244 5.64 3.57 -29.22
CA TYR D 244 5.72 4.96 -28.82
C TYR D 244 6.06 5.89 -29.95
N THR D 245 5.84 7.19 -29.72
CA THR D 245 6.26 8.22 -30.66
C THR D 245 7.17 9.19 -29.91
N ARG D 246 8.00 9.89 -30.68
CA ARG D 246 8.85 10.96 -30.21
C ARG D 246 8.62 12.22 -31.03
N TYR D 247 8.61 13.36 -30.35
CA TYR D 247 8.27 14.65 -30.94
C TYR D 247 9.02 14.94 -32.26
N HIS D 248 10.31 14.69 -32.30
CA HIS D 248 11.12 15.08 -33.45
C HIS D 248 11.21 14.04 -34.58
N HIS D 249 10.41 12.97 -34.52
CA HIS D 249 10.53 11.89 -35.49
C HIS D 249 9.15 11.49 -35.98
N ALA D 250 8.97 11.43 -37.31
CA ALA D 250 7.67 11.07 -37.88
C ALA D 250 7.60 9.57 -38.09
N ILE D 252 6.47 5.52 -35.73
CA ILE D 252 6.20 4.77 -34.51
C ILE D 252 7.44 3.94 -34.23
N SER D 253 7.92 4.00 -33.00
CA SER D 253 9.03 3.19 -32.52
C SER D 253 8.51 2.11 -31.55
N SER D 254 9.36 1.16 -31.22
CA SER D 254 9.03 0.25 -30.14
C SER D 254 10.24 -0.11 -29.31
N TYR D 255 9.95 -0.55 -28.09
CA TYR D 255 10.89 -1.16 -27.21
C TYR D 255 10.29 -2.48 -26.71
N ASP D 256 11.03 -3.56 -26.84
CA ASP D 256 10.59 -4.87 -26.39
C ASP D 256 11.13 -5.13 -24.99
N PRO D 257 10.25 -5.11 -23.99
CA PRO D 257 10.78 -5.28 -22.64
C PRO D 257 11.28 -6.71 -22.33
N ALA D 258 10.91 -7.68 -23.15
CA ALA D 258 11.38 -9.06 -22.98
C ALA D 258 12.82 -9.21 -23.47
N THR D 259 13.17 -8.53 -24.56
CA THR D 259 14.48 -8.71 -25.19
C THR D 259 15.42 -7.50 -25.07
N GLY D 260 14.90 -6.33 -24.76
CA GLY D 260 15.69 -5.11 -24.76
C GLY D 260 15.85 -4.47 -26.13
N THR D 261 15.20 -5.02 -27.16
CA THR D 261 15.38 -4.54 -28.53
C THR D 261 14.59 -3.27 -28.79
N LEU D 262 15.30 -2.24 -29.27
CA LEU D 262 14.69 -0.98 -29.66
C LEU D 262 14.54 -0.98 -31.18
N THR D 263 13.33 -0.74 -31.67
CA THR D 263 13.09 -0.59 -33.11
C THR D 263 12.70 0.86 -33.39
N GLU D 264 13.63 1.62 -33.96
CA GLU D 264 13.40 3.04 -34.11
C GLU D 264 12.26 3.34 -35.08
N GLU D 265 12.18 2.59 -36.17
CA GLU D 265 11.16 2.83 -37.17
C GLU D 265 10.35 1.56 -37.46
N GLU D 266 9.29 1.34 -36.68
CA GLU D 266 8.31 0.31 -36.95
C GLU D 266 7.54 0.69 -38.20
N VAL D 267 7.18 1.96 -38.31
CA VAL D 267 6.55 2.48 -39.53
C VAL D 267 6.66 3.99 -39.56
N ASP D 270 2.86 10.32 -41.12
CA ASP D 270 2.79 11.48 -41.97
C ASP D 270 2.91 12.83 -41.22
N THR D 271 3.06 12.75 -39.90
CA THR D 271 3.07 13.91 -39.02
C THR D 271 4.01 13.64 -37.85
N LYS D 272 4.73 14.67 -37.43
CA LYS D 272 5.52 14.64 -36.17
C LYS D 272 5.30 15.97 -35.48
N GLY D 273 6.05 16.19 -34.40
CA GLY D 273 6.00 17.51 -33.73
C GLY D 273 4.69 17.77 -33.05
N SER D 274 4.08 16.74 -32.50
CA SER D 274 2.73 16.86 -31.96
C SER D 274 2.52 15.74 -30.94
N ASN D 275 1.44 15.84 -30.17
CA ASN D 275 1.04 14.77 -29.26
C ASN D 275 0.24 13.68 -30.00
N PHE D 276 0.58 12.43 -29.73
CA PHE D 276 -0.18 11.27 -30.21
C PHE D 276 -0.53 10.35 -29.07
N HIS D 277 -1.64 9.64 -29.21
CA HIS D 277 -1.98 8.60 -28.25
C HIS D 277 -2.35 7.35 -29.00
N ILE D 278 -1.61 6.26 -28.77
CA ILE D 278 -1.83 5.02 -29.50
C ILE D 278 -2.59 4.06 -28.58
N VAL D 279 -3.62 3.40 -29.11
CA VAL D 279 -4.37 2.40 -28.35
C VAL D 279 -4.57 1.13 -29.19
N TRP D 280 -4.11 -0.02 -28.69
CA TRP D 280 -4.27 -1.28 -29.40
C TRP D 280 -5.71 -1.74 -29.31
N HIS D 281 -6.27 -2.20 -30.41
CA HIS D 281 -7.49 -3.01 -30.36
C HIS D 281 -7.23 -4.23 -29.49
N PRO D 282 -8.20 -4.67 -28.68
CA PRO D 282 -7.98 -5.83 -27.82
C PRO D 282 -7.47 -7.08 -28.55
N THR D 283 -7.87 -7.26 -29.81
CA THR D 283 -7.37 -8.38 -30.61
C THR D 283 -5.88 -8.30 -30.94
N GLY D 284 -5.32 -7.10 -30.87
CA GLY D 284 -3.97 -6.84 -31.36
C GLY D 284 -3.83 -6.73 -32.87
N ASP D 285 -4.93 -6.81 -33.61
CA ASP D 285 -4.88 -6.79 -35.09
C ASP D 285 -4.50 -5.43 -35.66
N TRP D 286 -4.76 -4.39 -34.88
CA TRP D 286 -4.55 -3.01 -35.27
C TRP D 286 -4.65 -2.07 -34.07
N ALA D 287 -4.22 -0.83 -34.25
CA ALA D 287 -4.31 0.20 -33.21
C ALA D 287 -4.88 1.47 -33.81
N TYR D 288 -5.54 2.26 -32.97
CA TYR D 288 -5.79 3.65 -33.33
C TYR D 288 -4.64 4.51 -32.93
N ILE D 289 -4.35 5.50 -33.77
CA ILE D 289 -3.42 6.58 -33.45
C ILE D 289 -4.26 7.83 -33.36
N ILE D 290 -4.44 8.33 -32.14
CA ILE D 290 -5.15 9.58 -31.94
C ILE D 290 -4.16 10.74 -32.12
N TYR D 291 -4.45 11.59 -33.11
CA TYR D 291 -3.68 12.80 -33.33
C TYR D 291 -4.27 13.87 -32.42
N ASN D 292 -3.76 13.94 -31.19
CA ASN D 292 -4.31 14.83 -30.16
C ASN D 292 -4.35 16.29 -30.59
N GLY D 293 -3.30 16.73 -31.27
CA GLY D 293 -3.19 18.11 -31.70
C GLY D 293 -3.69 18.42 -33.09
N LYS D 294 -3.94 17.39 -33.90
CA LYS D 294 -4.41 17.56 -35.28
C LYS D 294 -5.88 17.14 -35.50
N HIS D 295 -6.56 16.62 -34.49
CA HIS D 295 -8.03 16.50 -34.48
C HIS D 295 -8.51 15.40 -35.41
N CYS D 296 -7.81 14.27 -35.38
CA CYS D 296 -8.18 13.16 -36.23
C CYS D 296 -7.67 11.87 -35.62
N ILE D 297 -8.19 10.77 -36.10
CA ILE D 297 -7.81 9.44 -35.61
C ILE D 297 -7.44 8.60 -36.81
N TYR D 298 -6.27 7.95 -36.74
CA TYR D 298 -5.81 7.05 -37.80
C TYR D 298 -5.82 5.61 -37.28
N ARG D 299 -5.75 4.66 -38.20
CA ARG D 299 -5.64 3.24 -37.85
C ARG D 299 -4.36 2.69 -38.44
N VAL D 300 -3.65 1.89 -37.65
CA VAL D 300 -2.43 1.23 -38.10
C VAL D 300 -2.57 -0.28 -37.92
N ASP D 301 -2.50 -1.00 -39.04
CA ASP D 301 -2.70 -2.44 -39.01
C ASP D 301 -1.43 -3.17 -38.58
N TYR D 302 -1.61 -4.29 -37.88
CA TYR D 302 -0.51 -5.16 -37.49
C TYR D 302 -0.61 -6.45 -38.25
N ASN D 303 0.47 -6.82 -38.95
CA ASN D 303 0.51 -8.08 -39.69
C ASN D 303 1.00 -9.19 -38.77
N ARG D 304 0.12 -10.12 -38.45
CA ARG D 304 0.37 -11.20 -37.49
C ARG D 304 1.54 -12.12 -37.92
N GLU D 305 1.71 -12.32 -39.22
CA GLU D 305 2.73 -13.23 -39.75
C GLU D 305 4.13 -12.61 -39.71
N THR D 306 4.25 -11.37 -40.18
CA THR D 306 5.55 -10.68 -40.25
C THR D 306 5.86 -9.85 -39.00
N GLY D 307 4.85 -9.56 -38.19
CA GLY D 307 5.00 -8.72 -37.00
C GLY D 307 5.17 -7.25 -37.35
N LYS D 308 4.92 -6.88 -38.61
CA LYS D 308 5.20 -5.52 -39.09
C LYS D 308 3.95 -4.66 -39.11
N LEU D 309 4.13 -3.35 -38.94
CA LEU D 309 3.01 -2.41 -39.06
C LEU D 309 2.81 -1.98 -40.50
N ALA D 310 1.55 -1.83 -40.90
CA ALA D 310 1.20 -1.26 -42.21
C ALA D 310 1.21 0.28 -42.13
N VAL D 311 1.16 0.95 -43.28
CA VAL D 311 1.12 2.41 -43.33
C VAL D 311 -0.19 2.86 -42.70
N PRO D 312 -0.12 3.81 -41.76
CA PRO D 312 -1.36 4.25 -41.13
C PRO D 312 -2.27 4.98 -42.10
N TYR D 313 -3.57 4.87 -41.88
CA TYR D 313 -4.56 5.59 -42.69
C TYR D 313 -5.61 6.27 -41.82
N ILE D 314 -6.16 7.39 -42.28
CA ILE D 314 -7.12 8.15 -41.48
C ILE D 314 -8.48 7.40 -41.40
N VAL D 315 -9.12 7.48 -40.23
CA VAL D 315 -10.44 6.90 -40.00
C VAL D 315 -11.49 7.97 -39.81
N CYS D 316 -11.20 8.98 -38.99
CA CYS D 316 -12.15 10.05 -38.77
C CYS D 316 -11.49 11.38 -38.45
N GLY D 317 -12.30 12.42 -38.55
CA GLY D 317 -11.82 13.80 -38.46
C GLY D 317 -11.13 14.27 -39.69
N GLN D 318 -10.66 15.51 -39.64
CA GLN D 318 -9.86 16.09 -40.71
C GLN D 318 -8.67 16.74 -40.04
N HIS D 319 -7.48 16.31 -40.46
CA HIS D 319 -6.21 16.76 -39.97
C HIS D 319 -6.16 18.30 -40.01
N SER D 320 -5.88 18.86 -38.84
CA SER D 320 -5.73 20.29 -38.64
C SER D 320 -7.05 21.09 -38.78
N SER D 321 -8.19 20.40 -38.67
CA SER D 321 -9.49 21.06 -38.79
CA SER D 321 -9.50 21.06 -38.79
C SER D 321 -10.35 20.75 -37.57
N PRO D 322 -10.18 21.56 -36.49
CA PRO D 322 -10.91 21.28 -35.27
C PRO D 322 -12.36 21.68 -35.38
N GLY D 323 -13.22 20.91 -34.74
CA GLY D 323 -14.62 21.25 -34.61
C GLY D 323 -15.38 20.19 -33.87
N TRP D 324 -16.65 20.45 -33.61
CA TRP D 324 -17.54 19.48 -33.03
C TRP D 324 -18.64 19.16 -34.02
N VAL D 325 -18.42 18.11 -34.80
CA VAL D 325 -19.38 17.70 -35.82
C VAL D 325 -19.46 16.18 -35.78
N ASP D 326 -20.63 15.66 -35.45
CA ASP D 326 -20.82 14.20 -35.46
C ASP D 326 -21.03 13.79 -36.91
N GLY D 327 -20.63 12.59 -37.27
CA GLY D 327 -20.82 12.14 -38.62
C GLY D 327 -19.99 10.91 -38.93
N GLY D 329 -16.88 9.03 -40.48
CA GLY D 329 -15.46 9.13 -40.86
C GLY D 329 -14.90 10.53 -40.94
N THR D 330 -14.39 10.89 -42.12
CA THR D 330 -13.74 12.18 -42.33
C THR D 330 -14.69 13.34 -42.56
N GLY D 331 -16.00 13.08 -42.50
CA GLY D 331 -17.02 14.13 -42.42
C GLY D 331 -17.26 14.60 -41.01
N ALA D 332 -16.82 13.82 -40.03
CA ALA D 332 -16.82 14.22 -38.64
C ALA D 332 -15.69 15.22 -38.39
N ARG D 333 -15.87 16.04 -37.36
CA ARG D 333 -14.79 16.88 -36.86
C ARG D 333 -14.64 16.61 -35.39
N LEU D 334 -13.38 16.55 -34.98
CA LEU D 334 -12.95 16.35 -33.60
C LEU D 334 -12.27 17.60 -33.15
N TRP D 335 -12.17 17.74 -31.83
CA TRP D 335 -11.50 18.89 -31.26
C TRP D 335 -10.72 18.50 -30.01
N GLY D 336 -9.45 18.27 -30.22
CA GLY D 336 -8.54 17.84 -29.17
C GLY D 336 -8.87 16.46 -28.63
N PRO D 337 -9.00 15.47 -29.53
CA PRO D 337 -9.23 14.11 -29.03
C PRO D 337 -8.04 13.65 -28.20
N ASN D 338 -8.29 13.14 -27.01
CA ASN D 338 -7.20 12.82 -26.10
C ASN D 338 -7.12 11.35 -25.82
N GLN D 339 -7.54 10.86 -24.66
CA GLN D 339 -7.52 9.43 -24.42
C GLN D 339 -8.77 8.75 -24.98
N GLY D 340 -8.57 7.54 -25.49
CA GLY D 340 -9.66 6.65 -25.87
C GLY D 340 -9.45 5.23 -25.39
N ILE D 341 -10.55 4.49 -25.29
CA ILE D 341 -10.55 3.10 -24.86
C ILE D 341 -11.56 2.27 -25.62
N PHE D 342 -11.27 0.99 -25.78
CA PHE D 342 -12.21 0.06 -26.39
C PHE D 342 -13.13 -0.54 -25.34
N VAL D 343 -14.43 -0.56 -25.65
CA VAL D 343 -15.44 -1.09 -24.75
C VAL D 343 -16.32 -2.07 -25.52
N LYS D 344 -16.49 -3.26 -24.95
CA LYS D 344 -17.25 -4.29 -25.64
C LYS D 344 -18.72 -3.87 -25.78
N ASN D 345 -19.26 -4.08 -26.97
CA ASN D 345 -20.66 -3.81 -27.27
C ASN D 345 -21.33 -5.15 -27.58
N GLU D 346 -22.28 -5.53 -26.73
CA GLU D 346 -22.99 -6.80 -26.89
C GLU D 346 -23.79 -6.89 -28.18
N ALA D 347 -24.23 -5.74 -28.72
CA ALA D 347 -24.92 -5.72 -30.02
C ALA D 347 -24.02 -6.20 -31.17
N TYR D 348 -22.70 -6.18 -30.98
CA TYR D 348 -21.75 -6.66 -31.99
C TYR D 348 -21.30 -8.11 -31.75
N ALA D 349 -21.92 -8.81 -30.80
CA ALA D 349 -21.49 -10.17 -30.44
C ALA D 349 -21.31 -11.03 -31.69
N GLY D 350 -20.12 -11.61 -31.84
CA GLY D 350 -19.84 -12.52 -32.95
C GLY D 350 -19.41 -11.88 -34.25
N GLU D 351 -19.36 -10.56 -34.31
CA GLU D 351 -18.84 -9.86 -35.49
C GLU D 351 -17.32 -9.78 -35.35
N GLU D 352 -16.62 -9.34 -36.41
CA GLU D 352 -15.16 -9.28 -36.35
C GLU D 352 -14.67 -8.26 -35.31
N ASP D 353 -15.35 -7.12 -35.25
CA ASP D 353 -15.06 -6.10 -34.25
C ASP D 353 -16.19 -6.03 -33.22
N GLU D 354 -15.92 -6.50 -32.01
CA GLU D 354 -16.92 -6.51 -30.94
C GLU D 354 -16.91 -5.26 -30.06
N TYR D 355 -16.13 -4.24 -30.43
CA TYR D 355 -15.83 -3.08 -29.56
C TYR D 355 -16.20 -1.75 -30.17
N ASP D 356 -16.66 -0.82 -29.34
CA ASP D 356 -16.73 0.59 -29.69
C ASP D 356 -15.54 1.29 -29.03
N PHE D 357 -15.17 2.44 -29.56
CA PHE D 357 -14.03 3.21 -29.08
C PHE D 357 -14.55 4.53 -28.50
N TYR D 358 -14.51 4.63 -27.18
CA TYR D 358 -14.95 5.83 -26.45
C TYR D 358 -13.75 6.72 -26.17
N PHE D 359 -13.87 8.01 -26.48
CA PHE D 359 -12.77 8.92 -26.29
C PHE D 359 -13.23 10.26 -25.80
N CYS D 360 -12.33 10.92 -25.09
CA CYS D 360 -12.53 12.27 -24.59
C CYS D 360 -12.09 13.24 -25.67
N ASP D 361 -12.98 14.11 -26.05
CA ASP D 361 -12.72 15.15 -27.03
C ASP D 361 -12.61 16.41 -26.18
N ARG D 362 -11.38 16.72 -25.80
CA ARG D 362 -11.10 17.69 -24.75
C ARG D 362 -11.65 19.08 -25.01
N ASP D 363 -11.50 19.53 -26.25
CA ASP D 363 -11.81 20.92 -26.58
C ASP D 363 -13.22 21.13 -27.13
N SER D 364 -13.95 20.05 -27.41
CA SER D 364 -15.42 20.14 -27.60
C SER D 364 -16.15 19.82 -26.28
N HIS D 365 -15.39 19.37 -25.29
CA HIS D 365 -15.89 19.07 -23.94
C HIS D 365 -16.89 17.93 -23.92
N THR D 366 -16.57 16.88 -24.67
CA THR D 366 -17.46 15.73 -24.76
C THR D 366 -16.71 14.43 -24.61
N VAL D 367 -17.47 13.39 -24.32
CA VAL D 367 -17.07 12.03 -24.51
C VAL D 367 -17.79 11.61 -25.80
N ARG D 368 -17.02 11.02 -26.72
CA ARG D 368 -17.53 10.64 -28.05
C ARG D 368 -17.26 9.18 -28.29
N VAL D 369 -17.94 8.62 -29.27
CA VAL D 369 -17.81 7.21 -29.61
C VAL D 369 -17.54 7.09 -31.10
N LEU D 370 -16.57 6.23 -31.43
CA LEU D 370 -16.22 5.85 -32.79
C LEU D 370 -16.51 4.36 -32.95
N THR D 371 -17.48 4.06 -33.80
CA THR D 371 -17.91 2.69 -34.06
C THR D 371 -17.02 2.04 -35.13
N PRO D 372 -17.06 0.70 -35.23
CA PRO D 372 -16.29 -0.01 -36.26
C PRO D 372 -16.54 0.44 -37.70
N GLU D 373 -17.76 0.88 -38.02
CA GLU D 373 -18.04 1.40 -39.37
C GLU D 373 -17.45 2.81 -39.60
N GLY D 374 -16.99 3.44 -38.53
CA GLY D 374 -16.29 4.74 -38.60
C GLY D 374 -17.18 5.91 -38.28
N ARG D 375 -18.32 5.66 -37.65
CA ARG D 375 -19.22 6.74 -37.27
C ARG D 375 -18.83 7.32 -35.94
N VAL D 376 -18.83 8.65 -35.85
CA VAL D 376 -18.51 9.39 -34.63
C VAL D 376 -19.83 10.01 -34.13
N THR D 377 -20.19 9.70 -32.88
CA THR D 377 -21.35 10.29 -32.21
C THR D 377 -20.94 10.82 -30.84
N THR D 378 -21.68 11.79 -30.31
CA THR D 378 -21.39 12.31 -28.97
C THR D 378 -22.19 11.56 -27.93
N TYR D 379 -21.50 11.04 -26.94
CA TYR D 379 -22.08 10.25 -25.86
C TYR D 379 -22.52 11.13 -24.69
N ALA D 380 -21.69 12.10 -24.31
CA ALA D 380 -21.97 12.91 -23.11
C ALA D 380 -21.31 14.27 -23.25
N GLY D 381 -21.97 15.30 -22.71
CA GLY D 381 -21.43 16.64 -22.66
C GLY D 381 -22.28 17.63 -23.42
N ARG D 382 -21.98 18.91 -23.21
CA ARG D 382 -22.59 20.04 -23.94
C ARG D 382 -24.09 20.20 -23.62
N GLY D 383 -24.47 19.78 -22.42
CA GLY D 383 -25.83 19.97 -21.97
C GLY D 383 -26.22 21.41 -21.68
N ASN D 384 -27.50 21.62 -21.36
CA ASN D 384 -27.98 22.91 -20.85
C ASN D 384 -27.69 24.04 -21.86
N SER D 385 -27.69 23.69 -23.14
CA SER D 385 -27.30 24.61 -24.22
C SER D 385 -25.97 25.35 -24.02
N ARG D 386 -25.00 24.70 -23.40
CA ARG D 386 -23.68 25.29 -23.21
C ARG D 386 -22.61 24.34 -23.75
N GLU D 387 -21.36 24.79 -23.77
CA GLU D 387 -20.28 23.97 -24.30
C GLU D 387 -19.52 23.31 -23.14
N TRP D 388 -19.04 24.16 -22.24
CA TRP D 388 -18.28 23.72 -21.08
C TRP D 388 -18.92 24.21 -19.79
N GLY D 389 -18.62 23.51 -18.71
CA GLY D 389 -19.02 23.89 -17.37
C GLY D 389 -18.88 22.71 -16.44
N TYR D 390 -19.65 22.73 -15.35
CA TYR D 390 -19.65 21.63 -14.39
C TYR D 390 -21.10 21.36 -13.94
N VAL D 391 -21.76 20.41 -14.60
CA VAL D 391 -23.13 20.04 -14.24
C VAL D 391 -23.25 18.53 -14.37
N ASP D 392 -23.76 17.92 -13.31
CA ASP D 392 -24.02 16.49 -13.31
C ASP D 392 -25.45 16.31 -13.75
N GLY D 393 -25.72 15.22 -14.46
CA GLY D 393 -27.07 14.95 -14.94
C GLY D 393 -27.09 14.13 -16.21
N GLU D 394 -28.23 14.17 -16.90
CA GLU D 394 -28.43 13.33 -18.07
C GLU D 394 -27.38 13.66 -19.12
N LEU D 395 -26.90 12.64 -19.81
CA LEU D 395 -25.68 12.73 -20.63
C LEU D 395 -25.63 13.88 -21.63
N ARG D 396 -26.73 14.11 -22.34
CA ARG D 396 -26.77 15.10 -23.43
C ARG D 396 -27.61 16.33 -23.11
N SER D 397 -28.67 16.18 -22.32
CA SER D 397 -29.54 17.32 -22.03
C SER D 397 -28.98 18.21 -20.93
N GLN D 398 -28.19 17.66 -20.01
CA GLN D 398 -27.76 18.42 -18.83
C GLN D 398 -26.24 18.45 -18.59
N ALA D 399 -25.57 17.33 -18.80
CA ALA D 399 -24.21 17.17 -18.30
C ALA D 399 -23.26 18.11 -19.01
N LEU D 400 -22.37 18.69 -18.22
CA LEU D 400 -21.29 19.55 -18.73
C LEU D 400 -19.95 19.13 -18.11
N PHE D 401 -18.94 19.07 -18.98
CA PHE D 401 -17.54 18.87 -18.63
C PHE D 401 -16.73 20.13 -18.94
N ASN D 402 -15.48 20.14 -18.47
CA ASN D 402 -14.51 21.19 -18.80
C ASN D 402 -13.14 20.56 -19.04
N HIS D 403 -12.84 20.36 -20.31
CA HIS D 403 -11.64 19.65 -20.77
C HIS D 403 -11.53 18.22 -20.24
N PRO D 404 -12.52 17.39 -20.58
CA PRO D 404 -12.44 15.96 -20.34
C PRO D 404 -11.31 15.37 -21.18
N THR D 405 -10.44 14.58 -20.55
CA THR D 405 -9.15 14.25 -21.13
C THR D 405 -8.83 12.78 -21.08
N SER D 406 -9.05 12.16 -19.91
CA SER D 406 -8.74 10.76 -19.71
C SER D 406 -10.03 9.98 -19.52
N ILE D 407 -9.96 8.67 -19.75
CA ILE D 407 -11.15 7.83 -19.66
C ILE D 407 -10.72 6.40 -19.33
N ALA D 408 -11.56 5.74 -18.54
CA ALA D 408 -11.43 4.34 -18.23
C ALA D 408 -12.80 3.74 -18.12
N TYR D 409 -12.92 2.45 -18.43
CA TYR D 409 -14.15 1.73 -18.30
C TYR D 409 -14.01 0.67 -17.24
N ASP D 410 -14.84 0.77 -16.21
CA ASP D 410 -14.81 -0.18 -15.11
C ASP D 410 -15.79 -1.31 -15.44
N LYS D 412 -16.19 -4.11 -13.93
CA LYS D 412 -16.76 -4.71 -12.72
C LYS D 412 -17.95 -3.92 -12.19
N ARG D 413 -17.84 -2.60 -12.23
CA ARG D 413 -18.87 -1.71 -11.69
C ARG D 413 -19.78 -1.15 -12.79
N LYS D 414 -19.47 -1.50 -14.04
CA LYS D 414 -20.25 -1.10 -15.24
C LYS D 414 -20.43 0.41 -15.32
N CYS D 415 -19.31 1.11 -15.38
CA CYS D 415 -19.34 2.56 -15.44
C CYS D 415 -18.08 3.08 -16.05
N PHE D 416 -18.15 4.29 -16.59
CA PHE D 416 -16.97 5.01 -17.04
C PHE D 416 -16.50 5.96 -15.96
N TYR D 417 -15.19 6.13 -15.89
CA TYR D 417 -14.58 7.29 -15.21
C TYR D 417 -13.95 8.24 -16.22
N ILE D 418 -14.18 9.55 -16.00
CA ILE D 418 -13.71 10.60 -16.87
C ILE D 418 -12.87 11.58 -16.07
N GLY D 419 -11.63 11.79 -16.52
CA GLY D 419 -10.76 12.80 -15.93
C GLY D 419 -11.14 14.15 -16.51
N ASP D 420 -11.91 14.91 -15.73
CA ASP D 420 -12.50 16.15 -16.16
C ASP D 420 -11.54 17.25 -15.68
N CYS D 421 -10.53 17.52 -16.52
CA CYS D 421 -9.36 18.21 -16.06
CA CYS D 421 -9.34 18.23 -16.11
C CYS D 421 -9.59 19.59 -15.48
N ASP D 422 -10.39 20.42 -16.14
CA ASP D 422 -10.56 21.78 -15.62
C ASP D 422 -11.71 21.94 -14.63
N ASN D 423 -12.36 20.83 -14.31
CA ASN D 423 -13.18 20.72 -13.09
C ASN D 423 -12.45 20.03 -11.90
N HIS D 424 -11.26 19.51 -12.17
CA HIS D 424 -10.37 18.93 -11.15
C HIS D 424 -10.97 17.73 -10.45
N ARG D 425 -11.82 17.02 -11.19
CA ARG D 425 -12.60 15.94 -10.63
C ARG D 425 -12.61 14.71 -11.53
N VAL D 426 -12.76 13.53 -10.93
CA VAL D 426 -13.12 12.35 -11.68
C VAL D 426 -14.64 12.24 -11.71
N ARG D 427 -15.19 12.28 -12.91
CA ARG D 427 -16.62 12.09 -13.12
C ARG D 427 -16.93 10.62 -13.45
N LYS D 428 -18.16 10.22 -13.22
CA LYS D 428 -18.61 8.88 -13.49
C LYS D 428 -19.79 8.95 -14.42
N ILE D 429 -19.84 8.01 -15.34
CA ILE D 429 -21.03 7.82 -16.19
C ILE D 429 -21.60 6.44 -15.93
N ALA D 430 -22.87 6.39 -15.54
CA ALA D 430 -23.54 5.16 -15.12
C ALA D 430 -25.04 5.41 -15.06
N PRO D 431 -25.82 4.34 -14.91
CA PRO D 431 -27.26 4.53 -14.73
C PRO D 431 -27.58 5.38 -13.49
N GLU D 432 -28.61 6.20 -13.56
CA GLU D 432 -29.06 7.02 -12.45
CA GLU D 432 -29.01 7.02 -12.43
C GLU D 432 -29.55 6.12 -11.32
N GLU D 433 -29.17 6.43 -10.08
CA GLU D 433 -29.70 5.72 -8.91
C GLU D 433 -30.52 6.64 -8.01
#